data_5T99
#
_entry.id   5T99
#
_cell.length_a   117.540
_cell.length_b   120.780
_cell.length_c   145.080
_cell.angle_alpha   90.000
_cell.angle_beta   90.000
_cell.angle_gamma   90.000
#
_symmetry.space_group_name_H-M   'P 21 21 21'
#
loop_
_entity.id
_entity.type
_entity.pdbx_description
1 polymer 'Glycoside Hydrolase'
2 non-polymer D-galacto-isofagomine
3 non-polymer 1,2-ETHANEDIOL
4 water water
#
_entity_poly.entity_id   1
_entity_poly.type   'polypeptide(L)'
_entity_poly.pdbx_seq_one_letter_code
;MGSSHHHHHHSSGLVPRGSHMASVTDGISFNENWRFFKGEIKGAEAISFDDDSWRKLNLPHDWAIEGPFDSKYNARCGGL
PFHGTGWYRKTFIGDAQWKDKIVRIGFDGAMSEAKVWINGVKVGEHPYGYTGFEIDITKYLKIGEENVLAVQLTPRDLSS
RWYPGAGIYRNVWLRVDNKVYIPEHGVYVTTPTVTKSKAVVQIETTVKNATFGNGKFNIRHSIINAQGETVAILNDNVEV
AAGEQGKTLAYINMLNPNIWGQKNPYMYKLKTEIYDGKDLTDTYFTDFGIRKICFTKDGFFLNGEKIRFNGVCLHHDNGP
MGAAVNVRADERKLQIMKEMGVNAIRTSHNPPSPEFLDLCDRMGLVVLDEAFDEWTKAKVDNGYHLYFDEWSKKDLTSLI
MRDRNHPSVIMWSIGNEILEQSDKKKGFTVAKYLADICRELDPTRPSTCGFNYYPAPFDNNMAQQVDIAGMNYKPGKYAE
VQRLYPDLPLYGSETSSCTSSRGVYHLPIEKYEKNGTNQVTSYDLIGPKWAYPPDIEFHFQEMNPRFMGEFIWTGFDYLG
EPTPYGGRDNSTHGYWNDDWPSRSSYFGAVDLCGLPKDRFYLYQSQWTDKPMVHILPHWNWKKGMNIPVYVYTNCYEAEL
FLNGKSLGKRVKGRDLTEIMVSFNHYAPNTFQSKYRLSWDVPFEPGELTVKAYNNLGELKAEKTIRTAGKPAQIKLIPDR
KVITADGKDLSYITVRIEDRDGNLCPEADNLVEFSVEGAGHFRAVGNGNAATTESFIEPKRKAFSGMCMLIVQSDENKQG
KMNITATSKGLKTAKTTINVEL
;
_entity_poly.pdbx_strand_id   A,B
#
# COMPACT_ATOMS: atom_id res chain seq x y z
N MET A 21 -47.08 -17.47 -26.74
CA MET A 21 -48.05 -16.79 -25.84
C MET A 21 -47.38 -16.34 -24.52
N ALA A 22 -47.85 -15.21 -23.99
CA ALA A 22 -47.30 -14.60 -22.76
C ALA A 22 -47.69 -15.36 -21.47
N SER A 23 -48.86 -16.00 -21.49
CA SER A 23 -49.36 -16.81 -20.36
C SER A 23 -48.54 -18.09 -20.02
N VAL A 24 -47.84 -18.67 -21.01
CA VAL A 24 -47.02 -19.89 -20.80
C VAL A 24 -45.50 -19.64 -20.62
N THR A 25 -45.02 -18.48 -21.10
CA THR A 25 -43.58 -18.15 -21.13
C THR A 25 -43.12 -17.38 -19.87
N ASP A 26 -42.15 -17.96 -19.15
CA ASP A 26 -41.57 -17.39 -17.93
C ASP A 26 -40.14 -16.86 -18.17
N GLY A 27 -40.04 -15.86 -19.04
CA GLY A 27 -38.78 -15.12 -19.26
C GLY A 27 -37.75 -15.83 -20.13
N ILE A 28 -37.52 -15.30 -21.33
CA ILE A 28 -36.54 -15.89 -22.28
C ILE A 28 -35.29 -15.03 -22.40
N SER A 29 -34.23 -15.66 -22.88
CA SER A 29 -32.94 -15.01 -23.02
C SER A 29 -32.98 -13.87 -24.03
N PHE A 30 -32.45 -12.72 -23.62
CA PHE A 30 -32.32 -11.54 -24.47
C PHE A 30 -30.83 -11.24 -24.71
N ASN A 31 -29.98 -12.26 -24.61
CA ASN A 31 -28.53 -12.13 -24.71
C ASN A 31 -27.99 -11.97 -26.13
N GLU A 32 -28.77 -12.37 -27.13
CA GLU A 32 -28.24 -12.49 -28.48
C GLU A 32 -28.30 -11.15 -29.20
N ASN A 33 -27.29 -10.91 -30.04
CA ASN A 33 -27.28 -9.81 -31.03
C ASN A 33 -27.22 -8.42 -30.43
N TRP A 34 -26.15 -8.15 -29.70
CA TRP A 34 -25.85 -6.81 -29.21
C TRP A 34 -24.69 -6.18 -29.98
N ARG A 35 -24.58 -4.86 -29.86
CA ARG A 35 -23.41 -4.08 -30.28
C ARG A 35 -22.67 -3.56 -29.05
N PHE A 36 -21.35 -3.65 -29.07
CA PHE A 36 -20.48 -3.17 -27.98
C PHE A 36 -19.42 -2.18 -28.47
N PHE A 37 -19.15 -1.18 -27.65
CA PHE A 37 -18.07 -0.23 -27.87
C PHE A 37 -17.42 0.13 -26.53
N LYS A 38 -16.12 -0.16 -26.41
CA LYS A 38 -15.32 0.25 -25.26
C LYS A 38 -14.84 1.68 -25.44
N GLY A 39 -15.30 2.60 -24.59
CA GLY A 39 -14.87 4.02 -24.63
C GLY A 39 -16.05 4.98 -24.64
N GLU A 40 -15.82 6.24 -24.29
N GLU A 40 -15.77 6.25 -24.33
CA GLU A 40 -16.88 7.25 -24.29
CA GLU A 40 -16.76 7.32 -24.31
C GLU A 40 -17.15 7.71 -25.72
C GLU A 40 -17.13 7.70 -25.75
N ILE A 41 -18.42 7.94 -25.99
CA ILE A 41 -18.89 8.48 -27.28
C ILE A 41 -20.22 9.20 -27.04
N LYS A 42 -20.37 10.37 -27.66
CA LYS A 42 -21.55 11.24 -27.43
C LYS A 42 -22.80 10.68 -28.10
N GLY A 43 -23.95 10.84 -27.43
CA GLY A 43 -25.26 10.51 -28.00
C GLY A 43 -25.54 9.07 -28.41
N ALA A 44 -24.79 8.12 -27.86
CA ALA A 44 -24.93 6.70 -28.22
C ALA A 44 -26.20 6.02 -27.65
N GLU A 45 -26.91 6.69 -26.75
CA GLU A 45 -28.24 6.24 -26.34
C GLU A 45 -29.34 6.49 -27.37
N ALA A 46 -29.09 7.38 -28.33
CA ALA A 46 -30.13 7.83 -29.27
C ALA A 46 -30.59 6.76 -30.28
N ILE A 47 -31.89 6.77 -30.56
CA ILE A 47 -32.52 5.89 -31.56
C ILE A 47 -31.73 5.88 -32.85
N SER A 48 -31.48 7.08 -33.36
CA SER A 48 -30.84 7.31 -34.66
C SER A 48 -29.31 7.20 -34.68
N PHE A 49 -28.66 7.03 -33.53
CA PHE A 49 -27.20 6.85 -33.51
C PHE A 49 -26.78 5.69 -34.43
N ASP A 50 -25.62 5.82 -35.07
CA ASP A 50 -25.11 4.84 -36.03
C ASP A 50 -24.07 3.95 -35.35
N ASP A 51 -24.48 2.73 -34.99
CA ASP A 51 -23.60 1.75 -34.34
C ASP A 51 -23.15 0.63 -35.27
N ASP A 52 -23.11 0.91 -36.58
CA ASP A 52 -22.78 -0.12 -37.58
C ASP A 52 -21.30 -0.56 -37.53
N SER A 53 -20.41 0.31 -37.05
CA SER A 53 -18.99 -0.04 -36.88
C SER A 53 -18.72 -0.84 -35.60
N TRP A 54 -19.66 -0.80 -34.65
CA TRP A 54 -19.49 -1.43 -33.33
C TRP A 54 -19.38 -2.95 -33.44
N ARG A 55 -18.52 -3.52 -32.62
CA ARG A 55 -18.32 -4.97 -32.55
C ARG A 55 -19.65 -5.70 -32.25
N LYS A 56 -19.79 -6.90 -32.81
CA LYS A 56 -21.00 -7.71 -32.59
C LYS A 56 -20.69 -8.90 -31.68
N LEU A 57 -21.52 -9.06 -30.65
CA LEU A 57 -21.33 -10.10 -29.65
C LEU A 57 -22.62 -10.48 -28.95
N ASN A 58 -22.62 -11.68 -28.34
CA ASN A 58 -23.68 -12.13 -27.45
C ASN A 58 -23.24 -12.00 -25.98
N LEU A 59 -24.18 -11.63 -25.12
CA LEU A 59 -23.95 -11.55 -23.68
C LEU A 59 -24.10 -12.98 -23.13
N PRO A 60 -23.59 -13.26 -21.92
CA PRO A 60 -22.87 -12.32 -21.06
C PRO A 60 -21.45 -12.02 -21.54
N HIS A 61 -20.91 -10.89 -21.09
CA HIS A 61 -19.65 -10.33 -21.62
C HIS A 61 -18.86 -9.57 -20.55
N ASP A 62 -17.60 -9.97 -20.37
CA ASP A 62 -16.62 -9.25 -19.57
C ASP A 62 -15.59 -8.67 -20.54
N TRP A 63 -15.62 -7.37 -20.78
CA TRP A 63 -14.60 -6.76 -21.66
C TRP A 63 -13.21 -6.68 -21.01
N ALA A 64 -13.14 -6.71 -19.67
CA ALA A 64 -11.88 -6.49 -18.96
C ALA A 64 -10.89 -7.64 -19.04
N ILE A 65 -11.37 -8.84 -19.36
CA ILE A 65 -10.51 -10.03 -19.50
C ILE A 65 -9.75 -10.08 -20.84
N GLU A 66 -10.06 -9.18 -21.77
CA GLU A 66 -9.53 -9.19 -23.14
C GLU A 66 -8.28 -8.33 -23.39
N GLY A 67 -8.15 -7.19 -22.68
CA GLY A 67 -7.30 -6.05 -23.10
C GLY A 67 -5.80 -6.24 -23.33
N PRO A 68 -4.97 -6.20 -22.26
CA PRO A 68 -3.58 -6.67 -22.36
C PRO A 68 -3.48 -8.16 -22.73
N GLY A 79 -2.97 -5.66 -11.37
CA GLY A 79 -4.01 -6.43 -12.06
C GLY A 79 -4.39 -5.92 -13.44
N LEU A 80 -5.51 -6.40 -13.96
CA LEU A 80 -6.02 -6.03 -15.30
C LEU A 80 -6.96 -4.81 -15.20
N PRO A 81 -6.76 -3.77 -16.06
CA PRO A 81 -7.64 -2.59 -16.07
C PRO A 81 -9.13 -2.89 -16.26
N PHE A 82 -9.94 -2.40 -15.32
CA PHE A 82 -11.38 -2.74 -15.22
C PHE A 82 -12.31 -1.53 -15.19
N HIS A 83 -11.78 -0.33 -15.46
CA HIS A 83 -12.54 0.91 -15.33
C HIS A 83 -12.60 1.61 -16.68
N GLY A 84 -13.44 2.64 -16.76
CA GLY A 84 -13.64 3.41 -17.98
C GLY A 84 -15.10 3.38 -18.34
N THR A 85 -15.39 3.47 -19.63
CA THR A 85 -16.75 3.54 -20.14
C THR A 85 -16.93 2.43 -21.18
N GLY A 86 -18.10 1.80 -21.14
CA GLY A 86 -18.48 0.77 -22.11
C GLY A 86 -19.94 0.94 -22.45
N TRP A 87 -20.25 0.82 -23.73
CA TRP A 87 -21.61 1.00 -24.23
C TRP A 87 -22.08 -0.29 -24.87
N TYR A 88 -23.36 -0.62 -24.61
CA TYR A 88 -24.03 -1.73 -25.31
C TYR A 88 -25.32 -1.21 -25.92
N ARG A 89 -25.61 -1.65 -27.15
CA ARG A 89 -26.85 -1.32 -27.84
C ARG A 89 -27.41 -2.57 -28.47
N LYS A 90 -28.72 -2.74 -28.41
CA LYS A 90 -29.42 -3.80 -29.12
C LYS A 90 -30.62 -3.20 -29.81
N THR A 91 -30.79 -3.55 -31.09
CA THR A 91 -31.84 -3.00 -31.94
C THR A 91 -32.77 -4.16 -32.31
N PHE A 92 -34.07 -3.98 -32.11
CA PHE A 92 -35.03 -5.08 -32.27
C PHE A 92 -36.41 -4.59 -32.68
N ILE A 93 -37.10 -5.40 -33.49
CA ILE A 93 -38.48 -5.14 -33.89
C ILE A 93 -39.39 -5.45 -32.70
N GLY A 94 -40.35 -4.57 -32.43
CA GLY A 94 -41.44 -4.88 -31.52
C GLY A 94 -42.32 -5.98 -32.08
N ASP A 95 -42.09 -7.19 -31.61
CA ASP A 95 -42.88 -8.35 -32.04
C ASP A 95 -44.37 -8.12 -31.83
N ALA A 96 -45.16 -8.60 -32.80
CA ALA A 96 -46.62 -8.42 -32.79
C ALA A 96 -47.28 -9.06 -31.57
N GLN A 97 -46.73 -10.19 -31.12
CA GLN A 97 -47.19 -10.85 -29.90
C GLN A 97 -46.97 -10.06 -28.60
N TRP A 98 -46.13 -9.03 -28.62
CA TRP A 98 -45.93 -8.16 -27.46
C TRP A 98 -46.93 -6.99 -27.39
N LYS A 99 -47.81 -6.86 -28.38
CA LYS A 99 -48.86 -5.83 -28.39
C LYS A 99 -49.74 -5.94 -27.14
N ASP A 100 -49.90 -4.83 -26.41
CA ASP A 100 -50.71 -4.75 -25.18
C ASP A 100 -50.26 -5.63 -24.00
N LYS A 101 -49.02 -6.13 -24.09
CA LYS A 101 -48.40 -6.92 -23.04
C LYS A 101 -47.55 -6.02 -22.17
N ILE A 102 -47.28 -6.47 -20.95
CA ILE A 102 -46.28 -5.86 -20.08
C ILE A 102 -44.94 -6.44 -20.51
N VAL A 103 -43.97 -5.58 -20.76
CA VAL A 103 -42.68 -5.99 -21.28
C VAL A 103 -41.61 -5.41 -20.38
N ARG A 104 -40.73 -6.28 -19.87
CA ARG A 104 -39.63 -5.89 -18.98
C ARG A 104 -38.34 -6.56 -19.42
N ILE A 105 -37.20 -5.92 -19.15
CA ILE A 105 -35.89 -6.50 -19.39
C ILE A 105 -35.19 -6.62 -18.05
N GLY A 106 -34.82 -7.86 -17.71
CA GLY A 106 -34.15 -8.13 -16.46
C GLY A 106 -32.67 -8.30 -16.74
N PHE A 107 -31.86 -7.55 -15.98
CA PHE A 107 -30.40 -7.71 -15.98
C PHE A 107 -29.99 -8.35 -14.66
N ASP A 108 -29.45 -9.57 -14.72
CA ASP A 108 -28.88 -10.20 -13.52
C ASP A 108 -27.62 -9.51 -12.97
N GLY A 109 -26.92 -8.77 -13.82
CA GLY A 109 -25.70 -8.10 -13.40
C GLY A 109 -25.08 -7.30 -14.52
N ALA A 110 -24.68 -6.08 -14.18
CA ALA A 110 -23.95 -5.22 -15.08
C ALA A 110 -22.93 -4.43 -14.26
N MET A 111 -21.65 -4.63 -14.57
CA MET A 111 -20.53 -4.15 -13.77
C MET A 111 -19.83 -2.99 -14.47
N SER A 112 -19.87 -1.76 -13.92
CA SER A 112 -20.76 -1.31 -12.86
C SER A 112 -21.21 0.09 -13.28
N GLU A 113 -22.01 0.77 -12.44
CA GLU A 113 -22.51 2.11 -12.73
C GLU A 113 -23.28 2.13 -14.03
N ALA A 114 -24.40 1.44 -14.04
CA ALA A 114 -25.21 1.29 -15.23
C ALA A 114 -26.20 2.46 -15.38
N LYS A 115 -26.34 2.93 -16.61
CA LYS A 115 -27.49 3.71 -17.05
C LYS A 115 -28.13 2.96 -18.22
N VAL A 116 -29.47 2.98 -18.29
CA VAL A 116 -30.20 2.27 -19.35
C VAL A 116 -31.25 3.16 -20.00
N TRP A 117 -31.30 3.11 -21.33
CA TRP A 117 -32.25 3.86 -22.16
C TRP A 117 -33.04 2.93 -23.08
N ILE A 118 -34.31 3.24 -23.30
CA ILE A 118 -35.12 2.59 -24.34
C ILE A 118 -35.66 3.68 -25.29
N ASN A 119 -35.31 3.56 -26.58
CA ASN A 119 -35.67 4.56 -27.58
C ASN A 119 -35.34 6.00 -27.16
N GLY A 120 -34.16 6.18 -26.55
CA GLY A 120 -33.72 7.47 -26.04
C GLY A 120 -34.17 7.87 -24.64
N VAL A 121 -35.21 7.24 -24.07
CA VAL A 121 -35.70 7.63 -22.75
C VAL A 121 -34.98 6.84 -21.67
N LYS A 122 -34.39 7.55 -20.72
CA LYS A 122 -33.71 6.94 -19.57
C LYS A 122 -34.73 6.21 -18.71
N VAL A 123 -34.50 4.93 -18.44
CA VAL A 123 -35.45 4.09 -17.70
C VAL A 123 -34.83 3.25 -16.57
N GLY A 124 -33.55 3.50 -16.27
CA GLY A 124 -32.82 2.65 -15.35
C GLY A 124 -31.47 3.24 -14.99
N GLU A 125 -31.09 3.11 -13.74
CA GLU A 125 -29.80 3.56 -13.27
C GLU A 125 -29.41 2.72 -12.06
N HIS A 126 -28.31 1.99 -12.16
CA HIS A 126 -27.96 0.99 -11.13
C HIS A 126 -26.46 0.94 -10.86
N PRO A 127 -26.02 1.50 -9.70
CA PRO A 127 -24.58 1.52 -9.44
C PRO A 127 -23.93 0.17 -9.09
N TYR A 128 -24.57 -0.65 -8.26
CA TYR A 128 -23.91 -1.85 -7.69
C TYR A 128 -23.95 -3.03 -8.66
N GLY A 129 -22.79 -3.51 -9.07
CA GLY A 129 -22.72 -4.48 -10.15
C GLY A 129 -23.11 -5.91 -9.84
N TYR A 130 -23.31 -6.25 -8.56
CA TYR A 130 -23.60 -7.60 -8.13
C TYR A 130 -25.08 -7.89 -7.86
N THR A 131 -25.89 -6.86 -7.69
CA THR A 131 -27.34 -7.03 -7.61
C THR A 131 -27.93 -6.81 -9.00
N GLY A 132 -29.01 -7.53 -9.27
CA GLY A 132 -29.70 -7.40 -10.54
C GLY A 132 -30.70 -6.26 -10.49
N PHE A 133 -31.21 -5.88 -11.65
CA PHE A 133 -32.25 -4.86 -11.76
C PHE A 133 -33.13 -5.12 -12.97
N GLU A 134 -34.25 -4.43 -13.01
CA GLU A 134 -35.30 -4.63 -14.01
C GLU A 134 -35.76 -3.30 -14.58
N ILE A 135 -35.95 -3.20 -15.89
CA ILE A 135 -36.55 -2.00 -16.49
C ILE A 135 -37.88 -2.38 -17.12
N ASP A 136 -38.88 -1.50 -17.00
CA ASP A 136 -40.16 -1.70 -17.64
C ASP A 136 -40.18 -0.86 -18.91
N ILE A 137 -40.17 -1.52 -20.07
CA ILE A 137 -40.20 -0.83 -21.38
C ILE A 137 -41.59 -0.75 -22.04
N THR A 138 -42.65 -1.14 -21.32
CA THR A 138 -44.01 -1.20 -21.85
C THR A 138 -44.50 0.09 -22.51
N LYS A 139 -44.28 1.23 -21.85
CA LYS A 139 -44.81 2.51 -22.33
C LYS A 139 -44.08 3.05 -23.57
N TYR A 140 -42.82 2.67 -23.76
CA TYR A 140 -41.98 3.17 -24.84
C TYR A 140 -41.80 2.20 -26.00
N LEU A 141 -42.32 0.97 -25.86
CA LEU A 141 -42.14 -0.07 -26.88
C LEU A 141 -42.95 0.25 -28.12
N LYS A 142 -42.32 0.13 -29.28
CA LYS A 142 -42.94 0.41 -30.57
C LYS A 142 -43.19 -0.90 -31.31
N ILE A 143 -44.45 -1.26 -31.48
CA ILE A 143 -44.82 -2.52 -32.11
C ILE A 143 -44.67 -2.40 -33.63
N GLY A 144 -44.02 -3.36 -34.25
CA GLY A 144 -43.81 -3.37 -35.70
C GLY A 144 -42.80 -2.36 -36.25
N GLU A 145 -42.12 -1.63 -35.36
CA GLU A 145 -41.07 -0.68 -35.73
C GLU A 145 -39.81 -1.08 -34.97
N GLU A 146 -38.70 -0.40 -35.26
CA GLU A 146 -37.44 -0.67 -34.59
C GLU A 146 -37.39 -0.04 -33.20
N ASN A 147 -36.72 -0.72 -32.28
CA ASN A 147 -36.50 -0.27 -30.91
C ASN A 147 -35.02 -0.39 -30.59
N VAL A 148 -34.53 0.46 -29.69
CA VAL A 148 -33.12 0.50 -29.34
C VAL A 148 -32.96 0.54 -27.81
N LEU A 149 -32.46 -0.56 -27.27
CA LEU A 149 -32.09 -0.63 -25.88
C LEU A 149 -30.59 -0.31 -25.79
N ALA A 150 -30.25 0.71 -24.99
CA ALA A 150 -28.87 1.17 -24.81
C ALA A 150 -28.49 1.10 -23.34
N VAL A 151 -27.31 0.55 -23.06
CA VAL A 151 -26.78 0.45 -21.71
C VAL A 151 -25.40 1.10 -21.72
N GLN A 152 -25.19 2.05 -20.80
CA GLN A 152 -23.87 2.61 -20.55
C GLN A 152 -23.40 2.19 -19.16
N LEU A 153 -22.20 1.62 -19.11
CA LEU A 153 -21.53 1.29 -17.87
C LEU A 153 -20.36 2.24 -17.67
N THR A 154 -20.25 2.85 -16.48
CA THR A 154 -19.10 3.72 -16.18
C THR A 154 -18.37 3.25 -14.93
N PRO A 155 -17.78 2.03 -14.99
CA PRO A 155 -17.02 1.55 -13.84
C PRO A 155 -15.83 2.46 -13.53
N ARG A 156 -15.63 2.74 -12.24
CA ARG A 156 -14.59 3.65 -11.78
C ARG A 156 -13.38 2.89 -11.30
N ASP A 157 -12.22 3.55 -11.36
CA ASP A 157 -11.01 2.98 -10.78
C ASP A 157 -11.16 3.07 -9.26
N LEU A 158 -10.50 2.16 -8.56
CA LEU A 158 -10.48 2.13 -7.10
C LEU A 158 -11.87 1.85 -6.51
N SER A 159 -12.63 1.00 -7.19
CA SER A 159 -13.99 0.63 -6.79
C SER A 159 -14.11 -0.82 -6.33
N SER A 160 -12.99 -1.54 -6.31
CA SER A 160 -12.95 -2.97 -5.97
C SER A 160 -11.57 -3.40 -5.50
N ARG A 161 -11.50 -4.17 -4.42
CA ARG A 161 -10.23 -4.74 -3.93
C ARG A 161 -9.82 -6.02 -4.66
N TRP A 162 -10.71 -6.57 -5.48
CA TRP A 162 -10.41 -7.76 -6.29
C TRP A 162 -10.90 -7.48 -7.70
N TYR A 163 -10.59 -8.38 -8.62
CA TYR A 163 -11.02 -8.25 -10.02
C TYR A 163 -12.54 -8.34 -10.12
N PRO A 164 -13.20 -7.24 -10.55
CA PRO A 164 -14.65 -7.26 -10.69
C PRO A 164 -15.17 -7.69 -12.06
N GLY A 165 -14.33 -7.60 -13.09
CA GLY A 165 -14.79 -7.63 -14.47
C GLY A 165 -15.39 -6.28 -14.86
N ALA A 166 -15.79 -6.16 -16.12
CA ALA A 166 -16.47 -4.95 -16.60
C ALA A 166 -17.35 -5.33 -17.77
N GLY A 167 -18.60 -4.88 -17.75
CA GLY A 167 -19.56 -5.24 -18.80
C GLY A 167 -20.84 -5.85 -18.27
N ILE A 168 -21.73 -6.21 -19.19
CA ILE A 168 -22.96 -6.92 -18.86
C ILE A 168 -22.54 -8.38 -18.76
N TYR A 169 -21.97 -8.70 -17.59
CA TYR A 169 -21.28 -9.96 -17.31
C TYR A 169 -22.21 -11.11 -16.85
N ARG A 170 -23.50 -10.79 -16.65
CA ARG A 170 -24.50 -11.81 -16.30
C ARG A 170 -25.64 -11.77 -17.31
N ASN A 171 -26.49 -12.79 -17.27
CA ASN A 171 -27.53 -12.95 -18.28
C ASN A 171 -28.55 -11.80 -18.25
N VAL A 172 -29.21 -11.63 -19.38
CA VAL A 172 -30.25 -10.63 -19.57
C VAL A 172 -31.51 -11.37 -20.01
N TRP A 173 -32.67 -10.93 -19.54
CA TRP A 173 -33.93 -11.65 -19.75
C TRP A 173 -35.03 -10.74 -20.29
N LEU A 174 -35.76 -11.24 -21.29
CA LEU A 174 -36.97 -10.60 -21.78
C LEU A 174 -38.17 -11.27 -21.13
N ARG A 175 -39.07 -10.46 -20.56
CA ARG A 175 -40.27 -10.97 -19.89
C ARG A 175 -41.48 -10.29 -20.52
N VAL A 176 -42.32 -11.11 -21.17
CA VAL A 176 -43.53 -10.63 -21.81
C VAL A 176 -44.68 -11.24 -21.05
N ASP A 177 -45.46 -10.39 -20.38
CA ASP A 177 -46.59 -10.85 -19.58
C ASP A 177 -47.92 -10.24 -20.01
N ASN A 178 -49.02 -10.93 -19.69
CA ASN A 178 -50.35 -10.33 -19.72
C ASN A 178 -50.47 -9.40 -18.53
N LYS A 179 -51.55 -8.62 -18.48
CA LYS A 179 -51.67 -7.56 -17.47
C LYS A 179 -52.03 -8.03 -16.04
N VAL A 180 -52.32 -9.32 -15.86
CA VAL A 180 -52.35 -9.96 -14.56
C VAL A 180 -51.22 -10.98 -14.50
N TYR A 181 -50.26 -10.75 -13.62
CA TYR A 181 -49.03 -11.55 -13.60
C TYR A 181 -48.26 -11.46 -12.29
N ILE A 182 -47.33 -12.41 -12.13
CA ILE A 182 -46.39 -12.45 -11.02
C ILE A 182 -45.17 -11.58 -11.35
N PRO A 183 -44.92 -10.49 -10.59
CA PRO A 183 -43.75 -9.60 -10.83
C PRO A 183 -42.47 -10.25 -10.35
N GLU A 184 -41.34 -9.54 -10.47
CA GLU A 184 -40.05 -10.22 -10.24
C GLU A 184 -39.92 -10.65 -8.78
N HIS A 185 -39.26 -11.80 -8.60
CA HIS A 185 -39.12 -12.41 -7.27
C HIS A 185 -40.46 -12.59 -6.56
N GLY A 186 -41.49 -12.91 -7.32
CA GLY A 186 -42.87 -12.88 -6.82
C GLY A 186 -43.42 -14.12 -6.15
N VAL A 187 -42.59 -15.17 -6.00
CA VAL A 187 -42.95 -16.36 -5.22
C VAL A 187 -41.88 -16.66 -4.18
N TYR A 188 -42.32 -16.95 -2.97
CA TYR A 188 -41.46 -17.18 -1.83
C TYR A 188 -41.88 -18.52 -1.20
N VAL A 189 -41.02 -19.54 -1.33
CA VAL A 189 -41.30 -20.92 -0.93
C VAL A 189 -40.51 -21.27 0.32
N THR A 190 -41.21 -21.67 1.38
CA THR A 190 -40.58 -22.11 2.65
C THR A 190 -41.10 -23.50 3.04
N THR A 191 -40.44 -24.13 4.00
CA THR A 191 -40.80 -25.47 4.48
C THR A 191 -40.80 -25.51 6.01
N PRO A 192 -41.88 -25.01 6.62
CA PRO A 192 -41.87 -24.84 8.09
C PRO A 192 -41.95 -26.13 8.91
N THR A 193 -42.28 -27.25 8.26
CA THR A 193 -42.14 -28.58 8.85
C THR A 193 -41.37 -29.45 7.87
N VAL A 194 -40.33 -30.13 8.35
CA VAL A 194 -39.56 -31.10 7.55
C VAL A 194 -39.27 -32.32 8.40
N THR A 195 -39.95 -33.43 8.08
CA THR A 195 -39.74 -34.73 8.74
C THR A 195 -39.71 -35.78 7.64
N LYS A 196 -39.18 -36.95 7.96
CA LYS A 196 -39.17 -38.07 7.02
C LYS A 196 -40.56 -38.43 6.46
N SER A 197 -41.58 -38.43 7.32
CA SER A 197 -42.95 -38.78 6.92
C SER A 197 -43.67 -37.68 6.17
N LYS A 198 -43.39 -36.44 6.54
CA LYS A 198 -44.13 -35.31 6.02
C LYS A 198 -43.35 -34.01 6.07
N ALA A 199 -43.34 -33.29 4.95
CA ALA A 199 -42.92 -31.90 4.91
C ALA A 199 -44.12 -31.06 4.53
N VAL A 200 -44.12 -29.81 4.99
CA VAL A 200 -45.14 -28.84 4.62
C VAL A 200 -44.43 -27.78 3.81
N VAL A 201 -44.95 -27.51 2.62
CA VAL A 201 -44.42 -26.49 1.71
C VAL A 201 -45.37 -25.30 1.75
N GLN A 202 -44.87 -24.17 2.22
CA GLN A 202 -45.64 -22.95 2.35
C GLN A 202 -45.21 -22.03 1.22
N ILE A 203 -46.19 -21.41 0.55
CA ILE A 203 -45.93 -20.62 -0.67
C ILE A 203 -46.66 -19.29 -0.62
N GLU A 204 -45.89 -18.20 -0.72
CA GLU A 204 -46.43 -16.86 -0.84
C GLU A 204 -46.38 -16.43 -2.30
N THR A 205 -47.55 -16.08 -2.85
CA THR A 205 -47.66 -15.63 -4.24
C THR A 205 -47.97 -14.12 -4.24
N THR A 206 -47.22 -13.38 -5.07
CA THR A 206 -47.46 -11.97 -5.33
C THR A 206 -48.05 -11.85 -6.73
N VAL A 207 -49.14 -11.12 -6.86
CA VAL A 207 -49.78 -10.91 -8.16
C VAL A 207 -50.00 -9.43 -8.38
N LYS A 208 -49.63 -8.96 -9.58
CA LYS A 208 -49.82 -7.57 -9.99
C LYS A 208 -51.00 -7.51 -10.95
N ASN A 209 -51.89 -6.54 -10.72
CA ASN A 209 -53.06 -6.29 -11.58
C ASN A 209 -52.84 -4.97 -12.33
N ALA A 210 -52.32 -5.08 -13.55
CA ALA A 210 -52.11 -3.93 -14.42
C ALA A 210 -53.32 -3.58 -15.31
N THR A 211 -54.49 -4.22 -15.09
CA THR A 211 -55.72 -3.82 -15.81
C THR A 211 -56.33 -2.59 -15.14
N PHE A 212 -57.44 -2.08 -15.70
CA PHE A 212 -58.22 -1.00 -15.08
C PHE A 212 -59.43 -1.53 -14.30
N GLY A 213 -59.47 -2.84 -14.02
CA GLY A 213 -60.53 -3.45 -13.24
C GLY A 213 -60.03 -4.25 -12.05
N ASN A 214 -60.78 -4.17 -10.94
CA ASN A 214 -60.58 -5.05 -9.77
C ASN A 214 -60.84 -6.49 -10.17
N GLY A 215 -60.04 -7.42 -9.63
CA GLY A 215 -60.22 -8.84 -9.93
C GLY A 215 -59.94 -9.78 -8.75
N LYS A 216 -60.54 -10.96 -8.82
CA LYS A 216 -60.20 -12.10 -7.98
C LYS A 216 -59.60 -13.16 -8.91
N PHE A 217 -58.38 -13.61 -8.60
CA PHE A 217 -57.62 -14.48 -9.51
C PHE A 217 -57.29 -15.78 -8.82
N ASN A 218 -57.40 -16.89 -9.56
CA ASN A 218 -57.06 -18.21 -9.03
C ASN A 218 -55.60 -18.53 -9.29
N ILE A 219 -55.02 -19.28 -8.36
CA ILE A 219 -53.61 -19.66 -8.42
C ILE A 219 -53.53 -21.17 -8.32
N ARG A 220 -52.80 -21.80 -9.24
CA ARG A 220 -52.56 -23.23 -9.20
C ARG A 220 -51.08 -23.53 -9.11
N HIS A 221 -50.66 -24.02 -7.94
CA HIS A 221 -49.29 -24.47 -7.70
C HIS A 221 -49.14 -25.95 -8.00
N SER A 222 -48.38 -26.28 -9.05
CA SER A 222 -47.98 -27.65 -9.34
C SER A 222 -46.53 -27.93 -8.87
N ILE A 223 -46.41 -28.87 -7.93
CA ILE A 223 -45.12 -29.27 -7.40
C ILE A 223 -44.65 -30.48 -8.16
N ILE A 224 -43.51 -30.34 -8.83
CA ILE A 224 -43.05 -31.30 -9.82
C ILE A 224 -41.75 -31.92 -9.32
N ASN A 225 -41.68 -33.24 -9.41
CA ASN A 225 -40.53 -34.00 -8.94
C ASN A 225 -39.40 -34.02 -9.96
N ALA A 226 -38.29 -34.66 -9.60
CA ALA A 226 -37.11 -34.80 -10.44
C ALA A 226 -37.34 -35.50 -11.77
N GLN A 227 -38.36 -36.37 -11.89
CA GLN A 227 -38.68 -37.03 -13.18
C GLN A 227 -39.64 -36.23 -14.06
N GLY A 228 -40.02 -35.02 -13.65
CA GLY A 228 -40.96 -34.19 -14.40
C GLY A 228 -42.45 -34.44 -14.13
N GLU A 229 -42.78 -35.31 -13.17
CA GLU A 229 -44.19 -35.65 -12.85
C GLU A 229 -44.75 -34.75 -11.73
N THR A 230 -45.94 -34.18 -11.95
CA THR A 230 -46.62 -33.38 -10.94
C THR A 230 -47.10 -34.31 -9.86
N VAL A 231 -46.61 -34.12 -8.64
CA VAL A 231 -46.94 -34.97 -7.48
C VAL A 231 -47.88 -34.33 -6.46
N ALA A 232 -48.12 -33.03 -6.58
CA ALA A 232 -49.07 -32.34 -5.70
C ALA A 232 -49.49 -31.03 -6.34
N ILE A 233 -50.73 -30.63 -6.08
CA ILE A 233 -51.28 -29.36 -6.57
C ILE A 233 -51.93 -28.63 -5.40
N LEU A 234 -51.55 -27.35 -5.23
CA LEU A 234 -52.09 -26.51 -4.18
C LEU A 234 -52.79 -25.35 -4.86
N ASN A 235 -54.05 -25.16 -4.53
CA ASN A 235 -54.83 -24.05 -5.03
C ASN A 235 -54.87 -22.91 -4.01
N ASP A 236 -54.93 -21.70 -4.54
CA ASP A 236 -55.02 -20.50 -3.72
C ASP A 236 -55.73 -19.45 -4.57
N ASN A 237 -55.97 -18.27 -4.01
CA ASN A 237 -56.47 -17.15 -4.78
C ASN A 237 -56.16 -15.84 -4.10
N VAL A 238 -56.29 -14.76 -4.87
CA VAL A 238 -56.02 -13.43 -4.35
C VAL A 238 -56.89 -12.38 -5.04
N GLU A 239 -57.46 -11.47 -4.24
CA GLU A 239 -58.12 -10.26 -4.75
C GLU A 239 -57.09 -9.13 -4.83
N VAL A 240 -56.99 -8.53 -6.01
CA VAL A 240 -56.09 -7.41 -6.25
C VAL A 240 -56.86 -6.33 -6.99
N ALA A 241 -56.88 -5.12 -6.43
CA ALA A 241 -57.50 -3.97 -7.09
C ALA A 241 -56.69 -3.51 -8.29
N ALA A 242 -57.35 -2.74 -9.16
CA ALA A 242 -56.73 -2.21 -10.38
C ALA A 242 -55.53 -1.36 -10.04
N GLY A 243 -54.44 -1.59 -10.76
CA GLY A 243 -53.20 -0.87 -10.56
C GLY A 243 -52.37 -1.33 -9.38
N GLU A 244 -52.87 -2.28 -8.59
CA GLU A 244 -52.27 -2.65 -7.30
C GLU A 244 -51.65 -4.05 -7.39
N GLN A 245 -50.99 -4.41 -6.29
CA GLN A 245 -50.30 -5.69 -6.12
C GLN A 245 -50.78 -6.29 -4.81
N GLY A 246 -51.08 -7.58 -4.81
CA GLY A 246 -51.54 -8.28 -3.61
C GLY A 246 -50.72 -9.54 -3.35
N LYS A 247 -50.77 -10.02 -2.11
CA LYS A 247 -50.05 -11.23 -1.69
C LYS A 247 -50.98 -12.20 -1.00
N THR A 248 -50.69 -13.49 -1.15
CA THR A 248 -51.47 -14.54 -0.53
C THR A 248 -50.55 -15.67 -0.14
N LEU A 249 -50.94 -16.39 0.91
CA LEU A 249 -50.19 -17.49 1.49
C LEU A 249 -51.05 -18.74 1.59
N ALA A 250 -50.46 -19.87 1.22
CA ALA A 250 -51.09 -21.18 1.32
C ALA A 250 -50.01 -22.21 1.64
N TYR A 251 -50.42 -23.42 2.02
CA TYR A 251 -49.47 -24.50 2.28
C TYR A 251 -50.06 -25.83 1.80
N ILE A 252 -49.18 -26.79 1.59
CA ILE A 252 -49.57 -28.12 1.16
C ILE A 252 -48.62 -29.14 1.78
N ASN A 253 -49.19 -30.29 2.16
CA ASN A 253 -48.43 -31.42 2.71
C ASN A 253 -47.76 -32.19 1.56
N MET A 254 -46.51 -32.59 1.78
CA MET A 254 -45.80 -33.53 0.92
C MET A 254 -45.47 -34.72 1.82
N LEU A 255 -46.15 -35.84 1.60
CA LEU A 255 -45.86 -37.07 2.34
C LEU A 255 -44.63 -37.76 1.77
N ASN A 256 -43.85 -38.41 2.64
CA ASN A 256 -42.62 -39.11 2.26
C ASN A 256 -41.73 -38.29 1.32
N PRO A 257 -41.44 -37.03 1.72
CA PRO A 257 -40.69 -36.12 0.84
C PRO A 257 -39.26 -36.59 0.55
N ASN A 258 -38.76 -36.19 -0.61
CA ASN A 258 -37.35 -36.34 -0.95
C ASN A 258 -36.62 -35.15 -0.31
N ILE A 259 -35.86 -35.44 0.74
CA ILE A 259 -35.21 -34.41 1.56
C ILE A 259 -33.96 -33.94 0.83
N TRP A 260 -33.84 -32.62 0.66
CA TRP A 260 -32.60 -32.02 0.14
C TRP A 260 -31.55 -32.15 1.23
N GLY A 261 -30.43 -32.79 0.88
CA GLY A 261 -29.29 -32.97 1.77
C GLY A 261 -28.00 -32.98 0.98
N GLN A 262 -26.87 -33.01 1.67
CA GLN A 262 -25.55 -32.87 1.01
C GLN A 262 -25.19 -34.07 0.14
N LYS A 263 -25.53 -35.27 0.60
CA LYS A 263 -25.31 -36.48 -0.20
C LYS A 263 -26.35 -36.59 -1.32
N ASN A 264 -27.60 -36.27 -1.00
CA ASN A 264 -28.72 -36.38 -1.95
C ASN A 264 -29.46 -35.05 -2.08
N PRO A 265 -28.94 -34.16 -2.94
CA PRO A 265 -29.46 -32.80 -3.11
C PRO A 265 -30.65 -32.74 -4.07
N TYR A 266 -31.74 -33.34 -3.61
CA TYR A 266 -32.93 -33.50 -4.41
C TYR A 266 -33.68 -32.17 -4.52
N MET A 267 -34.02 -31.80 -5.76
CA MET A 267 -34.68 -30.54 -6.06
C MET A 267 -36.06 -30.81 -6.62
N TYR A 268 -37.02 -30.00 -6.19
CA TYR A 268 -38.37 -29.99 -6.74
C TYR A 268 -38.47 -28.76 -7.62
N LYS A 269 -39.48 -28.75 -8.47
CA LYS A 269 -39.83 -27.60 -9.31
C LYS A 269 -41.29 -27.19 -9.05
N LEU A 270 -41.50 -25.90 -8.75
CA LEU A 270 -42.83 -25.33 -8.55
C LEU A 270 -43.26 -24.60 -9.80
N LYS A 271 -44.38 -25.02 -10.39
CA LYS A 271 -45.02 -24.29 -11.49
C LYS A 271 -46.23 -23.58 -10.92
N THR A 272 -46.24 -22.26 -11.00
CA THR A 272 -47.35 -21.45 -10.49
C THR A 272 -48.08 -20.81 -11.68
N GLU A 273 -49.38 -21.08 -11.79
CA GLU A 273 -50.22 -20.59 -12.88
C GLU A 273 -51.25 -19.64 -12.28
N ILE A 274 -51.42 -18.49 -12.91
CA ILE A 274 -52.43 -17.52 -12.52
C ILE A 274 -53.62 -17.60 -13.49
N TYR A 275 -54.84 -17.57 -12.97
CA TYR A 275 -56.04 -17.59 -13.82
C TYR A 275 -56.96 -16.43 -13.52
N ASP A 276 -57.53 -15.88 -14.59
CA ASP A 276 -58.60 -14.89 -14.55
C ASP A 276 -59.83 -15.60 -15.11
N GLY A 277 -60.70 -16.07 -14.23
CA GLY A 277 -61.75 -17.01 -14.60
C GLY A 277 -61.17 -18.26 -15.25
N LYS A 278 -61.71 -18.63 -16.41
CA LYS A 278 -61.17 -19.76 -17.18
C LYS A 278 -59.81 -19.52 -17.86
N ASP A 279 -59.38 -18.27 -18.00
CA ASP A 279 -58.21 -17.95 -18.82
C ASP A 279 -56.92 -17.95 -17.99
N LEU A 280 -55.91 -18.68 -18.46
CA LEU A 280 -54.56 -18.58 -17.93
C LEU A 280 -53.96 -17.23 -18.30
N THR A 281 -53.42 -16.50 -17.32
CA THR A 281 -52.73 -15.24 -17.58
C THR A 281 -51.21 -15.28 -17.43
N ASP A 282 -50.69 -16.21 -16.64
CA ASP A 282 -49.26 -16.26 -16.35
C ASP A 282 -48.82 -17.61 -15.82
N THR A 283 -47.55 -17.95 -16.10
CA THR A 283 -46.92 -19.17 -15.62
C THR A 283 -45.57 -18.77 -15.11
N TYR A 284 -45.22 -19.24 -13.91
CA TYR A 284 -44.01 -18.79 -13.21
C TYR A 284 -43.41 -19.96 -12.45
N PHE A 285 -42.14 -20.26 -12.75
CA PHE A 285 -41.44 -21.40 -12.19
C PHE A 285 -40.50 -20.96 -11.06
N THR A 286 -40.39 -21.81 -10.04
CA THR A 286 -39.45 -21.62 -8.92
C THR A 286 -38.84 -22.99 -8.55
N ASP A 287 -37.51 -23.05 -8.52
CA ASP A 287 -36.84 -24.26 -8.05
C ASP A 287 -36.71 -24.17 -6.55
N PHE A 288 -36.89 -25.28 -5.86
CA PHE A 288 -36.77 -25.32 -4.41
C PHE A 288 -36.43 -26.70 -3.88
N GLY A 289 -35.96 -26.75 -2.64
CA GLY A 289 -35.66 -27.98 -1.94
C GLY A 289 -36.33 -28.04 -0.58
N ILE A 290 -36.34 -29.25 -0.02
CA ILE A 290 -36.97 -29.52 1.25
C ILE A 290 -35.92 -29.94 2.28
N ARG A 291 -35.57 -28.99 3.14
CA ARG A 291 -34.64 -29.24 4.23
C ARG A 291 -34.94 -28.24 5.34
N LYS A 292 -34.66 -28.66 6.57
CA LYS A 292 -34.75 -27.78 7.73
C LYS A 292 -33.34 -27.40 8.19
N ILE A 293 -33.24 -26.17 8.71
CA ILE A 293 -32.00 -25.69 9.30
C ILE A 293 -32.29 -25.09 10.66
N CYS A 294 -31.28 -25.13 11.51
CA CYS A 294 -31.44 -24.76 12.90
C CYS A 294 -30.04 -24.46 13.44
N PHE A 295 -29.93 -23.53 14.37
CA PHE A 295 -28.66 -23.25 15.02
C PHE A 295 -28.89 -22.95 16.50
N THR A 296 -27.90 -23.30 17.30
CA THR A 296 -27.81 -22.86 18.69
C THR A 296 -26.44 -22.24 18.88
N LYS A 297 -26.17 -21.78 20.10
CA LYS A 297 -24.81 -21.33 20.46
C LYS A 297 -23.74 -22.44 20.27
N ASP A 298 -24.15 -23.71 20.26
CA ASP A 298 -23.24 -24.87 20.20
C ASP A 298 -23.05 -25.50 18.83
N GLY A 299 -23.76 -25.00 17.81
CA GLY A 299 -23.54 -25.47 16.45
C GLY A 299 -24.69 -25.25 15.49
N PHE A 300 -24.48 -25.71 14.26
CA PHE A 300 -25.45 -25.58 13.18
C PHE A 300 -26.00 -26.97 12.85
N PHE A 301 -27.27 -27.01 12.44
CA PHE A 301 -27.96 -28.26 12.21
C PHE A 301 -28.67 -28.26 10.86
N LEU A 302 -28.49 -29.34 10.11
CA LEU A 302 -29.16 -29.58 8.83
C LEU A 302 -29.97 -30.87 8.95
N ASN A 303 -31.28 -30.79 8.73
CA ASN A 303 -32.17 -31.96 8.80
C ASN A 303 -32.02 -32.74 10.13
N GLY A 304 -31.90 -31.99 11.22
CA GLY A 304 -31.77 -32.53 12.55
C GLY A 304 -30.41 -33.05 12.98
N GLU A 305 -29.38 -32.94 12.13
CA GLU A 305 -28.04 -33.45 12.44
C GLU A 305 -27.05 -32.29 12.44
N LYS A 306 -26.08 -32.35 13.36
CA LYS A 306 -24.93 -31.45 13.37
C LYS A 306 -24.28 -31.46 12.00
N ILE A 307 -24.07 -30.27 11.44
CA ILE A 307 -23.29 -30.08 10.24
C ILE A 307 -22.05 -29.27 10.63
N ARG A 308 -20.93 -29.54 9.97
CA ARG A 308 -19.72 -28.73 10.13
C ARG A 308 -19.30 -28.20 8.78
N PHE A 309 -18.81 -26.95 8.76
CA PHE A 309 -18.40 -26.31 7.53
C PHE A 309 -16.94 -26.58 7.20
N ASN A 310 -16.72 -27.49 6.26
CA ASN A 310 -15.48 -27.59 5.49
C ASN A 310 -15.65 -26.64 4.31
N GLY A 311 -15.40 -25.36 4.55
CA GLY A 311 -15.81 -24.29 3.64
C GLY A 311 -14.69 -23.62 2.88
N VAL A 312 -15.07 -22.94 1.81
CA VAL A 312 -14.15 -22.12 1.04
C VAL A 312 -14.82 -20.80 0.66
N CYS A 313 -14.02 -19.74 0.62
CA CYS A 313 -14.42 -18.50 0.00
C CYS A 313 -14.04 -18.61 -1.45
N LEU A 314 -14.86 -18.04 -2.32
CA LEU A 314 -14.58 -17.99 -3.75
C LEU A 314 -14.97 -16.63 -4.28
N HIS A 315 -14.10 -16.03 -5.10
CA HIS A 315 -14.48 -14.86 -5.89
C HIS A 315 -15.16 -15.30 -7.16
N HIS A 316 -15.91 -14.38 -7.74
CA HIS A 316 -16.83 -14.71 -8.83
C HIS A 316 -16.18 -14.98 -10.17
N ASP A 317 -14.96 -14.51 -10.41
CA ASP A 317 -14.30 -14.81 -11.68
C ASP A 317 -14.04 -16.31 -11.84
N ASN A 318 -13.85 -16.71 -13.09
CA ASN A 318 -13.35 -18.05 -13.40
C ASN A 318 -12.05 -17.99 -14.22
N GLY A 319 -11.10 -17.15 -13.76
CA GLY A 319 -9.76 -17.10 -14.31
C GLY A 319 -9.75 -16.77 -15.80
N PRO A 320 -9.18 -17.65 -16.64
CA PRO A 320 -9.16 -17.41 -18.10
C PRO A 320 -10.50 -17.10 -18.73
N MET A 321 -11.58 -17.61 -18.14
CA MET A 321 -12.94 -17.31 -18.61
C MET A 321 -13.47 -15.95 -18.17
N GLY A 322 -12.73 -15.22 -17.34
CA GLY A 322 -13.19 -13.93 -16.86
C GLY A 322 -14.45 -14.02 -16.00
N ALA A 323 -15.21 -12.93 -15.98
CA ALA A 323 -16.41 -12.81 -15.12
C ALA A 323 -17.73 -13.12 -15.81
N ALA A 324 -17.77 -13.23 -17.14
CA ALA A 324 -19.02 -13.60 -17.83
C ALA A 324 -19.54 -14.94 -17.29
N VAL A 325 -20.83 -15.01 -16.96
CA VAL A 325 -21.40 -16.23 -16.37
C VAL A 325 -21.25 -17.37 -17.36
N ASN A 326 -20.68 -18.47 -16.87
CA ASN A 326 -20.60 -19.70 -17.63
C ASN A 326 -20.86 -20.88 -16.70
N VAL A 327 -21.94 -21.60 -16.96
CA VAL A 327 -22.42 -22.65 -16.07
C VAL A 327 -21.37 -23.75 -15.88
N ARG A 328 -20.79 -24.23 -16.97
CA ARG A 328 -19.78 -25.29 -16.88
C ARG A 328 -18.54 -24.88 -16.11
N ALA A 329 -18.06 -23.66 -16.32
CA ALA A 329 -16.92 -23.14 -15.54
C ALA A 329 -17.19 -23.22 -14.04
N ASP A 330 -18.37 -22.75 -13.62
CA ASP A 330 -18.78 -22.81 -12.20
C ASP A 330 -18.95 -24.25 -11.72
N GLU A 331 -19.61 -25.08 -12.52
CA GLU A 331 -19.80 -26.49 -12.15
C GLU A 331 -18.46 -27.18 -11.88
N ARG A 332 -17.52 -27.02 -12.81
CA ARG A 332 -16.17 -27.57 -12.67
C ARG A 332 -15.50 -27.10 -11.38
N LYS A 333 -15.53 -25.79 -11.16
CA LYS A 333 -14.98 -25.20 -9.92
C LYS A 333 -15.60 -25.85 -8.67
N LEU A 334 -16.91 -25.97 -8.63
CA LEU A 334 -17.58 -26.58 -7.49
C LEU A 334 -17.29 -28.08 -7.35
N GLN A 335 -17.23 -28.79 -8.49
CA GLN A 335 -16.87 -30.21 -8.50
C GLN A 335 -15.47 -30.47 -7.92
N ILE A 336 -14.51 -29.63 -8.33
CA ILE A 336 -13.14 -29.73 -7.83
C ILE A 336 -13.13 -29.45 -6.32
N MET A 337 -13.85 -28.42 -5.89
CA MET A 337 -14.01 -28.18 -4.45
C MET A 337 -14.64 -29.39 -3.71
N LYS A 338 -15.68 -30.02 -4.28
CA LYS A 338 -16.26 -31.22 -3.64
C LYS A 338 -15.27 -32.40 -3.53
N GLU A 339 -14.34 -32.51 -4.48
CA GLU A 339 -13.26 -33.51 -4.42
C GLU A 339 -12.28 -33.26 -3.27
N MET A 340 -12.09 -31.99 -2.94
CA MET A 340 -11.29 -31.60 -1.76
C MET A 340 -11.99 -31.87 -0.40
N GLY A 341 -13.29 -32.18 -0.40
CA GLY A 341 -14.07 -32.38 0.84
C GLY A 341 -14.87 -31.14 1.25
N VAL A 342 -15.00 -30.18 0.32
CA VAL A 342 -15.76 -28.95 0.58
C VAL A 342 -17.24 -29.25 0.58
N ASN A 343 -17.93 -28.85 1.65
CA ASN A 343 -19.39 -28.93 1.73
C ASN A 343 -20.06 -27.56 1.86
N ALA A 344 -19.29 -26.47 1.81
CA ALA A 344 -19.82 -25.15 2.10
C ALA A 344 -19.07 -24.03 1.37
N ILE A 345 -19.80 -22.99 1.00
CA ILE A 345 -19.26 -21.87 0.23
C ILE A 345 -19.62 -20.56 0.95
N ARG A 346 -18.66 -19.65 1.06
CA ARG A 346 -18.92 -18.27 1.46
C ARG A 346 -18.76 -17.40 0.22
N THR A 347 -19.79 -16.62 -0.18
CA THR A 347 -19.71 -15.81 -1.41
C THR A 347 -19.00 -14.46 -1.19
N SER A 348 -17.72 -14.56 -0.83
CA SER A 348 -16.85 -13.40 -0.66
C SER A 348 -16.84 -12.51 -1.91
N HIS A 349 -17.15 -11.22 -1.84
CA HIS A 349 -17.87 -10.53 -0.74
C HIS A 349 -19.02 -9.74 -1.39
N ASN A 350 -19.98 -10.49 -1.93
CA ASN A 350 -20.98 -9.95 -2.84
C ASN A 350 -21.91 -11.07 -3.27
N PRO A 351 -23.11 -10.70 -3.75
CA PRO A 351 -23.98 -11.73 -4.31
C PRO A 351 -23.34 -12.40 -5.54
N PRO A 352 -23.46 -13.74 -5.64
CA PRO A 352 -23.01 -14.43 -6.85
C PRO A 352 -24.08 -14.38 -7.92
N SER A 353 -23.84 -15.05 -9.04
CA SER A 353 -24.84 -15.15 -10.09
C SER A 353 -25.92 -16.13 -9.63
N PRO A 354 -27.15 -16.00 -10.16
CA PRO A 354 -28.15 -17.03 -9.86
C PRO A 354 -27.69 -18.44 -10.26
N GLU A 355 -27.01 -18.55 -11.40
CA GLU A 355 -26.55 -19.83 -11.93
C GLU A 355 -25.62 -20.53 -10.95
N PHE A 356 -24.74 -19.75 -10.34
CA PHE A 356 -23.83 -20.30 -9.33
C PHE A 356 -24.60 -20.95 -8.19
N LEU A 357 -25.66 -20.27 -7.72
CA LEU A 357 -26.50 -20.78 -6.63
C LEU A 357 -27.36 -21.97 -7.05
N ASP A 358 -27.81 -21.98 -8.31
CA ASP A 358 -28.50 -23.15 -8.85
C ASP A 358 -27.59 -24.38 -8.78
N LEU A 359 -26.30 -24.21 -9.06
CA LEU A 359 -25.35 -25.31 -8.97
C LEU A 359 -25.18 -25.79 -7.55
N CYS A 360 -25.03 -24.85 -6.62
CA CYS A 360 -24.91 -25.20 -5.18
C CYS A 360 -26.11 -25.99 -4.72
N ASP A 361 -27.31 -25.54 -5.09
CA ASP A 361 -28.56 -26.28 -4.85
C ASP A 361 -28.45 -27.73 -5.38
N ARG A 362 -28.14 -27.85 -6.68
N ARG A 362 -28.13 -27.86 -6.66
CA ARG A 362 -28.01 -29.14 -7.36
CA ARG A 362 -28.07 -29.17 -7.32
C ARG A 362 -26.90 -30.05 -6.82
C ARG A 362 -26.87 -30.04 -6.90
N MET A 363 -25.83 -29.44 -6.30
CA MET A 363 -24.65 -30.19 -5.82
C MET A 363 -24.57 -30.36 -4.29
N GLY A 364 -25.58 -29.87 -3.56
CA GLY A 364 -25.71 -30.11 -2.13
C GLY A 364 -24.77 -29.32 -1.24
N LEU A 365 -24.35 -28.16 -1.69
CA LEU A 365 -23.46 -27.30 -0.91
C LEU A 365 -24.26 -26.25 -0.15
N VAL A 366 -23.89 -25.98 1.10
CA VAL A 366 -24.54 -24.91 1.86
C VAL A 366 -23.78 -23.62 1.61
N VAL A 367 -24.51 -22.50 1.57
CA VAL A 367 -23.98 -21.22 1.14
C VAL A 367 -24.25 -20.08 2.14
N LEU A 368 -23.21 -19.30 2.42
CA LEU A 368 -23.31 -18.00 3.09
C LEU A 368 -23.32 -16.94 2.00
N ASP A 369 -24.47 -16.29 1.83
CA ASP A 369 -24.73 -15.39 0.71
C ASP A 369 -24.45 -13.97 1.22
N GLU A 370 -23.35 -13.38 0.73
CA GLU A 370 -22.78 -12.15 1.31
C GLU A 370 -23.07 -10.90 0.47
N ALA A 371 -23.52 -9.83 1.12
CA ALA A 371 -24.04 -8.67 0.40
C ALA A 371 -22.96 -7.63 0.04
N PHE A 372 -22.09 -7.29 0.99
CA PHE A 372 -21.24 -6.09 0.90
C PHE A 372 -19.86 -6.29 1.49
N ASP A 373 -18.90 -5.53 0.97
CA ASP A 373 -17.52 -5.50 1.48
C ASP A 373 -17.22 -4.25 2.31
N GLU A 374 -18.05 -3.22 2.18
CA GLU A 374 -17.95 -2.03 3.06
C GLU A 374 -19.32 -1.39 3.23
N TRP A 375 -19.51 -0.62 4.30
CA TRP A 375 -20.82 -0.02 4.58
C TRP A 375 -20.76 1.49 4.37
N THR A 376 -20.73 2.28 5.45
CA THR A 376 -20.65 3.75 5.32
C THR A 376 -19.21 4.23 5.25
N LYS A 377 -18.27 3.47 5.81
CA LYS A 377 -16.84 3.83 5.86
C LYS A 377 -16.08 3.15 4.72
N ALA A 378 -15.33 3.95 3.95
CA ALA A 378 -14.60 3.49 2.76
C ALA A 378 -13.38 2.64 3.05
N LYS A 379 -13.28 1.51 2.37
CA LYS A 379 -12.03 0.75 2.22
C LYS A 379 -11.31 1.21 0.97
N VAL A 380 -12.06 1.40 -0.12
CA VAL A 380 -11.52 1.93 -1.38
C VAL A 380 -12.29 3.18 -1.76
N ASP A 381 -11.67 4.07 -2.54
CA ASP A 381 -12.22 5.42 -2.81
C ASP A 381 -13.59 5.43 -3.47
N ASN A 382 -13.81 4.51 -4.40
CA ASN A 382 -15.10 4.42 -5.10
C ASN A 382 -15.85 3.12 -4.80
N GLY A 383 -15.72 2.62 -3.57
CA GLY A 383 -16.44 1.45 -3.09
C GLY A 383 -17.92 1.73 -2.77
N TYR A 384 -18.56 0.74 -2.15
CA TYR A 384 -20.01 0.79 -1.94
C TYR A 384 -20.47 1.93 -1.00
N HIS A 385 -19.57 2.44 -0.16
CA HIS A 385 -19.88 3.60 0.71
C HIS A 385 -20.45 4.82 -0.02
N LEU A 386 -20.11 5.00 -1.28
CA LEU A 386 -20.75 6.03 -2.12
C LEU A 386 -22.26 5.85 -2.26
N TYR A 387 -22.71 4.61 -2.22
CA TYR A 387 -24.10 4.26 -2.48
C TYR A 387 -24.88 3.79 -1.27
N PHE A 388 -24.19 3.57 -0.14
CA PHE A 388 -24.76 2.89 1.01
C PHE A 388 -26.04 3.53 1.55
N ASP A 389 -26.03 4.84 1.77
N ASP A 389 -26.04 4.85 1.77
CA ASP A 389 -27.22 5.52 2.31
CA ASP A 389 -27.23 5.53 2.31
C ASP A 389 -28.45 5.41 1.38
C ASP A 389 -28.44 5.39 1.37
N GLU A 390 -28.24 5.64 0.09
CA GLU A 390 -29.32 5.59 -0.90
C GLU A 390 -29.72 4.16 -1.29
N TRP A 391 -28.76 3.23 -1.37
CA TRP A 391 -28.95 1.92 -2.00
C TRP A 391 -28.92 0.67 -1.11
N SER A 392 -28.39 0.78 0.12
CA SER A 392 -28.15 -0.41 0.96
C SER A 392 -29.39 -1.23 1.22
N LYS A 393 -30.49 -0.57 1.59
CA LYS A 393 -31.77 -1.28 1.80
C LYS A 393 -32.24 -1.93 0.51
N LYS A 394 -32.22 -1.18 -0.59
CA LYS A 394 -32.68 -1.70 -1.87
C LYS A 394 -31.85 -2.91 -2.34
N ASP A 395 -30.53 -2.84 -2.18
CA ASP A 395 -29.65 -3.93 -2.61
C ASP A 395 -29.76 -5.17 -1.73
N LEU A 396 -29.83 -4.99 -0.41
CA LEU A 396 -29.95 -6.14 0.46
C LEU A 396 -31.34 -6.78 0.30
N THR A 397 -32.36 -5.94 0.17
CA THR A 397 -33.70 -6.41 -0.14
C THR A 397 -33.69 -7.20 -1.45
N SER A 398 -33.06 -6.65 -2.48
CA SER A 398 -32.98 -7.32 -3.79
C SER A 398 -32.27 -8.67 -3.73
N LEU A 399 -31.20 -8.75 -2.94
CA LEU A 399 -30.49 -10.01 -2.72
C LEU A 399 -31.38 -11.09 -2.08
N ILE A 400 -32.05 -10.73 -1.00
CA ILE A 400 -32.86 -11.70 -0.26
C ILE A 400 -34.08 -12.13 -1.08
N MET A 401 -34.71 -11.19 -1.77
CA MET A 401 -35.84 -11.49 -2.65
C MET A 401 -35.43 -12.45 -3.79
N ARG A 402 -34.24 -12.23 -4.35
CA ARG A 402 -33.69 -13.07 -5.41
C ARG A 402 -33.36 -14.47 -4.92
N ASP A 403 -32.74 -14.58 -3.75
CA ASP A 403 -32.12 -15.85 -3.32
C ASP A 403 -32.83 -16.64 -2.21
N ARG A 404 -33.94 -16.13 -1.65
CA ARG A 404 -34.57 -16.76 -0.49
C ARG A 404 -35.32 -18.08 -0.78
N ASN A 405 -35.32 -18.54 -2.02
CA ASN A 405 -35.81 -19.87 -2.37
C ASN A 405 -34.73 -20.92 -2.57
N HIS A 406 -33.46 -20.53 -2.69
CA HIS A 406 -32.39 -21.52 -2.87
C HIS A 406 -32.21 -22.33 -1.59
N PRO A 407 -32.34 -23.67 -1.66
CA PRO A 407 -32.09 -24.45 -0.44
C PRO A 407 -30.62 -24.48 0.00
N SER A 408 -29.70 -24.20 -0.93
CA SER A 408 -28.27 -24.12 -0.59
C SER A 408 -27.98 -22.99 0.40
N VAL A 409 -28.70 -21.87 0.31
CA VAL A 409 -28.38 -20.68 1.14
C VAL A 409 -28.83 -20.92 2.57
N ILE A 410 -27.91 -20.80 3.51
CA ILE A 410 -28.21 -20.99 4.93
C ILE A 410 -27.99 -19.78 5.81
N MET A 411 -27.25 -18.77 5.34
CA MET A 411 -27.07 -17.54 6.07
C MET A 411 -27.05 -16.33 5.13
N TRP A 412 -27.46 -15.18 5.65
CA TRP A 412 -27.27 -13.88 4.99
C TRP A 412 -26.12 -13.17 5.68
N SER A 413 -24.98 -13.04 5.00
CA SER A 413 -23.82 -12.32 5.55
C SER A 413 -23.95 -10.85 5.15
N ILE A 414 -24.09 -9.97 6.14
CA ILE A 414 -24.35 -8.54 5.89
C ILE A 414 -23.11 -7.71 5.54
N GLY A 415 -21.93 -8.26 5.78
CA GLY A 415 -20.71 -7.57 5.44
C GLY A 415 -19.47 -8.37 5.76
N ASN A 416 -18.36 -7.90 5.21
CA ASN A 416 -17.06 -8.51 5.44
C ASN A 416 -16.05 -7.47 5.88
N GLU A 417 -15.44 -7.68 7.06
CA GLU A 417 -14.33 -6.85 7.57
C GLU A 417 -14.61 -5.36 7.56
N ILE A 418 -15.86 -4.97 7.81
CA ILE A 418 -16.26 -3.58 7.68
C ILE A 418 -15.59 -2.67 8.73
N LEU A 419 -15.28 -1.43 8.33
CA LEU A 419 -14.54 -0.50 9.21
C LEU A 419 -15.32 -0.06 10.47
N GLU A 420 -16.66 -0.16 10.38
CA GLU A 420 -17.55 0.13 11.50
C GLU A 420 -17.29 -0.76 12.73
N GLN A 421 -16.59 -1.89 12.57
CA GLN A 421 -16.10 -2.66 13.72
C GLN A 421 -15.36 -1.81 14.77
N SER A 422 -14.59 -0.82 14.32
CA SER A 422 -13.86 0.07 15.24
C SER A 422 -14.58 1.39 15.63
N ASP A 423 -15.74 1.72 15.05
N ASP A 423 -15.73 1.69 15.05
CA ASP A 423 -16.61 2.83 15.55
CA ASP A 423 -16.60 2.77 15.52
C ASP A 423 -17.26 2.33 16.85
C ASP A 423 -17.28 2.34 16.83
N LYS A 424 -16.65 2.66 17.96
CA LYS A 424 -17.07 2.15 19.26
C LYS A 424 -18.51 2.52 19.66
N LYS A 425 -18.88 3.78 19.47
CA LYS A 425 -20.19 4.29 19.90
C LYS A 425 -21.34 3.83 19.03
N LYS A 426 -21.16 3.88 17.71
CA LYS A 426 -22.28 3.76 16.76
C LYS A 426 -22.18 2.68 15.67
N GLY A 427 -21.03 2.03 15.52
CA GLY A 427 -20.84 1.00 14.49
C GLY A 427 -21.89 -0.11 14.55
N PHE A 428 -22.23 -0.56 15.76
CA PHE A 428 -23.28 -1.56 15.97
C PHE A 428 -24.63 -1.20 15.31
N THR A 429 -24.93 0.08 15.18
CA THR A 429 -26.23 0.53 14.62
C THR A 429 -26.40 0.19 13.14
N VAL A 430 -25.30 0.24 12.39
CA VAL A 430 -25.33 -0.09 10.98
C VAL A 430 -25.50 -1.61 10.85
N ALA A 431 -24.81 -2.39 11.70
CA ALA A 431 -25.02 -3.83 11.73
C ALA A 431 -26.47 -4.21 12.07
N LYS A 432 -27.04 -3.59 13.10
CA LYS A 432 -28.45 -3.84 13.46
C LYS A 432 -29.40 -3.53 12.28
N TYR A 433 -29.19 -2.38 11.65
CA TYR A 433 -29.98 -1.94 10.50
C TYR A 433 -30.06 -3.02 9.42
N LEU A 434 -28.91 -3.58 9.05
CA LEU A 434 -28.84 -4.63 8.04
C LEU A 434 -29.40 -5.95 8.54
N ALA A 435 -29.10 -6.29 9.79
CA ALA A 435 -29.65 -7.50 10.37
C ALA A 435 -31.18 -7.46 10.49
N ASP A 436 -31.75 -6.29 10.79
CA ASP A 436 -33.22 -6.17 10.90
C ASP A 436 -33.91 -6.44 9.58
N ILE A 437 -33.34 -5.92 8.49
CA ILE A 437 -33.82 -6.20 7.12
C ILE A 437 -33.77 -7.69 6.79
N CYS A 438 -32.69 -8.38 7.17
CA CYS A 438 -32.63 -9.85 7.03
C CYS A 438 -33.80 -10.54 7.76
N ARG A 439 -34.03 -10.12 9.00
CA ARG A 439 -35.09 -10.69 9.84
C ARG A 439 -36.49 -10.38 9.32
N GLU A 440 -36.67 -9.17 8.78
CA GLU A 440 -37.97 -8.75 8.24
C GLU A 440 -38.27 -9.55 6.98
N LEU A 441 -37.30 -9.72 6.09
CA LEU A 441 -37.53 -10.32 4.76
C LEU A 441 -37.47 -11.84 4.71
N ASP A 442 -36.55 -12.44 5.46
CA ASP A 442 -36.41 -13.90 5.51
C ASP A 442 -35.94 -14.36 6.90
N PRO A 443 -36.90 -14.55 7.84
CA PRO A 443 -36.54 -15.10 9.14
C PRO A 443 -36.19 -16.59 9.15
N THR A 444 -36.29 -17.28 8.00
CA THR A 444 -35.97 -18.72 7.91
C THR A 444 -34.48 -19.03 7.80
N ARG A 445 -33.64 -17.98 7.77
CA ARG A 445 -32.20 -18.11 7.66
C ARG A 445 -31.55 -17.06 8.53
N PRO A 446 -30.50 -17.43 9.30
CA PRO A 446 -29.84 -16.46 10.17
C PRO A 446 -28.98 -15.44 9.43
N SER A 447 -28.83 -14.26 10.03
CA SER A 447 -27.87 -13.27 9.59
C SER A 447 -26.50 -13.59 10.17
N THR A 448 -25.46 -13.14 9.49
CA THR A 448 -24.10 -13.29 9.97
C THR A 448 -23.24 -12.15 9.42
N CYS A 449 -21.97 -12.15 9.80
CA CYS A 449 -21.01 -11.14 9.40
C CYS A 449 -19.61 -11.67 9.64
N GLY A 450 -18.64 -11.22 8.84
CA GLY A 450 -17.25 -11.67 8.95
C GLY A 450 -16.39 -10.62 9.64
N PHE A 451 -15.95 -10.91 10.87
CA PHE A 451 -15.22 -9.95 11.70
C PHE A 451 -13.72 -10.21 11.74
N ASN A 452 -12.92 -9.25 11.24
CA ASN A 452 -11.45 -9.33 11.31
C ASN A 452 -10.81 -8.59 12.47
N TYR A 453 -11.51 -7.62 13.07
CA TYR A 453 -10.94 -6.95 14.23
C TYR A 453 -11.29 -7.81 15.45
N TYR A 454 -10.39 -7.84 16.42
CA TYR A 454 -10.64 -8.50 17.70
C TYR A 454 -9.86 -7.78 18.83
N PRO A 455 -10.50 -7.45 19.96
CA PRO A 455 -11.90 -7.81 20.29
C PRO A 455 -13.00 -6.81 19.86
N ALA A 456 -12.65 -5.76 19.11
CA ALA A 456 -13.53 -4.60 18.86
C ALA A 456 -15.03 -4.90 18.67
N PRO A 457 -15.43 -5.56 17.56
CA PRO A 457 -16.87 -5.77 17.32
C PRO A 457 -17.58 -6.63 18.38
N PHE A 458 -16.83 -7.48 19.09
CA PHE A 458 -17.35 -8.23 20.24
C PHE A 458 -17.58 -7.35 21.48
N ASP A 459 -16.65 -6.42 21.72
CA ASP A 459 -16.73 -5.47 22.85
C ASP A 459 -17.60 -4.24 22.53
N ASN A 460 -17.75 -3.92 21.24
CA ASN A 460 -18.53 -2.77 20.80
C ASN A 460 -20.00 -3.12 20.44
N ASN A 461 -20.51 -4.23 20.94
CA ASN A 461 -21.93 -4.60 20.75
C ASN A 461 -22.34 -4.81 19.28
N MET A 462 -21.39 -5.13 18.39
CA MET A 462 -21.67 -5.37 16.96
C MET A 462 -21.98 -6.83 16.67
N ALA A 463 -21.08 -7.72 17.10
CA ALA A 463 -21.24 -9.18 16.94
C ALA A 463 -22.60 -9.72 17.46
N GLN A 464 -23.16 -9.03 18.44
CA GLN A 464 -24.44 -9.40 19.03
C GLN A 464 -25.66 -9.02 18.18
N GLN A 465 -25.47 -8.21 17.13
CA GLN A 465 -26.57 -7.73 16.30
C GLN A 465 -26.94 -8.68 15.17
N VAL A 466 -26.09 -9.66 14.88
CA VAL A 466 -26.39 -10.70 13.91
C VAL A 466 -26.63 -11.98 14.70
N ASP A 467 -27.23 -12.95 14.04
CA ASP A 467 -27.55 -14.23 14.66
C ASP A 467 -26.31 -15.09 14.96
N ILE A 468 -25.35 -15.09 14.04
CA ILE A 468 -24.16 -15.94 14.14
C ILE A 468 -22.93 -15.09 13.78
N ALA A 469 -21.94 -15.10 14.67
CA ALA A 469 -20.72 -14.31 14.48
C ALA A 469 -19.62 -15.13 13.77
N GLY A 470 -19.10 -14.57 12.67
CA GLY A 470 -17.94 -15.14 11.99
C GLY A 470 -16.65 -14.41 12.35
N MET A 471 -15.59 -15.16 12.66
CA MET A 471 -14.27 -14.57 12.91
C MET A 471 -13.32 -14.79 11.74
N ASN A 472 -12.66 -13.72 11.29
CA ASN A 472 -11.64 -13.81 10.26
C ASN A 472 -10.25 -13.84 10.87
N TYR A 473 -9.55 -14.97 10.72
CA TYR A 473 -8.13 -15.15 11.10
C TYR A 473 -7.84 -14.99 12.59
N LYS A 474 -8.64 -15.64 13.43
CA LYS A 474 -8.50 -15.53 14.89
C LYS A 474 -8.53 -16.86 15.65
N PRO A 475 -7.91 -17.92 15.10
CA PRO A 475 -7.94 -19.23 15.81
C PRO A 475 -7.32 -19.17 17.20
N GLY A 476 -6.30 -18.33 17.37
CA GLY A 476 -5.69 -18.08 18.67
C GLY A 476 -6.63 -17.46 19.70
N LYS A 477 -7.68 -16.79 19.24
CA LYS A 477 -8.68 -16.19 20.13
C LYS A 477 -10.00 -16.95 20.29
N TYR A 478 -10.11 -18.15 19.72
CA TYR A 478 -11.38 -18.90 19.78
C TYR A 478 -11.78 -19.23 21.22
N ALA A 479 -10.83 -19.71 22.01
CA ALA A 479 -11.11 -20.03 23.40
C ALA A 479 -11.54 -18.81 24.20
N GLU A 480 -10.80 -17.70 24.05
CA GLU A 480 -11.07 -16.48 24.82
C GLU A 480 -12.43 -15.86 24.50
N VAL A 481 -12.79 -15.79 23.22
CA VAL A 481 -14.08 -15.18 22.85
C VAL A 481 -15.28 -15.97 23.38
N GLN A 482 -15.14 -17.29 23.50
CA GLN A 482 -16.15 -18.14 24.14
C GLN A 482 -16.26 -17.93 25.66
N ARG A 483 -15.15 -17.66 26.33
CA ARG A 483 -15.17 -17.27 27.75
C ARG A 483 -15.92 -15.94 27.95
N LEU A 484 -15.54 -14.95 27.16
CA LEU A 484 -16.07 -13.59 27.31
C LEU A 484 -17.50 -13.43 26.82
N TYR A 485 -17.87 -14.17 25.76
CA TYR A 485 -19.16 -14.02 25.11
C TYR A 485 -19.71 -15.42 24.86
N PRO A 486 -20.10 -16.12 25.93
CA PRO A 486 -20.43 -17.55 25.83
C PRO A 486 -21.71 -17.85 25.09
N ASP A 487 -22.57 -16.86 24.89
CA ASP A 487 -23.86 -17.04 24.19
C ASP A 487 -23.84 -16.77 22.68
N LEU A 488 -22.70 -16.35 22.12
CA LEU A 488 -22.62 -16.14 20.68
C LEU A 488 -22.37 -17.47 19.93
N PRO A 489 -23.20 -17.78 18.91
CA PRO A 489 -22.83 -18.84 17.98
C PRO A 489 -21.68 -18.36 17.08
N LEU A 490 -20.71 -19.24 16.79
CA LEU A 490 -19.44 -18.85 16.19
C LEU A 490 -18.99 -19.80 15.09
N TYR A 491 -18.26 -19.25 14.11
CA TYR A 491 -17.54 -20.03 13.13
C TYR A 491 -16.40 -19.19 12.58
N GLY A 492 -15.48 -19.82 11.87
CA GLY A 492 -14.40 -19.11 11.20
C GLY A 492 -14.85 -18.67 9.84
N SER A 493 -15.24 -17.40 9.70
CA SER A 493 -15.73 -16.90 8.42
C SER A 493 -14.65 -16.74 7.36
N GLU A 494 -13.39 -16.63 7.77
CA GLU A 494 -12.28 -16.56 6.83
C GLU A 494 -11.02 -17.11 7.52
N THR A 495 -10.32 -18.04 6.88
CA THR A 495 -9.24 -18.75 7.56
C THR A 495 -8.02 -19.00 6.67
N SER A 496 -6.89 -19.18 7.34
CA SER A 496 -5.58 -19.46 6.75
C SER A 496 -4.97 -18.26 6.04
N SER A 497 -5.38 -17.98 4.80
CA SER A 497 -4.67 -17.05 3.90
C SER A 497 -3.19 -17.42 3.63
N CYS A 498 -2.88 -18.72 3.78
CA CYS A 498 -1.61 -19.29 3.38
C CYS A 498 -1.51 -19.14 1.87
N THR A 499 -0.30 -18.87 1.39
CA THR A 499 -0.05 -18.65 -0.02
C THR A 499 0.91 -19.70 -0.57
N SER A 500 0.74 -20.02 -1.85
CA SER A 500 1.65 -20.92 -2.56
C SER A 500 1.49 -20.77 -4.07
N SER A 501 2.54 -21.12 -4.80
CA SER A 501 2.47 -21.28 -6.25
C SER A 501 2.52 -22.77 -6.54
N ARG A 502 1.71 -23.24 -7.49
CA ARG A 502 1.62 -24.66 -7.86
C ARG A 502 2.98 -25.20 -8.29
N GLY A 503 3.42 -26.28 -7.66
CA GLY A 503 4.65 -26.97 -8.05
C GLY A 503 5.96 -26.19 -7.92
N VAL A 504 6.00 -25.22 -7.01
CA VAL A 504 7.20 -24.41 -6.77
C VAL A 504 7.66 -24.64 -5.35
N TYR A 505 8.89 -25.11 -5.19
CA TYR A 505 9.51 -25.37 -3.89
C TYR A 505 10.84 -24.62 -3.87
N HIS A 506 11.08 -23.92 -2.75
CA HIS A 506 12.30 -23.12 -2.58
C HIS A 506 13.17 -23.76 -1.50
N LEU A 507 14.28 -24.36 -1.91
CA LEU A 507 15.15 -25.14 -1.02
C LEU A 507 16.57 -24.53 -0.91
N PRO A 508 17.00 -24.08 0.27
CA PRO A 508 16.37 -24.34 1.58
C PRO A 508 15.25 -23.34 1.94
N THR A 517 11.42 -13.56 -4.46
CA THR A 517 11.24 -14.85 -5.12
C THR A 517 10.34 -14.75 -6.36
N ASN A 518 9.23 -14.00 -6.23
CA ASN A 518 8.19 -13.80 -7.28
C ASN A 518 7.12 -14.92 -7.39
N GLN A 519 7.47 -16.09 -6.84
CA GLN A 519 6.54 -17.17 -6.56
C GLN A 519 6.73 -17.49 -5.06
N VAL A 520 5.84 -18.33 -4.52
CA VAL A 520 5.84 -18.69 -3.11
C VAL A 520 5.95 -20.20 -2.94
N THR A 521 6.68 -20.62 -1.91
CA THR A 521 6.90 -22.05 -1.62
C THR A 521 5.58 -22.84 -1.43
N SER A 522 5.48 -23.96 -2.16
CA SER A 522 4.36 -24.91 -2.03
C SER A 522 4.51 -25.89 -0.85
N TYR A 523 5.48 -25.64 0.04
CA TYR A 523 5.48 -26.26 1.37
C TYR A 523 4.39 -25.68 2.30
N ASP A 524 3.72 -24.59 1.88
CA ASP A 524 2.56 -24.01 2.60
C ASP A 524 2.92 -23.58 4.01
N LEU A 525 3.84 -22.62 4.07
CA LEU A 525 4.30 -21.94 5.28
C LEU A 525 4.03 -20.41 5.28
N ILE A 526 4.02 -19.78 4.11
CA ILE A 526 4.13 -18.32 4.00
C ILE A 526 2.75 -17.71 3.77
N GLY A 527 2.58 -16.48 4.26
CA GLY A 527 1.43 -15.63 3.94
C GLY A 527 1.59 -14.21 4.47
N PRO A 528 0.59 -13.34 4.26
CA PRO A 528 0.56 -12.01 4.91
C PRO A 528 0.59 -12.08 6.45
N LYS A 529 0.67 -10.92 7.11
CA LYS A 529 0.91 -10.84 8.57
C LYS A 529 -0.10 -11.63 9.41
N TRP A 530 -1.35 -11.67 8.96
CA TRP A 530 -2.45 -12.35 9.68
C TRP A 530 -2.60 -13.82 9.27
N ALA A 531 -1.82 -14.27 8.30
CA ALA A 531 -1.98 -15.60 7.75
C ALA A 531 -1.35 -16.66 8.64
N TYR A 532 -1.68 -17.90 8.34
CA TYR A 532 -1.13 -19.05 9.04
C TYR A 532 -1.44 -20.31 8.25
N PRO A 533 -0.64 -21.38 8.42
CA PRO A 533 -0.91 -22.59 7.63
C PRO A 533 -2.21 -23.27 8.04
N PRO A 534 -2.81 -24.07 7.15
CA PRO A 534 -4.05 -24.81 7.46
C PRO A 534 -4.00 -25.64 8.75
N ASP A 535 -2.81 -26.17 9.07
CA ASP A 535 -2.58 -27.00 10.26
C ASP A 535 -3.04 -26.27 11.55
N ILE A 536 -2.80 -24.97 11.60
CA ILE A 536 -3.17 -24.12 12.74
C ILE A 536 -4.70 -24.04 12.89
N GLU A 537 -5.42 -23.86 11.79
CA GLU A 537 -6.90 -23.85 11.87
C GLU A 537 -7.44 -25.21 12.31
N PHE A 538 -6.94 -26.29 11.71
CA PHE A 538 -7.35 -27.65 12.08
C PHE A 538 -7.20 -27.88 13.58
N HIS A 539 -6.04 -27.48 14.10
CA HIS A 539 -5.74 -27.60 15.51
C HIS A 539 -6.78 -26.88 16.37
N PHE A 540 -7.02 -25.60 16.08
CA PHE A 540 -7.93 -24.80 16.90
C PHE A 540 -9.41 -25.15 16.66
N GLN A 541 -9.76 -25.68 15.47
CA GLN A 541 -11.11 -26.24 15.25
C GLN A 541 -11.36 -27.46 16.13
N GLU A 542 -10.37 -28.34 16.25
CA GLU A 542 -10.49 -29.53 17.11
C GLU A 542 -10.60 -29.17 18.59
N MET A 543 -9.84 -28.18 19.05
N MET A 543 -9.82 -28.18 19.03
CA MET A 543 -9.90 -27.76 20.45
CA MET A 543 -9.85 -27.67 20.41
C MET A 543 -11.14 -26.92 20.81
C MET A 543 -11.16 -26.97 20.80
N ASN A 544 -11.88 -26.44 19.80
CA ASN A 544 -13.07 -25.60 20.01
C ASN A 544 -14.27 -26.17 19.21
N PRO A 545 -14.85 -27.29 19.68
CA PRO A 545 -15.97 -27.97 18.98
C PRO A 545 -17.24 -27.14 18.74
N ARG A 546 -17.46 -26.09 19.53
CA ARG A 546 -18.60 -25.19 19.32
C ARG A 546 -18.50 -24.42 18.01
N PHE A 547 -17.28 -24.14 17.55
CA PHE A 547 -17.09 -23.47 16.26
C PHE A 547 -17.65 -24.37 15.15
N MET A 548 -18.50 -23.78 14.30
CA MET A 548 -19.30 -24.53 13.33
C MET A 548 -18.46 -25.00 12.15
N GLY A 549 -17.30 -24.35 11.95
CA GLY A 549 -16.35 -24.71 10.91
C GLY A 549 -15.53 -23.52 10.43
N GLU A 550 -14.98 -23.66 9.22
CA GLU A 550 -14.13 -22.64 8.63
C GLU A 550 -14.46 -22.41 7.16
N PHE A 551 -14.07 -21.23 6.67
CA PHE A 551 -14.20 -20.90 5.27
C PHE A 551 -12.84 -20.34 4.82
N ILE A 552 -12.08 -21.12 4.04
CA ILE A 552 -10.68 -20.80 3.80
C ILE A 552 -10.57 -19.69 2.79
N TRP A 553 -9.49 -18.90 2.88
CA TRP A 553 -9.18 -17.88 1.86
C TRP A 553 -7.99 -18.37 0.99
N THR A 554 -8.19 -18.99 -0.18
CA THR A 554 -9.44 -19.26 -0.85
C THR A 554 -9.39 -20.67 -1.45
N GLY A 555 -10.52 -21.15 -1.94
CA GLY A 555 -10.60 -22.45 -2.61
C GLY A 555 -9.90 -22.49 -3.95
N PHE A 556 -10.16 -21.46 -4.75
CA PHE A 556 -9.51 -21.26 -6.07
C PHE A 556 -8.77 -19.93 -5.99
N ASP A 557 -7.67 -19.83 -6.72
CA ASP A 557 -7.08 -18.50 -6.95
C ASP A 557 -8.08 -17.67 -7.76
N TYR A 558 -7.91 -16.36 -7.65
CA TYR A 558 -8.78 -15.38 -8.31
C TYR A 558 -7.93 -14.23 -8.84
N LEU A 559 -8.51 -13.46 -9.75
CA LEU A 559 -7.85 -12.31 -10.36
C LEU A 559 -7.89 -11.11 -9.42
N GLY A 560 -6.80 -10.34 -9.40
CA GLY A 560 -6.61 -9.21 -8.46
C GLY A 560 -6.86 -7.84 -9.07
N GLU A 561 -7.14 -6.86 -8.20
CA GLU A 561 -7.31 -5.43 -8.55
C GLU A 561 -8.40 -5.14 -9.59
N SER A 582 2.44 -9.19 -10.40
CA SER A 582 1.50 -10.19 -9.91
C SER A 582 0.04 -9.71 -10.02
N ARG A 583 -0.60 -10.11 -11.12
CA ARG A 583 -1.99 -9.74 -11.44
C ARG A 583 -3.08 -10.63 -10.78
N SER A 584 -2.68 -11.73 -10.13
CA SER A 584 -3.66 -12.66 -9.52
C SER A 584 -3.12 -13.28 -8.22
N SER A 585 -3.93 -14.12 -7.59
CA SER A 585 -3.67 -14.54 -6.22
C SER A 585 -2.81 -15.78 -6.10
N TYR A 586 -2.34 -16.00 -4.87
CA TYR A 586 -1.65 -17.21 -4.46
C TYR A 586 -2.39 -17.94 -3.30
N PHE A 587 -3.50 -17.37 -2.84
CA PHE A 587 -4.25 -17.89 -1.67
C PHE A 587 -4.97 -19.20 -1.96
N GLY A 588 -5.27 -19.46 -3.23
CA GLY A 588 -6.05 -20.62 -3.64
C GLY A 588 -5.39 -21.94 -3.29
N ALA A 589 -6.20 -22.89 -2.80
CA ALA A 589 -5.76 -24.28 -2.69
C ALA A 589 -5.62 -24.92 -4.08
N VAL A 590 -6.42 -24.42 -5.03
CA VAL A 590 -6.39 -24.83 -6.42
C VAL A 590 -6.02 -23.57 -7.20
N ASP A 591 -5.20 -23.72 -8.24
CA ASP A 591 -4.73 -22.56 -9.03
C ASP A 591 -5.82 -22.00 -9.93
N LEU A 592 -5.53 -20.87 -10.57
CA LEU A 592 -6.52 -20.12 -11.35
C LEU A 592 -7.12 -20.87 -12.55
N CYS A 593 -6.41 -21.86 -13.09
CA CYS A 593 -6.93 -22.66 -14.21
C CYS A 593 -7.51 -24.02 -13.76
N GLY A 594 -7.63 -24.22 -12.45
CA GLY A 594 -8.25 -25.40 -11.88
C GLY A 594 -7.32 -26.58 -11.62
N LEU A 595 -6.02 -26.33 -11.52
CA LEU A 595 -5.06 -27.39 -11.17
C LEU A 595 -4.74 -27.36 -9.69
N PRO A 596 -4.88 -28.49 -9.00
CA PRO A 596 -4.68 -28.48 -7.55
C PRO A 596 -3.20 -28.25 -7.19
N LYS A 597 -2.98 -27.41 -6.18
CA LYS A 597 -1.65 -27.26 -5.58
C LYS A 597 -1.55 -28.35 -4.54
N ASP A 598 -0.39 -28.47 -3.89
CA ASP A 598 -0.25 -29.47 -2.82
C ASP A 598 -1.24 -29.20 -1.67
N ARG A 599 -1.63 -27.93 -1.50
CA ARG A 599 -2.56 -27.50 -0.46
C ARG A 599 -3.92 -28.18 -0.55
N PHE A 600 -4.41 -28.35 -1.78
CA PHE A 600 -5.58 -29.19 -2.07
C PHE A 600 -5.55 -30.52 -1.33
N TYR A 601 -4.40 -31.18 -1.34
CA TYR A 601 -4.28 -32.52 -0.76
C TYR A 601 -4.19 -32.48 0.75
N LEU A 602 -3.59 -31.44 1.30
CA LEU A 602 -3.62 -31.22 2.76
C LEU A 602 -5.07 -31.11 3.24
N TYR A 603 -5.87 -30.30 2.55
CA TYR A 603 -7.30 -30.21 2.86
C TYR A 603 -8.05 -31.52 2.62
N GLN A 604 -7.80 -32.16 1.48
CA GLN A 604 -8.41 -33.46 1.15
C GLN A 604 -8.09 -34.52 2.24
N SER A 605 -6.85 -34.53 2.74
CA SER A 605 -6.45 -35.43 3.84
C SER A 605 -7.24 -35.21 5.13
N GLN A 606 -7.68 -33.99 5.37
CA GLN A 606 -8.42 -33.62 6.58
C GLN A 606 -9.94 -33.73 6.45
N TRP A 607 -10.45 -33.60 5.22
CA TRP A 607 -11.88 -33.43 4.96
C TRP A 607 -12.62 -34.55 4.21
N THR A 608 -11.91 -35.60 3.78
CA THR A 608 -12.54 -36.72 3.09
C THR A 608 -12.17 -38.03 3.76
N ASP A 609 -13.03 -39.04 3.59
CA ASP A 609 -12.83 -40.38 4.15
C ASP A 609 -12.20 -41.40 3.19
N LYS A 610 -12.41 -41.19 1.89
CA LYS A 610 -11.90 -42.10 0.88
C LYS A 610 -10.36 -42.12 0.91
N PRO A 611 -9.74 -43.31 1.14
CA PRO A 611 -8.30 -43.35 1.41
C PRO A 611 -7.47 -42.66 0.33
N MET A 612 -6.52 -41.83 0.75
CA MET A 612 -5.65 -41.16 -0.20
C MET A 612 -4.27 -40.92 0.41
N VAL A 613 -3.36 -40.53 -0.46
CA VAL A 613 -2.02 -40.21 -0.07
C VAL A 613 -1.48 -39.32 -1.16
N HIS A 614 -0.69 -38.33 -0.77
CA HIS A 614 -0.09 -37.40 -1.71
C HIS A 614 1.29 -37.03 -1.20
N ILE A 615 2.22 -36.86 -2.14
CA ILE A 615 3.63 -36.67 -1.82
C ILE A 615 4.11 -35.39 -2.49
N LEU A 616 5.02 -34.70 -1.81
CA LEU A 616 5.70 -33.52 -2.34
C LEU A 616 7.10 -33.44 -1.72
N PRO A 617 8.09 -32.85 -2.40
CA PRO A 617 7.95 -32.15 -3.69
C PRO A 617 8.07 -33.11 -4.88
N HIS A 618 8.37 -32.57 -6.06
CA HIS A 618 8.88 -33.36 -7.18
C HIS A 618 10.25 -34.00 -6.85
N TRP A 619 10.75 -34.83 -7.76
CA TRP A 619 12.04 -35.50 -7.59
C TRP A 619 13.06 -35.20 -8.70
N ASN A 620 13.03 -33.97 -9.23
CA ASN A 620 14.16 -33.39 -9.98
C ASN A 620 14.98 -32.39 -9.14
N TRP A 621 16.00 -32.90 -8.45
CA TRP A 621 16.91 -32.11 -7.63
C TRP A 621 18.38 -32.43 -7.95
N LYS A 622 19.32 -31.79 -7.24
CA LYS A 622 20.77 -32.03 -7.42
C LYS A 622 21.27 -33.01 -6.35
N LYS A 623 22.20 -33.89 -6.74
CA LYS A 623 22.84 -34.81 -5.79
C LYS A 623 23.55 -33.99 -4.72
N GLY A 624 23.42 -34.39 -3.46
CA GLY A 624 23.96 -33.62 -2.33
C GLY A 624 22.93 -32.84 -1.55
N MET A 625 21.84 -32.41 -2.19
CA MET A 625 20.75 -31.70 -1.50
C MET A 625 19.99 -32.65 -0.59
N ASN A 626 19.56 -32.13 0.56
CA ASN A 626 18.66 -32.83 1.45
C ASN A 626 17.26 -32.30 1.14
N ILE A 627 16.36 -33.18 0.71
CA ILE A 627 15.02 -32.80 0.30
C ILE A 627 14.05 -33.11 1.45
N PRO A 628 13.38 -32.07 2.01
CA PRO A 628 12.31 -32.37 2.95
C PRO A 628 11.13 -32.94 2.17
N VAL A 629 10.67 -34.13 2.55
CA VAL A 629 9.58 -34.80 1.83
C VAL A 629 8.40 -34.88 2.76
N TYR A 630 7.28 -34.31 2.31
CA TYR A 630 6.03 -34.25 3.07
C TYR A 630 5.01 -35.17 2.42
N VAL A 631 4.25 -35.88 3.25
CA VAL A 631 3.17 -36.73 2.78
C VAL A 631 1.90 -36.34 3.52
N TYR A 632 0.82 -36.14 2.74
CA TYR A 632 -0.51 -35.88 3.29
C TYR A 632 -1.39 -37.10 3.02
N THR A 633 -1.96 -37.66 4.09
CA THR A 633 -2.83 -38.83 3.97
C THR A 633 -3.89 -38.78 5.06
N ASN A 634 -5.02 -39.44 4.79
CA ASN A 634 -6.05 -39.69 5.80
C ASN A 634 -5.93 -41.08 6.43
N CYS A 635 -4.89 -41.83 6.07
CA CYS A 635 -4.65 -43.15 6.65
C CYS A 635 -3.84 -43.11 7.95
N TYR A 636 -3.91 -44.20 8.69
CA TYR A 636 -3.23 -44.30 9.98
C TYR A 636 -1.72 -44.01 9.92
N GLU A 637 -1.04 -44.49 8.87
CA GLU A 637 0.42 -44.29 8.70
C GLU A 637 0.85 -44.34 7.23
N ALA A 638 2.09 -43.96 6.97
CA ALA A 638 2.67 -44.09 5.64
C ALA A 638 4.16 -44.42 5.71
N GLU A 639 4.64 -45.08 4.64
CA GLU A 639 6.03 -45.52 4.53
C GLU A 639 6.57 -45.04 3.20
N LEU A 640 7.77 -44.46 3.24
CA LEU A 640 8.42 -43.87 2.07
C LEU A 640 9.51 -44.85 1.56
N PHE A 641 9.61 -44.97 0.24
CA PHE A 641 10.56 -45.89 -0.40
C PHE A 641 11.33 -45.13 -1.47
N LEU A 642 12.66 -45.10 -1.38
CA LEU A 642 13.51 -44.51 -2.42
C LEU A 642 14.23 -45.61 -3.20
N ASN A 643 13.90 -45.74 -4.48
CA ASN A 643 14.41 -46.83 -5.34
C ASN A 643 14.27 -48.22 -4.69
N GLY A 644 13.11 -48.48 -4.09
CA GLY A 644 12.86 -49.74 -3.42
C GLY A 644 13.28 -49.84 -1.95
N LYS A 645 14.22 -48.99 -1.51
CA LYS A 645 14.70 -49.04 -0.13
C LYS A 645 13.80 -48.21 0.80
N SER A 646 13.29 -48.84 1.86
CA SER A 646 12.45 -48.18 2.86
C SER A 646 13.20 -47.07 3.60
N LEU A 647 12.54 -45.95 3.84
CA LEU A 647 13.10 -44.85 4.63
C LEU A 647 12.39 -44.67 5.95
N GLY A 648 11.51 -45.61 6.32
CA GLY A 648 10.82 -45.59 7.60
C GLY A 648 9.32 -45.32 7.52
N LYS A 649 8.60 -45.92 8.46
CA LYS A 649 7.18 -45.65 8.67
C LYS A 649 7.05 -44.32 9.41
N ARG A 650 5.94 -43.63 9.19
CA ARG A 650 5.53 -42.50 10.02
C ARG A 650 4.04 -42.52 10.29
N VAL A 651 3.68 -42.58 11.59
CA VAL A 651 2.29 -42.69 12.02
C VAL A 651 1.72 -41.29 12.20
N LYS A 652 0.56 -41.03 11.60
CA LYS A 652 -0.11 -39.73 11.74
C LYS A 652 -0.61 -39.54 13.17
N GLY A 653 -0.35 -38.37 13.74
CA GLY A 653 -0.68 -38.09 15.15
C GLY A 653 0.40 -38.47 16.15
N ARG A 654 1.54 -38.95 15.64
CA ARG A 654 2.61 -39.49 16.49
C ARG A 654 3.96 -38.95 16.01
N ASP A 655 4.27 -39.15 14.74
CA ASP A 655 5.44 -38.58 14.11
C ASP A 655 5.07 -37.22 13.49
N LEU A 656 5.30 -36.18 14.28
CA LEU A 656 4.82 -34.83 13.99
C LEU A 656 5.82 -34.14 13.09
N THR A 657 5.35 -33.19 12.31
CA THR A 657 6.20 -32.40 11.41
C THR A 657 6.27 -30.97 11.94
N GLU A 658 7.49 -30.50 12.20
CA GLU A 658 7.71 -29.13 12.66
C GLU A 658 7.59 -28.17 11.48
N ILE A 659 6.78 -27.12 11.65
CA ILE A 659 6.63 -26.09 10.61
C ILE A 659 6.82 -24.69 11.19
N MET A 660 7.43 -23.80 10.40
CA MET A 660 7.76 -22.43 10.82
C MET A 660 6.56 -21.50 10.65
N VAL A 661 6.16 -20.82 11.74
CA VAL A 661 5.12 -19.77 11.73
C VAL A 661 5.74 -18.46 12.22
N ASN A 669 7.56 -20.10 18.28
CA ASN A 669 7.63 -19.73 16.88
C ASN A 669 7.13 -20.86 15.98
N THR A 670 7.69 -22.05 16.17
CA THR A 670 7.34 -23.23 15.37
C THR A 670 6.17 -24.02 15.95
N PHE A 671 5.52 -24.80 15.08
CA PHE A 671 4.37 -25.65 15.43
C PHE A 671 4.66 -27.12 15.08
N GLN A 672 4.44 -28.02 16.06
CA GLN A 672 4.50 -29.46 15.81
C GLN A 672 3.15 -29.95 15.24
N SER A 673 3.08 -30.13 13.93
CA SER A 673 1.81 -30.47 13.24
C SER A 673 1.58 -31.98 13.12
N LYS A 674 0.40 -32.42 13.55
CA LYS A 674 -0.01 -33.80 13.34
C LYS A 674 -0.64 -34.04 11.97
N TYR A 675 -0.66 -33.03 11.10
CA TYR A 675 -1.40 -33.09 9.84
C TYR A 675 -0.51 -33.35 8.62
N ARG A 676 0.81 -33.45 8.84
CA ARG A 676 1.77 -33.80 7.81
C ARG A 676 2.71 -34.89 8.33
N LEU A 677 3.15 -35.77 7.42
CA LEU A 677 4.17 -36.78 7.71
C LEU A 677 5.40 -36.36 6.93
N SER A 678 6.59 -36.51 7.52
CA SER A 678 7.80 -35.95 6.92
C SER A 678 9.05 -36.83 7.02
N TRP A 679 9.86 -36.74 5.98
CA TRP A 679 11.16 -37.41 5.91
C TRP A 679 12.18 -36.39 5.43
N ASP A 680 13.42 -36.56 5.88
CA ASP A 680 14.56 -35.84 5.31
C ASP A 680 15.36 -36.83 4.47
N VAL A 681 15.32 -36.63 3.15
CA VAL A 681 15.85 -37.60 2.19
C VAL A 681 17.02 -36.99 1.44
N PRO A 682 18.22 -37.63 1.52
CA PRO A 682 19.29 -37.24 0.60
C PRO A 682 18.95 -37.67 -0.83
N PHE A 683 19.06 -36.73 -1.76
CA PHE A 683 18.60 -36.97 -3.12
C PHE A 683 19.51 -37.90 -3.92
N GLU A 684 19.07 -39.15 -4.09
CA GLU A 684 19.53 -40.01 -5.16
C GLU A 684 18.39 -40.01 -6.19
N PRO A 685 18.69 -39.83 -7.50
CA PRO A 685 17.61 -39.81 -8.49
C PRO A 685 16.98 -41.17 -8.73
N GLY A 686 15.86 -41.18 -9.46
CA GLY A 686 15.08 -42.39 -9.75
C GLY A 686 13.63 -42.23 -9.32
N GLU A 687 13.14 -43.17 -8.51
CA GLU A 687 11.73 -43.16 -8.10
C GLU A 687 11.47 -43.25 -6.58
N LEU A 688 10.64 -42.32 -6.12
CA LEU A 688 10.28 -42.17 -4.72
C LEU A 688 8.80 -42.58 -4.56
N THR A 689 8.56 -43.65 -3.80
CA THR A 689 7.22 -44.22 -3.67
C THR A 689 6.72 -44.14 -2.22
N VAL A 690 5.48 -43.71 -2.05
CA VAL A 690 4.84 -43.62 -0.73
C VAL A 690 3.69 -44.62 -0.66
N LYS A 691 3.62 -45.35 0.45
CA LYS A 691 2.59 -46.32 0.68
C LYS A 691 1.85 -45.96 1.96
N ALA A 692 0.53 -45.83 1.88
CA ALA A 692 -0.32 -45.50 3.01
C ALA A 692 -1.05 -46.74 3.49
N TYR A 693 -1.03 -46.96 4.81
CA TYR A 693 -1.64 -48.12 5.43
C TYR A 693 -2.64 -47.73 6.52
N ASN A 694 -3.61 -48.60 6.78
CA ASN A 694 -4.45 -48.49 7.96
C ASN A 694 -3.71 -49.06 9.18
N ASN A 695 -4.35 -49.09 10.34
CA ASN A 695 -3.72 -49.58 11.58
C ASN A 695 -3.55 -51.11 11.71
N LEU A 696 -4.11 -51.87 10.76
CA LEU A 696 -3.82 -53.32 10.62
C LEU A 696 -2.61 -53.61 9.72
N GLY A 697 -2.02 -52.58 9.12
CA GLY A 697 -0.92 -52.75 8.17
C GLY A 697 -1.35 -53.00 6.73
N GLU A 698 -2.66 -52.89 6.44
CA GLU A 698 -3.20 -53.14 5.09
C GLU A 698 -2.96 -51.93 4.18
N LEU A 699 -2.43 -52.18 2.99
CA LEU A 699 -2.21 -51.12 2.01
C LEU A 699 -3.56 -50.54 1.55
N LYS A 700 -3.69 -49.22 1.65
CA LYS A 700 -4.93 -48.49 1.30
C LYS A 700 -4.78 -47.48 0.15
N ALA A 701 -3.56 -46.96 -0.07
CA ALA A 701 -3.25 -46.12 -1.22
C ALA A 701 -1.74 -46.02 -1.42
N GLU A 702 -1.34 -45.67 -2.64
CA GLU A 702 0.07 -45.41 -2.91
C GLU A 702 0.28 -44.48 -4.11
N LYS A 703 1.37 -43.72 -4.07
CA LYS A 703 1.78 -42.85 -5.16
C LYS A 703 3.27 -42.99 -5.38
N THR A 704 3.68 -42.80 -6.63
CA THR A 704 5.07 -42.87 -7.03
C THR A 704 5.36 -41.60 -7.83
N ILE A 705 6.48 -40.95 -7.52
CA ILE A 705 7.02 -39.88 -8.38
C ILE A 705 8.41 -40.25 -8.89
N ARG A 706 8.72 -39.77 -10.10
CA ARG A 706 9.96 -40.12 -10.78
C ARG A 706 10.73 -38.86 -11.17
N THR A 707 12.07 -38.93 -11.03
CA THR A 707 12.97 -37.97 -11.64
C THR A 707 12.70 -38.00 -13.14
N ALA A 708 12.25 -36.89 -13.71
CA ALA A 708 11.94 -36.83 -15.14
C ALA A 708 13.13 -36.32 -15.92
N GLY A 709 13.25 -36.75 -17.18
CA GLY A 709 14.29 -36.26 -18.10
C GLY A 709 13.89 -35.00 -18.83
N LYS A 710 14.58 -34.74 -19.94
CA LYS A 710 14.34 -33.56 -20.76
C LYS A 710 12.92 -33.60 -21.37
N PRO A 711 12.28 -32.43 -21.53
CA PRO A 711 10.99 -32.39 -22.23
C PRO A 711 11.06 -33.00 -23.62
N ALA A 712 10.17 -33.94 -23.92
CA ALA A 712 10.11 -34.61 -25.23
C ALA A 712 8.73 -34.56 -25.92
N GLN A 713 7.64 -34.55 -25.15
CA GLN A 713 6.29 -34.70 -25.71
C GLN A 713 5.18 -33.98 -24.95
N ILE A 714 4.09 -33.71 -25.65
CA ILE A 714 2.89 -33.09 -25.09
C ILE A 714 1.81 -34.16 -24.95
N LYS A 715 1.15 -34.22 -23.79
CA LYS A 715 -0.04 -35.06 -23.60
C LYS A 715 -1.22 -34.14 -23.34
N LEU A 716 -2.38 -34.48 -23.91
CA LEU A 716 -3.62 -33.70 -23.75
C LEU A 716 -4.65 -34.54 -23.02
N ILE A 717 -5.23 -34.00 -21.95
CA ILE A 717 -6.26 -34.71 -21.17
C ILE A 717 -7.52 -33.85 -21.00
N PRO A 718 -8.52 -34.05 -21.88
CA PRO A 718 -9.81 -33.38 -21.69
C PRO A 718 -10.52 -33.91 -20.45
N ASP A 719 -11.11 -33.02 -19.66
CA ASP A 719 -11.93 -33.43 -18.52
C ASP A 719 -13.23 -34.10 -18.99
N ARG A 720 -13.77 -33.63 -20.10
CA ARG A 720 -14.95 -34.22 -20.72
C ARG A 720 -14.76 -34.35 -22.24
N LYS A 721 -14.82 -35.59 -22.74
CA LYS A 721 -14.68 -35.86 -24.17
C LYS A 721 -15.97 -35.61 -24.95
N VAL A 722 -17.09 -35.46 -24.25
CA VAL A 722 -18.37 -35.13 -24.87
C VAL A 722 -18.95 -33.86 -24.23
N ILE A 723 -19.36 -32.89 -25.06
CA ILE A 723 -19.96 -31.63 -24.59
C ILE A 723 -21.19 -31.23 -25.39
N THR A 724 -21.97 -30.30 -24.85
CA THR A 724 -23.25 -29.91 -25.45
C THR A 724 -23.07 -28.84 -26.52
N ALA A 725 -23.81 -28.98 -27.61
CA ALA A 725 -23.73 -28.09 -28.77
C ALA A 725 -24.58 -26.83 -28.57
N ASP A 726 -24.31 -26.09 -27.49
CA ASP A 726 -25.12 -24.93 -27.13
C ASP A 726 -24.39 -23.61 -27.34
N GLY A 727 -23.11 -23.68 -27.75
CA GLY A 727 -22.27 -22.48 -27.85
C GLY A 727 -21.64 -21.94 -26.55
N LYS A 728 -21.97 -22.56 -25.42
N LYS A 728 -21.99 -22.54 -25.41
CA LYS A 728 -21.54 -22.12 -24.10
CA LYS A 728 -21.52 -22.10 -24.09
C LYS A 728 -20.68 -23.16 -23.35
C LYS A 728 -20.66 -23.16 -23.37
N ASP A 729 -20.97 -24.44 -23.55
CA ASP A 729 -20.31 -25.54 -22.85
C ASP A 729 -18.85 -25.70 -23.24
N LEU A 730 -18.04 -26.18 -22.29
CA LEU A 730 -16.59 -26.15 -22.40
C LEU A 730 -15.99 -27.53 -22.18
N SER A 731 -14.87 -27.80 -22.83
CA SER A 731 -13.98 -28.87 -22.38
C SER A 731 -12.71 -28.21 -21.85
N TYR A 732 -12.29 -28.61 -20.66
CA TYR A 732 -11.03 -28.18 -20.06
C TYR A 732 -9.96 -29.26 -20.29
N ILE A 733 -9.04 -28.96 -21.19
CA ILE A 733 -8.01 -29.92 -21.60
C ILE A 733 -6.69 -29.61 -20.90
N THR A 734 -6.34 -30.43 -19.92
CA THR A 734 -5.05 -30.32 -19.25
C THR A 734 -3.94 -30.60 -20.25
N VAL A 735 -2.87 -29.80 -20.19
CA VAL A 735 -1.74 -29.90 -21.10
C VAL A 735 -0.50 -30.19 -20.28
N ARG A 736 0.08 -31.37 -20.50
CA ARG A 736 1.25 -31.84 -19.76
C ARG A 736 2.49 -31.80 -20.64
N ILE A 737 3.62 -31.40 -20.05
CA ILE A 737 4.92 -31.50 -20.71
C ILE A 737 5.60 -32.71 -20.12
N GLU A 738 5.77 -33.74 -20.94
CA GLU A 738 6.33 -35.03 -20.49
C GLU A 738 7.71 -35.33 -21.11
N ASP A 739 8.50 -36.12 -20.40
CA ASP A 739 9.75 -36.66 -20.95
C ASP A 739 9.48 -37.85 -21.90
N ARG A 740 10.53 -38.51 -22.39
CA ARG A 740 10.41 -39.62 -23.35
C ARG A 740 9.59 -40.82 -22.83
N ASP A 741 9.65 -41.06 -21.52
CA ASP A 741 8.90 -42.15 -20.86
C ASP A 741 7.51 -41.78 -20.31
N GLY A 742 7.06 -40.53 -20.53
CA GLY A 742 5.75 -40.09 -20.10
C GLY A 742 5.66 -39.50 -18.69
N ASN A 743 6.79 -39.33 -18.01
CA ASN A 743 6.82 -38.65 -16.71
C ASN A 743 6.70 -37.16 -16.92
N LEU A 744 5.97 -36.50 -16.04
CA LEU A 744 5.80 -35.05 -16.10
C LEU A 744 7.12 -34.36 -15.80
N CYS A 745 7.45 -33.34 -16.59
CA CYS A 745 8.63 -32.50 -16.35
C CYS A 745 8.23 -31.42 -15.32
N PRO A 746 8.61 -31.60 -14.05
CA PRO A 746 8.00 -30.77 -13.00
C PRO A 746 8.23 -29.25 -13.06
N GLU A 747 9.23 -28.79 -13.80
CA GLU A 747 9.54 -27.35 -13.86
C GLU A 747 9.42 -26.77 -15.28
N ALA A 748 8.85 -27.54 -16.20
CA ALA A 748 8.81 -27.14 -17.61
C ALA A 748 7.98 -25.88 -17.85
N ASP A 749 8.47 -25.01 -18.73
CA ASP A 749 7.78 -23.77 -19.11
C ASP A 749 7.69 -23.58 -20.62
N ASN A 750 7.58 -24.69 -21.34
CA ASN A 750 7.56 -24.68 -22.79
C ASN A 750 6.31 -23.96 -23.31
N LEU A 751 6.52 -23.07 -24.27
CA LEU A 751 5.43 -22.45 -25.01
C LEU A 751 4.71 -23.47 -25.87
N VAL A 752 3.41 -23.63 -25.64
CA VAL A 752 2.57 -24.54 -26.42
C VAL A 752 1.61 -23.72 -27.26
N GLU A 753 1.42 -24.13 -28.52
CA GLU A 753 0.51 -23.45 -29.44
C GLU A 753 -0.66 -24.37 -29.74
N PHE A 754 -1.83 -23.79 -29.96
CA PHE A 754 -3.05 -24.58 -30.06
C PHE A 754 -3.83 -24.24 -31.30
N SER A 755 -4.38 -25.27 -31.90
CA SER A 755 -5.20 -25.14 -33.08
C SER A 755 -6.45 -25.99 -32.82
N VAL A 756 -7.61 -25.43 -33.14
CA VAL A 756 -8.90 -26.08 -32.91
C VAL A 756 -9.72 -26.01 -34.20
N GLU A 757 -10.13 -27.17 -34.71
CA GLU A 757 -10.82 -27.29 -35.99
C GLU A 757 -12.10 -28.10 -35.81
N GLY A 758 -13.08 -27.84 -36.68
CA GLY A 758 -14.31 -28.63 -36.73
C GLY A 758 -15.45 -28.00 -35.94
N ALA A 759 -16.13 -28.83 -35.14
CA ALA A 759 -17.38 -28.45 -34.46
C ALA A 759 -17.09 -27.73 -33.13
N GLY A 760 -16.66 -26.47 -33.22
CA GLY A 760 -16.27 -25.72 -32.04
C GLY A 760 -15.08 -24.84 -32.30
N HIS A 761 -14.56 -24.22 -31.24
CA HIS A 761 -13.52 -23.21 -31.37
C HIS A 761 -12.69 -23.03 -30.12
N PHE A 762 -11.53 -22.42 -30.33
CA PHE A 762 -10.67 -21.99 -29.23
C PHE A 762 -11.42 -21.00 -28.35
N ARG A 763 -11.38 -21.18 -27.03
CA ARG A 763 -12.02 -20.23 -26.10
C ARG A 763 -11.02 -19.52 -25.21
N ALA A 764 -10.19 -20.27 -24.50
CA ALA A 764 -9.19 -19.66 -23.61
C ALA A 764 -8.07 -20.61 -23.19
N VAL A 765 -7.02 -20.02 -22.60
CA VAL A 765 -5.90 -20.75 -22.03
C VAL A 765 -5.49 -20.21 -20.68
N GLY A 766 -4.85 -21.05 -19.86
CA GLY A 766 -4.30 -20.63 -18.59
C GLY A 766 -3.17 -21.54 -18.14
N ASN A 767 -2.48 -21.13 -17.08
CA ASN A 767 -1.47 -21.99 -16.45
C ASN A 767 -1.30 -21.89 -14.91
N GLY A 768 -2.11 -21.05 -14.24
CA GLY A 768 -2.00 -20.86 -12.80
C GLY A 768 -0.84 -20.01 -12.31
N ASN A 769 -0.16 -19.35 -13.25
CA ASN A 769 0.97 -18.48 -12.92
C ASN A 769 0.42 -17.09 -12.66
N ALA A 770 0.66 -16.61 -11.45
CA ALA A 770 0.14 -15.33 -11.00
C ALA A 770 0.90 -14.16 -11.59
N ALA A 771 2.18 -14.37 -11.87
CA ALA A 771 3.07 -13.28 -12.28
C ALA A 771 3.45 -13.31 -13.77
N THR A 772 2.48 -13.59 -14.63
CA THR A 772 2.68 -13.49 -16.07
C THR A 772 1.70 -12.50 -16.65
N THR A 773 1.99 -12.04 -17.86
CA THR A 773 1.10 -11.16 -18.62
C THR A 773 0.59 -11.80 -19.91
N GLU A 774 0.74 -13.11 -20.06
CA GLU A 774 0.18 -13.81 -21.23
C GLU A 774 -1.32 -13.60 -21.29
N SER A 775 -1.83 -13.34 -22.49
CA SER A 775 -3.26 -13.26 -22.72
C SER A 775 -3.95 -14.56 -22.32
N PHE A 776 -5.19 -14.43 -21.84
CA PHE A 776 -6.03 -15.58 -21.57
C PHE A 776 -6.74 -16.05 -22.85
N ILE A 777 -6.73 -15.24 -23.91
CA ILE A 777 -7.58 -15.51 -25.08
C ILE A 777 -6.83 -15.51 -26.42
N GLU A 778 -5.54 -15.77 -26.40
CA GLU A 778 -4.77 -16.08 -27.61
C GLU A 778 -4.46 -17.58 -27.59
N PRO A 779 -4.43 -18.24 -28.76
CA PRO A 779 -4.28 -19.71 -28.80
C PRO A 779 -2.83 -20.22 -28.58
N LYS A 780 -2.20 -19.73 -27.51
CA LYS A 780 -0.82 -20.05 -27.16
C LYS A 780 -0.67 -19.85 -25.66
N ARG A 781 0.10 -20.72 -25.01
CA ARG A 781 0.32 -20.60 -23.58
C ARG A 781 1.55 -21.40 -23.15
N LYS A 782 2.30 -20.83 -22.21
CA LYS A 782 3.46 -21.50 -21.63
C LYS A 782 3.00 -22.41 -20.52
N ALA A 783 3.67 -23.56 -20.40
CA ALA A 783 3.49 -24.40 -19.24
C ALA A 783 4.01 -23.66 -18.02
N PHE A 784 3.44 -24.00 -16.86
CA PHE A 784 3.94 -23.57 -15.56
C PHE A 784 3.98 -24.81 -14.70
N SER A 785 5.13 -25.04 -14.06
CA SER A 785 5.37 -26.26 -13.29
C SER A 785 4.85 -27.54 -13.95
N GLY A 786 5.15 -27.67 -15.24
CA GLY A 786 4.84 -28.85 -16.04
C GLY A 786 3.55 -28.80 -16.84
N MET A 787 2.66 -27.85 -16.54
CA MET A 787 1.31 -27.90 -17.08
C MET A 787 0.75 -26.56 -17.48
N CYS A 788 -0.21 -26.62 -18.38
CA CYS A 788 -1.06 -25.50 -18.69
C CYS A 788 -2.45 -26.07 -19.08
N MET A 789 -3.36 -25.22 -19.52
CA MET A 789 -4.75 -25.61 -19.64
C MET A 789 -5.37 -24.93 -20.83
N LEU A 790 -5.91 -25.73 -21.75
CA LEU A 790 -6.59 -25.25 -22.94
C LEU A 790 -8.09 -25.37 -22.69
N ILE A 791 -8.84 -24.35 -23.09
CA ILE A 791 -10.29 -24.36 -22.94
C ILE A 791 -10.93 -24.21 -24.31
N VAL A 792 -11.71 -25.20 -24.72
CA VAL A 792 -12.47 -25.11 -25.96
C VAL A 792 -13.97 -25.03 -25.67
N GLN A 793 -14.73 -24.59 -26.66
CA GLN A 793 -16.15 -24.32 -26.54
C GLN A 793 -16.90 -24.76 -27.78
N SER A 794 -18.09 -25.33 -27.60
CA SER A 794 -18.92 -25.70 -28.74
C SER A 794 -19.42 -24.47 -29.52
N ASP A 795 -19.84 -24.70 -30.77
CA ASP A 795 -20.60 -23.72 -31.54
C ASP A 795 -22.06 -24.11 -31.46
N GLU A 796 -22.93 -23.10 -31.35
CA GLU A 796 -24.35 -23.33 -31.14
C GLU A 796 -24.95 -24.14 -32.29
N ASN A 797 -25.60 -25.25 -31.94
CA ASN A 797 -26.31 -26.15 -32.88
C ASN A 797 -25.44 -26.91 -33.89
N LYS A 798 -24.13 -27.00 -33.63
CA LYS A 798 -23.20 -27.65 -34.54
C LYS A 798 -22.64 -28.92 -33.87
N GLN A 799 -23.15 -30.08 -34.29
CA GLN A 799 -22.72 -31.38 -33.78
C GLN A 799 -21.53 -31.90 -34.58
N GLY A 800 -20.83 -32.88 -34.00
CA GLY A 800 -19.71 -33.55 -34.67
C GLY A 800 -18.41 -33.47 -33.89
N LYS A 801 -17.30 -33.69 -34.58
CA LYS A 801 -15.98 -33.69 -33.98
C LYS A 801 -15.39 -32.29 -33.88
N MET A 802 -14.72 -32.02 -32.76
CA MET A 802 -13.89 -30.84 -32.62
C MET A 802 -12.49 -31.39 -32.45
N ASN A 803 -11.58 -31.02 -33.36
CA ASN A 803 -10.23 -31.58 -33.41
C ASN A 803 -9.20 -30.60 -32.92
N ILE A 804 -8.47 -30.99 -31.86
CA ILE A 804 -7.48 -30.14 -31.23
C ILE A 804 -6.09 -30.61 -31.62
N THR A 805 -5.20 -29.65 -31.86
CA THR A 805 -3.78 -29.93 -32.11
C THR A 805 -2.94 -29.02 -31.23
N ALA A 806 -2.03 -29.60 -30.46
CA ALA A 806 -1.12 -28.86 -29.58
C ALA A 806 0.32 -29.14 -30.00
N THR A 807 1.04 -28.07 -30.32
CA THR A 807 2.41 -28.12 -30.80
C THR A 807 3.29 -27.26 -29.91
N SER A 808 4.59 -27.54 -29.95
CA SER A 808 5.59 -26.82 -29.16
C SER A 808 6.96 -27.12 -29.78
N LYS A 809 7.78 -26.08 -29.94
CA LYS A 809 9.09 -26.24 -30.59
C LYS A 809 9.95 -27.32 -29.93
N GLY A 810 10.26 -28.36 -30.71
CA GLY A 810 11.11 -29.48 -30.26
C GLY A 810 10.44 -30.63 -29.53
N LEU A 811 9.10 -30.61 -29.40
CA LEU A 811 8.35 -31.69 -28.69
C LEU A 811 7.44 -32.42 -29.64
N LYS A 812 7.07 -33.65 -29.27
CA LYS A 812 6.10 -34.42 -30.04
C LYS A 812 4.70 -33.76 -29.95
N THR A 813 4.18 -33.37 -31.11
CA THR A 813 2.83 -32.84 -31.27
C THR A 813 1.77 -33.77 -30.64
N ALA A 814 0.71 -33.18 -30.08
CA ALA A 814 -0.41 -33.95 -29.49
C ALA A 814 -1.75 -33.59 -30.13
N LYS A 815 -2.62 -34.59 -30.26
CA LYS A 815 -3.97 -34.39 -30.79
C LYS A 815 -5.01 -35.03 -29.88
N THR A 816 -6.21 -34.47 -29.89
CA THR A 816 -7.34 -35.10 -29.23
C THR A 816 -8.63 -34.59 -29.87
N THR A 817 -9.67 -35.41 -29.79
CA THR A 817 -10.98 -35.06 -30.33
C THR A 817 -12.00 -34.88 -29.21
N ILE A 818 -12.79 -33.81 -29.31
CA ILE A 818 -13.94 -33.60 -28.43
C ILE A 818 -15.18 -33.77 -29.29
N ASN A 819 -16.09 -34.62 -28.84
CA ASN A 819 -17.37 -34.85 -29.52
C ASN A 819 -18.45 -33.92 -28.98
N VAL A 820 -19.23 -33.35 -29.88
CA VAL A 820 -20.21 -32.33 -29.56
C VAL A 820 -21.58 -32.85 -30.01
N GLU A 821 -22.52 -32.91 -29.06
CA GLU A 821 -23.86 -33.49 -29.27
C GLU A 821 -24.97 -32.48 -29.01
N LEU A 822 -26.18 -32.82 -29.46
CA LEU A 822 -27.43 -32.04 -29.30
C LEU A 822 -27.49 -30.88 -30.30
N MET B 21 48.46 17.33 25.18
CA MET B 21 47.94 17.41 26.58
C MET B 21 46.40 17.29 26.58
N ALA B 22 45.87 16.52 27.53
CA ALA B 22 44.44 16.27 27.66
C ALA B 22 43.63 17.47 28.20
N SER B 23 44.28 18.30 29.02
CA SER B 23 43.66 19.51 29.60
C SER B 23 43.32 20.66 28.61
N VAL B 24 43.98 20.68 27.44
CA VAL B 24 43.66 21.66 26.37
C VAL B 24 42.73 21.10 25.26
N THR B 25 42.80 19.79 25.00
CA THR B 25 42.06 19.13 23.91
C THR B 25 40.61 18.84 24.28
N ASP B 26 39.70 19.17 23.35
CA ASP B 26 38.26 18.98 23.51
C ASP B 26 37.69 18.24 22.29
N GLY B 27 38.01 16.95 22.19
CA GLY B 27 37.51 16.07 21.11
C GLY B 27 38.17 16.26 19.75
N ILE B 28 38.99 15.29 19.33
CA ILE B 28 39.56 15.28 17.96
C ILE B 28 38.94 14.17 17.14
N SER B 29 39.05 14.31 15.81
CA SER B 29 38.48 13.36 14.87
C SER B 29 39.10 11.96 15.03
N PHE B 30 38.24 10.94 15.03
CA PHE B 30 38.66 9.53 15.02
C PHE B 30 38.13 8.81 13.77
N ASN B 31 37.91 9.59 12.71
CA ASN B 31 37.33 9.09 11.45
C ASN B 31 38.33 8.35 10.53
N GLU B 32 39.62 8.60 10.69
CA GLU B 32 40.64 8.12 9.74
C GLU B 32 40.99 6.65 9.99
N ASN B 33 41.31 5.94 8.89
CA ASN B 33 41.93 4.60 8.91
C ASN B 33 41.08 3.49 9.53
N TRP B 34 39.86 3.35 9.03
CA TRP B 34 38.97 2.26 9.40
C TRP B 34 38.97 1.20 8.31
N ARG B 35 38.46 0.02 8.64
CA ARG B 35 38.24 -1.07 7.69
C ARG B 35 36.76 -1.38 7.68
N PHE B 36 36.19 -1.58 6.50
CA PHE B 36 34.76 -1.88 6.35
C PHE B 36 34.56 -3.22 5.65
N PHE B 37 33.51 -3.94 6.03
CA PHE B 37 33.06 -5.13 5.31
C PHE B 37 31.54 -5.22 5.29
N LYS B 38 30.94 -5.31 4.10
CA LYS B 38 29.50 -5.49 3.93
C LYS B 38 29.17 -6.97 4.01
N GLY B 39 28.18 -7.32 4.81
CA GLY B 39 27.80 -8.72 5.05
C GLY B 39 28.28 -9.26 6.38
N GLU B 40 27.79 -10.44 6.75
CA GLU B 40 28.04 -11.04 8.06
C GLU B 40 29.33 -11.89 8.09
N ILE B 41 30.10 -11.77 9.18
CA ILE B 41 31.22 -12.67 9.49
C ILE B 41 31.20 -13.00 10.99
N LYS B 42 31.31 -14.29 11.32
CA LYS B 42 31.43 -14.73 12.73
C LYS B 42 32.79 -14.29 13.29
N GLY B 43 32.79 -13.84 14.54
CA GLY B 43 34.02 -13.42 15.25
C GLY B 43 34.82 -12.24 14.69
N ALA B 44 34.15 -11.26 14.07
CA ALA B 44 34.83 -10.05 13.54
C ALA B 44 35.16 -9.01 14.62
N GLU B 45 34.58 -9.17 15.81
CA GLU B 45 34.95 -8.37 17.00
C GLU B 45 36.35 -8.65 17.58
N ALA B 46 36.92 -9.82 17.30
CA ALA B 46 38.13 -10.29 17.99
C ALA B 46 39.39 -9.55 17.54
N ILE B 47 40.35 -9.45 18.46
CA ILE B 47 41.66 -8.80 18.23
C ILE B 47 42.43 -9.54 17.13
N SER B 48 42.45 -10.86 17.25
CA SER B 48 43.19 -11.74 16.34
C SER B 48 42.66 -11.80 14.90
N PHE B 49 41.38 -11.45 14.70
CA PHE B 49 40.73 -11.50 13.37
C PHE B 49 41.50 -10.73 12.30
N ASP B 50 41.71 -11.35 11.13
CA ASP B 50 42.46 -10.75 10.01
C ASP B 50 41.50 -9.95 9.15
N ASP B 51 41.83 -8.67 8.94
CA ASP B 51 41.04 -7.77 8.09
C ASP B 51 41.90 -7.10 7.00
N ASP B 52 42.91 -7.83 6.51
CA ASP B 52 43.78 -7.36 5.40
C ASP B 52 42.97 -7.23 4.12
N SER B 53 42.06 -8.18 3.90
CA SER B 53 41.15 -8.17 2.75
C SER B 53 40.16 -7.00 2.73
N TRP B 54 39.80 -6.48 3.90
CA TRP B 54 38.75 -5.45 4.05
C TRP B 54 39.12 -4.12 3.41
N ARG B 55 38.09 -3.40 2.98
CA ARG B 55 38.23 -2.10 2.34
C ARG B 55 38.70 -1.04 3.34
N LYS B 56 39.67 -0.23 2.94
CA LYS B 56 40.14 0.90 3.75
C LYS B 56 39.34 2.14 3.40
N LEU B 57 38.93 2.88 4.42
CA LEU B 57 38.18 4.12 4.24
C LEU B 57 38.22 5.00 5.47
N ASN B 58 38.00 6.29 5.25
CA ASN B 58 37.70 7.25 6.32
C ASN B 58 36.21 7.42 6.51
N LEU B 59 35.80 7.61 7.76
CA LEU B 59 34.42 7.97 8.11
C LEU B 59 34.24 9.50 7.91
N PRO B 60 33.02 10.01 7.76
CA PRO B 60 31.75 9.27 7.83
C PRO B 60 31.44 8.50 6.56
N HIS B 61 30.62 7.47 6.66
CA HIS B 61 30.40 6.54 5.56
C HIS B 61 28.96 6.06 5.50
N ASP B 62 28.36 6.13 4.30
CA ASP B 62 27.01 5.57 4.02
C ASP B 62 27.16 4.52 2.93
N TRP B 63 27.08 3.24 3.32
CA TRP B 63 27.26 2.15 2.37
C TRP B 63 26.06 1.95 1.43
N ALA B 64 24.87 2.35 1.86
CA ALA B 64 23.67 2.13 1.06
C ALA B 64 23.64 2.93 -0.24
N ILE B 65 24.30 4.09 -0.27
CA ILE B 65 24.31 4.95 -1.47
C ILE B 65 25.13 4.38 -2.64
N GLU B 66 26.00 3.43 -2.34
CA GLU B 66 26.83 2.77 -3.36
C GLU B 66 26.05 1.79 -4.24
N GLY B 67 25.04 1.12 -3.67
CA GLY B 67 24.28 0.08 -4.37
C GLY B 67 25.03 -1.24 -4.37
N GLY B 79 13.10 2.51 -2.23
CA GLY B 79 14.19 2.95 -3.09
C GLY B 79 15.41 2.06 -2.97
N LEU B 80 16.54 2.64 -2.57
CA LEU B 80 17.80 1.89 -2.42
C LEU B 80 17.79 0.99 -1.16
N PRO B 81 18.15 -0.32 -1.31
CA PRO B 81 18.27 -1.21 -0.13
C PRO B 81 19.27 -0.72 0.92
N PHE B 82 18.83 -0.76 2.18
CA PHE B 82 19.49 -0.09 3.31
C PHE B 82 19.70 -1.01 4.53
N HIS B 83 19.51 -2.31 4.35
CA HIS B 83 19.51 -3.26 5.47
C HIS B 83 20.57 -4.35 5.24
N GLY B 84 20.69 -5.27 6.19
CA GLY B 84 21.72 -6.30 6.20
C GLY B 84 22.70 -6.08 7.34
N THR B 85 23.97 -6.36 7.10
CA THR B 85 24.99 -6.30 8.14
C THR B 85 26.22 -5.54 7.63
N GLY B 86 26.85 -4.77 8.52
CA GLY B 86 28.04 -4.01 8.18
C GLY B 86 28.97 -3.89 9.37
N TRP B 87 30.25 -4.15 9.14
CA TRP B 87 31.28 -4.20 10.19
C TRP B 87 32.32 -3.12 9.92
N TYR B 88 32.73 -2.42 10.98
CA TYR B 88 33.84 -1.49 10.91
C TYR B 88 34.85 -1.89 11.96
N ARG B 89 36.13 -1.89 11.60
CA ARG B 89 37.25 -2.13 12.54
C ARG B 89 38.23 -0.99 12.41
N LYS B 90 38.75 -0.55 13.54
CA LYS B 90 39.87 0.38 13.56
C LYS B 90 40.94 -0.17 14.51
N THR B 91 42.15 -0.27 14.00
CA THR B 91 43.29 -0.75 14.76
C THR B 91 44.21 0.44 14.98
N PHE B 92 44.58 0.69 16.23
CA PHE B 92 45.36 1.88 16.57
C PHE B 92 46.26 1.68 17.80
N ILE B 93 47.40 2.35 17.80
CA ILE B 93 48.34 2.29 18.92
C ILE B 93 47.74 3.04 20.10
N GLY B 94 47.80 2.45 21.30
CA GLY B 94 47.50 3.18 22.52
C GLY B 94 48.59 4.21 22.76
N ASP B 95 48.35 5.46 22.36
CA ASP B 95 49.33 6.55 22.47
C ASP B 95 49.77 6.79 23.93
N ALA B 96 51.06 7.07 24.10
CA ALA B 96 51.66 7.19 25.45
C ALA B 96 51.06 8.36 26.27
N GLN B 97 50.67 9.42 25.57
CA GLN B 97 49.98 10.56 26.17
C GLN B 97 48.61 10.22 26.76
N TRP B 98 48.01 9.10 26.36
CA TRP B 98 46.74 8.63 26.95
C TRP B 98 46.90 7.83 28.27
N LYS B 99 48.14 7.59 28.72
CA LYS B 99 48.40 6.82 29.94
C LYS B 99 47.70 7.45 31.16
N ASP B 100 46.86 6.66 31.83
CA ASP B 100 46.04 7.11 32.98
C ASP B 100 45.01 8.22 32.67
N LYS B 101 44.68 8.39 31.38
CA LYS B 101 43.68 9.34 30.95
C LYS B 101 42.37 8.61 30.80
N ILE B 102 41.28 9.34 30.94
CA ILE B 102 39.94 8.80 30.64
C ILE B 102 39.80 8.91 29.12
N VAL B 103 39.40 7.82 28.48
CA VAL B 103 39.36 7.77 27.03
C VAL B 103 37.99 7.30 26.57
N ARG B 104 37.37 8.12 25.73
CA ARG B 104 36.03 7.83 25.23
C ARG B 104 35.96 8.05 23.72
N ILE B 105 35.16 7.21 23.06
CA ILE B 105 34.88 7.35 21.63
C ILE B 105 33.43 7.78 21.50
N GLY B 106 33.21 8.93 20.87
CA GLY B 106 31.86 9.46 20.63
C GLY B 106 31.45 9.18 19.20
N PHE B 107 30.30 8.53 19.05
CA PHE B 107 29.65 8.33 17.76
C PHE B 107 28.46 9.29 17.65
N ASP B 108 28.57 10.32 16.82
CA ASP B 108 27.42 11.20 16.53
C ASP B 108 26.23 10.44 15.90
N GLY B 109 26.51 9.35 15.21
CA GLY B 109 25.44 8.51 14.66
C GLY B 109 25.93 7.30 13.88
N ALA B 110 25.25 6.18 14.10
CA ALA B 110 25.55 4.94 13.43
C ALA B 110 24.23 4.29 13.07
N MET B 111 23.98 4.13 11.78
CA MET B 111 22.69 3.68 11.26
C MET B 111 22.74 2.23 10.81
N SER B 112 22.10 1.28 11.49
CA SER B 112 21.43 1.41 12.79
C SER B 112 21.65 0.08 13.51
N GLU B 113 21.11 -0.09 14.73
CA GLU B 113 21.31 -1.31 15.52
C GLU B 113 22.79 -1.62 15.69
N ALA B 114 23.49 -0.75 16.42
CA ALA B 114 24.94 -0.84 16.56
C ALA B 114 25.31 -1.67 17.77
N LYS B 115 26.32 -2.52 17.62
CA LYS B 115 27.02 -3.16 18.73
C LYS B 115 28.48 -2.75 18.61
N VAL B 116 29.14 -2.52 19.75
CA VAL B 116 30.52 -2.03 19.78
C VAL B 116 31.39 -2.84 20.75
N TRP B 117 32.60 -3.19 20.28
CA TRP B 117 33.57 -3.91 21.09
C TRP B 117 34.90 -3.17 21.09
N ILE B 118 35.59 -3.17 22.23
CA ILE B 118 36.98 -2.73 22.29
C ILE B 118 37.78 -3.92 22.80
N ASN B 119 38.81 -4.32 22.05
CA ASN B 119 39.66 -5.48 22.36
C ASN B 119 38.87 -6.73 22.78
N GLY B 120 37.82 -7.03 22.00
CA GLY B 120 36.99 -8.22 22.21
C GLY B 120 35.91 -8.13 23.26
N VAL B 121 35.83 -7.01 23.99
CA VAL B 121 34.85 -6.85 25.06
C VAL B 121 33.70 -5.96 24.57
N LYS B 122 32.47 -6.45 24.70
CA LYS B 122 31.28 -5.68 24.32
C LYS B 122 31.10 -4.54 25.32
N VAL B 123 31.09 -3.30 24.81
CA VAL B 123 31.01 -2.08 25.65
C VAL B 123 29.90 -1.12 25.24
N GLY B 124 29.01 -1.53 24.33
CA GLY B 124 28.03 -0.61 23.75
C GLY B 124 27.01 -1.28 22.82
N GLU B 125 25.77 -0.84 22.92
CA GLU B 125 24.70 -1.30 22.06
C GLU B 125 23.72 -0.14 21.93
N HIS B 126 23.36 0.21 20.70
CA HIS B 126 22.54 1.40 20.47
C HIS B 126 21.66 1.27 19.23
N PRO B 127 20.33 1.13 19.41
CA PRO B 127 19.48 0.88 18.24
C PRO B 127 19.16 2.09 17.34
N TYR B 128 18.87 3.25 17.93
CA TYR B 128 18.39 4.40 17.17
C TYR B 128 19.54 5.11 16.46
N GLY B 129 19.53 5.08 15.13
CA GLY B 129 20.61 5.67 14.33
C GLY B 129 20.73 7.18 14.31
N TYR B 130 19.73 7.90 14.83
CA TYR B 130 19.72 9.36 14.77
C TYR B 130 20.18 10.07 16.06
N THR B 131 20.31 9.33 17.16
CA THR B 131 20.89 9.86 18.38
C THR B 131 22.31 9.34 18.51
N GLY B 132 23.19 10.20 19.01
CA GLY B 132 24.57 9.83 19.28
C GLY B 132 24.70 8.94 20.49
N PHE B 133 25.89 8.37 20.67
CA PHE B 133 26.21 7.59 21.86
C PHE B 133 27.71 7.58 22.08
N GLU B 134 28.09 7.20 23.30
CA GLU B 134 29.46 7.29 23.76
C GLU B 134 29.91 5.98 24.42
N ILE B 135 31.14 5.56 24.18
CA ILE B 135 31.70 4.39 24.87
C ILE B 135 32.97 4.75 25.62
N ASP B 136 33.07 4.28 26.86
CA ASP B 136 34.27 4.47 27.66
C ASP B 136 35.19 3.27 27.44
N ILE B 137 36.35 3.50 26.84
CA ILE B 137 37.35 2.43 26.62
C ILE B 137 38.52 2.45 27.63
N THR B 138 38.42 3.29 28.67
CA THR B 138 39.51 3.50 29.64
C THR B 138 40.02 2.19 30.28
N LYS B 139 39.11 1.34 30.78
CA LYS B 139 39.50 0.09 31.44
C LYS B 139 40.19 -0.92 30.49
N TYR B 140 39.85 -0.87 29.21
CA TYR B 140 40.29 -1.89 28.24
C TYR B 140 41.43 -1.42 27.32
N LEU B 141 41.84 -0.16 27.45
CA LEU B 141 42.88 0.42 26.60
C LEU B 141 44.28 -0.08 26.96
N LYS B 142 45.06 -0.45 25.94
CA LYS B 142 46.43 -0.95 26.10
C LYS B 142 47.42 0.10 25.60
N ILE B 143 48.21 0.68 26.50
CA ILE B 143 49.22 1.68 26.11
C ILE B 143 50.43 0.95 25.52
N GLY B 144 50.95 1.48 24.41
CA GLY B 144 52.11 0.89 23.73
C GLY B 144 51.84 -0.20 22.71
N GLU B 145 50.69 -0.89 22.84
CA GLU B 145 50.29 -1.98 21.95
C GLU B 145 49.15 -1.57 20.99
N GLU B 146 48.73 -2.48 20.12
CA GLU B 146 47.58 -2.27 19.23
C GLU B 146 46.28 -2.48 19.98
N ASN B 147 45.26 -1.70 19.62
CA ASN B 147 43.91 -1.88 20.15
C ASN B 147 42.95 -1.97 18.98
N VAL B 148 41.92 -2.80 19.12
CA VAL B 148 40.95 -3.03 18.05
C VAL B 148 39.56 -2.63 18.51
N LEU B 149 39.05 -1.54 17.94
CA LEU B 149 37.68 -1.10 18.11
C LEU B 149 36.86 -1.67 16.95
N ALA B 150 35.82 -2.44 17.26
CA ALA B 150 34.96 -3.06 16.24
C ALA B 150 33.52 -2.60 16.40
N VAL B 151 32.83 -2.34 15.28
CA VAL B 151 31.44 -1.92 15.29
C VAL B 151 30.66 -2.75 14.28
N GLN B 152 29.60 -3.39 14.75
CA GLN B 152 28.66 -4.11 13.90
C GLN B 152 27.33 -3.37 13.89
N LEU B 153 26.85 -3.01 12.70
CA LEU B 153 25.51 -2.50 12.50
C LEU B 153 24.67 -3.57 11.82
N THR B 154 23.49 -3.83 12.38
CA THR B 154 22.52 -4.76 11.81
C THR B 154 21.16 -4.09 11.54
N PRO B 155 21.14 -3.07 10.65
CA PRO B 155 19.88 -2.41 10.31
C PRO B 155 18.90 -3.39 9.69
N ARG B 156 17.65 -3.36 10.14
CA ARG B 156 16.64 -4.31 9.70
C ARG B 156 15.88 -3.79 8.47
N ASP B 157 15.20 -4.70 7.79
CA ASP B 157 14.29 -4.31 6.72
C ASP B 157 13.06 -3.69 7.38
N LEU B 158 12.40 -2.79 6.65
CA LEU B 158 11.14 -2.16 7.08
C LEU B 158 11.29 -1.43 8.42
N SER B 159 12.42 -0.73 8.55
CA SER B 159 12.76 0.02 9.76
C SER B 159 12.64 1.54 9.55
N SER B 160 12.26 1.97 8.34
CA SER B 160 12.18 3.39 7.99
C SER B 160 11.21 3.64 6.83
N ARG B 161 10.46 4.75 6.89
CA ARG B 161 9.59 5.19 5.80
C ARG B 161 10.31 6.02 4.73
N TRP B 162 11.56 6.41 5.00
CA TRP B 162 12.38 7.15 4.02
C TRP B 162 13.79 6.54 4.02
N TYR B 163 14.64 7.01 3.12
CA TYR B 163 16.01 6.50 3.03
C TYR B 163 16.81 6.86 4.29
N PRO B 164 17.18 5.85 5.07
CA PRO B 164 17.95 6.14 6.27
C PRO B 164 19.46 6.28 6.01
N GLY B 165 19.95 5.63 4.94
CA GLY B 165 21.38 5.36 4.82
C GLY B 165 21.74 4.18 5.68
N ALA B 166 23.00 3.76 5.59
CA ALA B 166 23.51 2.66 6.42
C ALA B 166 24.99 2.86 6.63
N GLY B 167 25.42 2.79 7.89
CA GLY B 167 26.85 2.88 8.23
C GLY B 167 27.11 3.88 9.33
N ILE B 168 28.40 4.07 9.63
CA ILE B 168 28.81 5.09 10.58
C ILE B 168 28.82 6.39 9.77
N TYR B 169 27.62 6.92 9.60
CA TYR B 169 27.30 7.99 8.66
C TYR B 169 27.53 9.40 9.22
N ARG B 170 27.81 9.49 10.52
CA ARG B 170 28.21 10.75 11.15
C ARG B 170 29.57 10.60 11.78
N ASN B 171 30.11 11.73 12.22
CA ASN B 171 31.49 11.81 12.70
C ASN B 171 31.70 11.02 13.99
N VAL B 172 32.95 10.59 14.19
CA VAL B 172 33.38 9.87 15.38
C VAL B 172 34.48 10.69 16.03
N TRP B 173 34.48 10.72 17.37
CA TRP B 173 35.38 11.63 18.08
C TRP B 173 36.17 10.88 19.12
N LEU B 174 37.44 11.26 19.29
CA LEU B 174 38.29 10.73 20.33
C LEU B 174 38.38 11.76 21.44
N ARG B 175 38.11 11.34 22.67
CA ARG B 175 38.09 12.24 23.81
C ARG B 175 39.03 11.72 24.88
N VAL B 176 40.09 12.49 25.10
CA VAL B 176 41.15 12.13 26.03
C VAL B 176 41.12 13.18 27.14
N ASP B 177 40.75 12.76 28.34
CA ASP B 177 40.67 13.68 29.48
C ASP B 177 41.47 13.24 30.70
N ASN B 178 41.80 14.23 31.52
CA ASN B 178 42.22 14.00 32.90
C ASN B 178 41.01 13.56 33.73
N LYS B 179 41.26 13.18 34.98
CA LYS B 179 40.25 12.54 35.79
C LYS B 179 39.23 13.50 36.41
N VAL B 180 39.44 14.81 36.28
CA VAL B 180 38.40 15.80 36.59
C VAL B 180 38.10 16.51 35.29
N TYR B 181 36.87 16.45 34.82
CA TYR B 181 36.57 16.90 33.47
C TYR B 181 35.08 17.08 33.28
N ILE B 182 34.73 17.83 32.23
CA ILE B 182 33.34 18.02 31.83
C ILE B 182 32.91 16.85 30.95
N PRO B 183 31.89 16.08 31.38
CA PRO B 183 31.43 14.94 30.58
C PRO B 183 30.65 15.35 29.32
N GLU B 184 30.14 14.38 28.55
CA GLU B 184 29.44 14.72 27.29
C GLU B 184 28.19 15.59 27.56
N HIS B 185 28.06 16.64 26.74
CA HIS B 185 26.96 17.60 26.85
C HIS B 185 26.94 18.32 28.21
N GLY B 186 28.12 18.52 28.80
CA GLY B 186 28.23 18.95 30.19
C GLY B 186 28.09 20.43 30.47
N VAL B 187 27.81 21.23 29.44
CA VAL B 187 27.60 22.66 29.59
C VAL B 187 26.28 23.05 28.95
N TYR B 188 25.53 23.90 29.65
CA TYR B 188 24.18 24.30 29.26
C TYR B 188 24.08 25.83 29.39
N VAL B 189 24.04 26.51 28.25
CA VAL B 189 24.02 27.98 28.19
C VAL B 189 22.61 28.46 27.85
N THR B 190 22.11 29.40 28.64
CA THR B 190 20.83 30.06 28.40
C THR B 190 21.00 31.56 28.57
N THR B 191 19.98 32.30 28.16
CA THR B 191 20.00 33.75 28.21
C THR B 191 18.67 34.27 28.75
N PRO B 192 18.51 34.29 30.10
CA PRO B 192 17.23 34.67 30.68
C PRO B 192 16.81 36.14 30.54
N THR B 193 17.76 37.02 30.23
CA THR B 193 17.48 38.41 29.87
C THR B 193 18.19 38.70 28.56
N VAL B 194 17.45 39.26 27.61
CA VAL B 194 18.00 39.74 26.34
C VAL B 194 17.34 41.08 25.99
N THR B 195 18.09 42.14 26.19
CA THR B 195 17.74 43.47 25.69
C THR B 195 18.94 44.04 24.93
N LYS B 196 18.68 45.13 24.24
CA LYS B 196 19.68 45.85 23.46
C LYS B 196 20.86 46.35 24.31
N SER B 197 20.55 46.83 25.50
CA SER B 197 21.56 47.34 26.42
C SER B 197 22.30 46.25 27.19
N LYS B 198 21.59 45.16 27.48
CA LYS B 198 22.13 44.10 28.31
C LYS B 198 21.45 42.78 28.03
N ALA B 199 22.28 41.76 27.81
CA ALA B 199 21.84 40.37 27.90
C ALA B 199 22.50 39.78 29.12
N VAL B 200 21.89 38.74 29.69
CA VAL B 200 22.49 37.95 30.77
C VAL B 200 22.65 36.54 30.26
N VAL B 201 23.86 36.00 30.40
CA VAL B 201 24.17 34.66 30.01
C VAL B 201 24.28 33.80 31.27
N GLN B 202 23.43 32.78 31.35
CA GLN B 202 23.41 31.81 32.45
C GLN B 202 24.07 30.52 31.95
N ILE B 203 24.97 29.96 32.77
CA ILE B 203 25.74 28.80 32.39
C ILE B 203 25.71 27.77 33.49
N GLU B 204 25.29 26.56 33.16
CA GLU B 204 25.33 25.41 34.07
C GLU B 204 26.48 24.52 33.65
N THR B 205 27.39 24.24 34.58
CA THR B 205 28.55 23.42 34.32
C THR B 205 28.41 22.10 35.06
N THR B 206 28.67 21.00 34.34
CA THR B 206 28.70 19.67 34.92
C THR B 206 30.16 19.24 34.97
N VAL B 207 30.59 18.75 36.13
CA VAL B 207 31.97 18.27 36.33
C VAL B 207 31.99 16.86 36.92
N LYS B 208 32.69 15.96 36.24
CA LYS B 208 32.83 14.57 36.68
C LYS B 208 34.16 14.48 37.44
N ASN B 209 34.12 13.89 38.63
CA ASN B 209 35.29 13.60 39.42
C ASN B 209 35.56 12.08 39.39
N ALA B 210 36.48 11.66 38.53
CA ALA B 210 36.89 10.27 38.43
C ALA B 210 38.15 9.95 39.26
N THR B 211 38.49 10.80 40.24
CA THR B 211 39.58 10.52 41.18
C THR B 211 39.02 9.74 42.37
N PHE B 212 39.90 9.37 43.28
CA PHE B 212 39.50 8.70 44.53
C PHE B 212 39.12 9.69 45.65
N GLY B 213 39.47 10.96 45.50
CA GLY B 213 39.25 11.98 46.53
C GLY B 213 38.15 12.98 46.20
N ASN B 214 37.49 13.50 47.24
CA ASN B 214 36.61 14.67 47.11
C ASN B 214 37.43 15.91 46.70
N GLY B 215 36.84 16.77 45.88
CA GLY B 215 37.51 17.98 45.42
C GLY B 215 36.61 19.19 45.30
N LYS B 216 37.24 20.35 45.40
CA LYS B 216 36.63 21.63 45.10
C LYS B 216 37.37 22.15 43.84
N PHE B 217 36.61 22.37 42.76
CA PHE B 217 37.19 22.75 41.46
C PHE B 217 36.71 24.11 41.04
N ASN B 218 37.63 24.95 40.58
CA ASN B 218 37.29 26.26 40.08
C ASN B 218 37.00 26.15 38.58
N ILE B 219 36.09 27.00 38.12
CA ILE B 219 35.66 27.03 36.74
C ILE B 219 35.92 28.44 36.22
N ARG B 220 36.50 28.55 35.03
CA ARG B 220 36.67 29.84 34.35
C ARG B 220 35.95 29.85 33.00
N HIS B 221 34.86 30.61 32.90
CA HIS B 221 34.12 30.78 31.66
C HIS B 221 34.65 32.03 30.93
N SER B 222 35.20 31.83 29.73
CA SER B 222 35.62 32.94 28.89
C SER B 222 34.66 33.06 27.73
N ILE B 223 33.97 34.19 27.62
CA ILE B 223 33.06 34.45 26.53
C ILE B 223 33.83 35.22 25.47
N ILE B 224 33.85 34.65 24.28
CA ILE B 224 34.74 35.05 23.20
C ILE B 224 33.87 35.52 22.04
N ASN B 225 34.17 36.71 21.52
CA ASN B 225 33.37 37.28 20.43
C ASN B 225 33.81 36.69 19.07
N ALA B 226 33.16 37.17 18.00
CA ALA B 226 33.40 36.66 16.66
C ALA B 226 34.82 36.95 16.13
N GLN B 227 35.51 37.91 16.73
CA GLN B 227 36.91 38.23 16.39
C GLN B 227 37.93 37.36 17.14
N GLY B 228 37.47 36.49 18.03
CA GLY B 228 38.38 35.70 18.86
C GLY B 228 38.89 36.42 20.10
N GLU B 229 38.28 37.57 20.46
CA GLU B 229 38.64 38.30 21.67
C GLU B 229 37.76 37.93 22.87
N THR B 230 38.39 37.64 24.01
CA THR B 230 37.67 37.41 25.25
C THR B 230 37.14 38.74 25.75
N VAL B 231 35.81 38.89 25.72
CA VAL B 231 35.13 40.12 26.15
C VAL B 231 34.52 40.02 27.57
N ALA B 232 34.38 38.81 28.10
CA ALA B 232 33.88 38.63 29.46
C ALA B 232 34.39 37.33 30.08
N ILE B 233 34.63 37.37 31.39
CA ILE B 233 35.04 36.19 32.16
C ILE B 233 34.16 35.99 33.41
N LEU B 234 33.57 34.82 33.52
CA LEU B 234 32.72 34.43 34.64
C LEU B 234 33.41 33.31 35.41
N ASN B 235 33.58 33.53 36.70
CA ASN B 235 34.08 32.50 37.60
C ASN B 235 32.97 31.77 38.35
N ASP B 236 33.16 30.48 38.55
CA ASP B 236 32.26 29.64 39.33
C ASP B 236 33.15 28.59 39.98
N ASN B 237 32.53 27.73 40.79
CA ASN B 237 33.19 26.57 41.34
C ASN B 237 32.15 25.52 41.71
N VAL B 238 32.62 24.31 41.92
CA VAL B 238 31.76 23.19 42.24
C VAL B 238 32.54 22.21 43.09
N GLU B 239 31.85 21.64 44.08
CA GLU B 239 32.42 20.61 44.92
C GLU B 239 31.82 19.29 44.46
N VAL B 240 32.67 18.32 44.12
CA VAL B 240 32.21 17.01 43.65
C VAL B 240 32.93 15.84 44.34
N ALA B 241 32.13 14.92 44.87
CA ALA B 241 32.67 13.71 45.52
C ALA B 241 33.32 12.75 44.53
N ALA B 242 34.24 11.95 45.04
CA ALA B 242 34.95 10.92 44.30
C ALA B 242 33.98 9.99 43.58
N GLY B 243 34.25 9.70 42.31
CA GLY B 243 33.37 8.85 41.50
C GLY B 243 32.02 9.44 41.15
N GLU B 244 31.79 10.71 41.44
CA GLU B 244 30.48 11.32 41.25
C GLU B 244 30.56 12.50 40.28
N GLN B 245 29.40 13.08 39.99
CA GLN B 245 29.20 14.16 39.04
C GLN B 245 28.53 15.31 39.77
N GLY B 246 28.93 16.55 39.52
CA GLY B 246 28.31 17.72 40.17
C GLY B 246 27.92 18.81 39.19
N LYS B 247 26.94 19.63 39.56
CA LYS B 247 26.44 20.71 38.71
C LYS B 247 26.46 22.04 39.43
N THR B 248 26.79 23.10 38.72
CA THR B 248 26.77 24.44 39.27
C THR B 248 26.27 25.46 38.24
N LEU B 249 25.57 26.49 38.74
CA LEU B 249 25.00 27.54 37.90
C LEU B 249 25.59 28.89 38.22
N ALA B 250 25.85 29.68 37.17
CA ALA B 250 26.30 31.05 37.31
C ALA B 250 25.80 31.89 36.14
N TYR B 251 25.84 33.21 36.30
CA TYR B 251 25.45 34.14 35.24
C TYR B 251 26.44 35.32 35.15
N ILE B 252 26.45 35.96 34.00
CA ILE B 252 27.26 37.14 33.76
C ILE B 252 26.54 38.10 32.81
N ASN B 253 26.72 39.40 33.07
CA ASN B 253 26.16 40.46 32.23
C ASN B 253 27.00 40.70 30.99
N MET B 254 26.31 40.81 29.86
CA MET B 254 26.89 41.16 28.56
C MET B 254 26.23 42.46 28.15
N LEU B 255 26.94 43.58 28.32
CA LEU B 255 26.40 44.90 27.95
C LEU B 255 26.52 45.08 26.44
N ASN B 256 25.55 45.78 25.86
CA ASN B 256 25.50 46.02 24.41
C ASN B 256 25.77 44.76 23.57
N PRO B 257 25.07 43.67 23.90
CA PRO B 257 25.33 42.38 23.24
C PRO B 257 25.07 42.39 21.74
N ASN B 258 25.78 41.52 21.02
CA ASN B 258 25.51 41.26 19.63
C ASN B 258 24.40 40.21 19.59
N ILE B 259 23.20 40.64 19.21
CA ILE B 259 22.00 39.83 19.29
C ILE B 259 21.94 38.87 18.10
N TRP B 260 21.76 37.59 18.36
CA TRP B 260 21.49 36.62 17.30
C TRP B 260 20.09 36.86 16.71
N GLY B 261 20.04 37.10 15.40
CA GLY B 261 18.79 37.28 14.66
C GLY B 261 18.93 36.69 13.28
N GLN B 262 17.84 36.67 12.51
CA GLN B 262 17.82 36.00 11.20
C GLN B 262 18.66 36.73 10.16
N LYS B 263 18.62 38.08 10.17
CA LYS B 263 19.47 38.89 9.30
C LYS B 263 20.94 38.92 9.78
N ASN B 264 21.19 38.94 11.10
CA ASN B 264 22.54 38.95 11.66
C ASN B 264 22.71 37.81 12.69
N PRO B 265 23.09 36.61 12.23
CA PRO B 265 23.15 35.45 13.14
C PRO B 265 24.49 35.38 13.89
N TYR B 266 24.70 36.35 14.78
CA TYR B 266 25.95 36.50 15.51
C TYR B 266 26.12 35.38 16.55
N MET B 267 27.28 34.72 16.49
CA MET B 267 27.62 33.61 17.37
C MET B 267 28.80 33.99 18.27
N TYR B 268 28.64 33.70 19.57
CA TYR B 268 29.72 33.71 20.54
C TYR B 268 30.29 32.31 20.70
N LYS B 269 31.45 32.24 21.33
CA LYS B 269 32.09 30.99 21.71
C LYS B 269 32.36 31.04 23.21
N LEU B 270 32.03 29.97 23.91
CA LEU B 270 32.27 29.86 25.34
C LEU B 270 33.40 28.87 25.53
N LYS B 271 34.42 29.30 26.26
CA LYS B 271 35.54 28.46 26.63
C LYS B 271 35.47 28.22 28.13
N THR B 272 35.19 26.97 28.50
CA THR B 272 35.12 26.60 29.90
C THR B 272 36.35 25.79 30.30
N GLU B 273 37.07 26.32 31.28
CA GLU B 273 38.30 25.72 31.78
C GLU B 273 38.07 25.30 33.22
N ILE B 274 38.46 24.07 33.53
CA ILE B 274 38.32 23.50 34.87
C ILE B 274 39.68 23.48 35.55
N TYR B 275 39.68 23.76 36.85
CA TYR B 275 40.89 23.87 37.63
C TYR B 275 40.78 23.06 38.91
N ASP B 276 41.85 22.30 39.19
CA ASP B 276 42.07 21.64 40.45
C ASP B 276 43.27 22.34 41.07
N GLY B 277 43.00 23.28 41.98
CA GLY B 277 44.01 24.19 42.50
C GLY B 277 44.56 25.06 41.38
N LYS B 278 45.88 25.13 41.27
CA LYS B 278 46.52 25.89 40.18
C LYS B 278 46.51 25.18 38.83
N ASP B 279 46.21 23.88 38.82
CA ASP B 279 46.35 23.06 37.61
C ASP B 279 45.09 23.02 36.75
N LEU B 280 45.26 23.29 35.47
CA LEU B 280 44.21 23.11 34.48
C LEU B 280 43.97 21.63 34.29
N THR B 281 42.74 21.16 34.50
CA THR B 281 42.38 19.76 34.23
C THR B 281 41.66 19.57 32.91
N ASP B 282 40.86 20.54 32.48
CA ASP B 282 40.01 20.39 31.28
C ASP B 282 39.68 21.72 30.65
N THR B 283 39.47 21.68 29.33
CA THR B 283 39.03 22.83 28.56
C THR B 283 37.91 22.35 27.62
N TYR B 284 36.77 23.04 27.63
CA TYR B 284 35.55 22.57 26.94
C TYR B 284 34.82 23.75 26.29
N PHE B 285 34.65 23.69 24.96
CA PHE B 285 34.04 24.77 24.19
C PHE B 285 32.54 24.54 23.89
N THR B 286 31.74 25.61 23.98
CA THR B 286 30.32 25.62 23.60
C THR B 286 30.08 26.84 22.71
N ASP B 287 29.48 26.64 21.54
CA ASP B 287 29.05 27.76 20.69
C ASP B 287 27.63 28.14 21.12
N PHE B 288 27.35 29.45 21.16
CA PHE B 288 26.01 29.92 21.50
C PHE B 288 25.68 31.28 20.88
N GLY B 289 24.39 31.60 20.89
CA GLY B 289 23.85 32.88 20.45
C GLY B 289 23.02 33.51 21.56
N ILE B 290 22.79 34.82 21.42
CA ILE B 290 22.00 35.59 22.38
C ILE B 290 20.74 36.08 21.66
N ARG B 291 19.62 35.42 21.95
CA ARG B 291 18.30 35.82 21.45
C ARG B 291 17.24 35.37 22.44
N LYS B 292 16.15 36.14 22.54
CA LYS B 292 14.98 35.73 23.33
C LYS B 292 13.89 35.20 22.42
N ILE B 293 13.19 34.18 22.88
CA ILE B 293 12.02 33.68 22.19
C ILE B 293 10.86 33.63 23.16
N CYS B 294 9.66 33.69 22.60
CA CYS B 294 8.43 33.82 23.37
C CYS B 294 7.30 33.40 22.43
N PHE B 295 6.24 32.83 23.00
CA PHE B 295 5.04 32.53 22.25
C PHE B 295 3.78 32.79 23.08
N THR B 296 2.71 33.14 22.38
CA THR B 296 1.37 33.11 22.94
C THR B 296 0.51 32.32 21.96
N LYS B 297 -0.75 32.17 22.32
CA LYS B 297 -1.76 31.59 21.39
C LYS B 297 -1.96 32.41 20.08
N ASP B 298 -1.48 33.66 20.05
CA ASP B 298 -1.56 34.49 18.85
C ASP B 298 -0.30 34.57 18.02
N GLY B 299 0.77 33.91 18.45
CA GLY B 299 1.95 33.77 17.61
C GLY B 299 3.25 33.58 18.34
N PHE B 300 4.32 33.56 17.56
CA PHE B 300 5.66 33.30 18.05
C PHE B 300 6.48 34.57 17.87
N PHE B 301 7.41 34.82 18.80
CA PHE B 301 8.17 36.08 18.82
C PHE B 301 9.66 35.80 19.00
N LEU B 302 10.46 36.43 18.16
CA LEU B 302 11.91 36.37 18.22
C LEU B 302 12.43 37.78 18.47
N ASN B 303 13.17 37.95 19.57
CA ASN B 303 13.72 39.25 19.98
C ASN B 303 12.68 40.37 20.06
N GLY B 304 11.53 40.03 20.66
CA GLY B 304 10.44 40.96 20.86
C GLY B 304 9.54 41.26 19.67
N GLU B 305 9.78 40.62 18.52
CA GLU B 305 9.01 40.87 17.30
C GLU B 305 8.36 39.59 16.79
N LYS B 306 7.14 39.73 16.29
CA LYS B 306 6.51 38.72 15.44
C LYS B 306 7.49 38.07 14.47
N ILE B 307 7.55 36.74 14.53
CA ILE B 307 8.22 35.94 13.51
C ILE B 307 7.18 34.98 12.93
N ARG B 308 7.18 34.87 11.61
CA ARG B 308 6.34 33.93 10.87
C ARG B 308 7.23 32.92 10.17
N PHE B 309 6.81 31.67 10.18
CA PHE B 309 7.58 30.59 9.60
C PHE B 309 7.26 30.39 8.12
N ASN B 310 8.21 30.80 7.29
CA ASN B 310 8.30 30.41 5.90
C ASN B 310 9.22 29.19 5.91
N GLY B 311 8.65 28.04 6.28
CA GLY B 311 9.44 26.87 6.63
C GLY B 311 9.43 25.73 5.63
N VAL B 312 10.41 24.86 5.77
CA VAL B 312 10.47 23.62 5.01
C VAL B 312 10.82 22.44 5.92
N CYS B 313 10.24 21.28 5.61
CA CYS B 313 10.72 20.02 6.08
C CYS B 313 11.85 19.56 5.16
N LEU B 314 12.87 18.95 5.76
CA LEU B 314 13.95 18.31 5.01
C LEU B 314 14.28 17.00 5.66
N HIS B 315 14.45 15.96 4.84
CA HIS B 315 15.12 14.73 5.29
C HIS B 315 16.65 14.88 5.29
N HIS B 316 17.32 13.95 5.96
CA HIS B 316 18.77 14.09 6.28
C HIS B 316 19.75 13.79 5.14
N ASP B 317 19.34 12.99 4.14
CA ASP B 317 20.21 12.68 3.00
C ASP B 317 20.51 13.93 2.16
N ASN B 318 21.61 13.88 1.42
CA ASN B 318 21.94 14.89 0.39
C ASN B 318 22.00 14.27 -1.01
N GLY B 319 21.05 13.39 -1.30
CA GLY B 319 20.85 12.88 -2.66
C GLY B 319 22.04 12.07 -3.18
N PRO B 320 22.73 12.57 -4.23
CA PRO B 320 23.92 11.85 -4.70
C PRO B 320 25.00 11.63 -3.64
N MET B 321 25.13 12.57 -2.69
CA MET B 321 26.10 12.46 -1.62
C MET B 321 25.76 11.45 -0.53
N GLY B 322 24.55 10.88 -0.56
CA GLY B 322 24.13 9.93 0.46
C GLY B 322 23.91 10.58 1.82
N ALA B 323 23.89 9.76 2.87
CA ALA B 323 23.65 10.21 4.25
C ALA B 323 24.90 10.60 5.04
N ALA B 324 26.10 10.27 4.53
CA ALA B 324 27.34 10.64 5.22
C ALA B 324 27.40 12.15 5.38
N VAL B 325 27.71 12.61 6.59
CA VAL B 325 27.74 14.05 6.89
C VAL B 325 28.76 14.74 5.98
N ASN B 326 28.31 15.80 5.32
CA ASN B 326 29.18 16.65 4.54
C ASN B 326 28.71 18.10 4.71
N VAL B 327 29.58 18.95 5.26
CA VAL B 327 29.22 20.31 5.65
C VAL B 327 28.82 21.14 4.42
N ARG B 328 29.59 21.05 3.33
CA ARG B 328 29.26 21.82 2.13
C ARG B 328 27.91 21.42 1.52
N ALA B 329 27.64 20.12 1.46
CA ALA B 329 26.35 19.65 0.93
C ALA B 329 25.18 20.28 1.71
N ASP B 330 25.23 20.23 3.04
CA ASP B 330 24.18 20.86 3.88
C ASP B 330 24.16 22.38 3.69
N GLU B 331 25.32 23.02 3.67
CA GLU B 331 25.40 24.48 3.51
C GLU B 331 24.71 24.91 2.21
N ARG B 332 25.00 24.21 1.13
CA ARG B 332 24.38 24.47 -0.16
C ARG B 332 22.87 24.30 -0.08
N LYS B 333 22.45 23.19 0.52
CA LYS B 333 21.02 22.92 0.65
C LYS B 333 20.31 24.09 1.34
N LEU B 334 20.88 24.54 2.45
CA LEU B 334 20.37 25.65 3.23
C LEU B 334 20.46 27.02 2.54
N GLN B 335 21.56 27.27 1.83
CA GLN B 335 21.70 28.50 1.04
C GLN B 335 20.62 28.62 -0.06
N ILE B 336 20.38 27.52 -0.77
CA ILE B 336 19.33 27.47 -1.80
C ILE B 336 17.95 27.71 -1.18
N MET B 337 17.69 27.06 -0.05
CA MET B 337 16.47 27.30 0.70
C MET B 337 16.33 28.76 1.10
N LYS B 338 17.40 29.37 1.61
CA LYS B 338 17.37 30.80 1.95
C LYS B 338 17.09 31.74 0.74
N GLU B 339 17.59 31.39 -0.44
CA GLU B 339 17.22 32.12 -1.69
C GLU B 339 15.72 32.03 -2.02
N MET B 340 15.09 30.92 -1.65
CA MET B 340 13.64 30.73 -1.82
C MET B 340 12.81 31.57 -0.83
N GLY B 341 13.46 32.13 0.19
CA GLY B 341 12.79 32.87 1.25
C GLY B 341 12.59 32.09 2.55
N VAL B 342 13.19 30.91 2.64
CA VAL B 342 13.02 30.05 3.82
C VAL B 342 13.76 30.65 5.03
N ASN B 343 13.06 30.70 6.18
CA ASN B 343 13.68 31.14 7.43
C ASN B 343 13.56 30.11 8.56
N ALA B 344 13.08 28.90 8.24
CA ALA B 344 12.77 27.91 9.26
C ALA B 344 12.81 26.50 8.72
N ILE B 345 13.32 25.59 9.54
CA ILE B 345 13.50 24.19 9.19
C ILE B 345 12.83 23.31 10.24
N ARG B 346 12.13 22.27 9.80
CA ARG B 346 11.60 21.22 10.65
C ARG B 346 12.38 19.95 10.32
N THR B 347 13.02 19.33 11.32
CA THR B 347 13.90 18.19 11.09
C THR B 347 13.12 16.88 11.01
N SER B 348 12.30 16.79 9.96
CA SER B 348 11.51 15.60 9.68
C SER B 348 12.39 14.35 9.50
N HIS B 349 12.21 13.26 10.23
CA HIS B 349 11.41 13.17 11.46
C HIS B 349 12.30 12.55 12.52
N ASN B 350 13.38 13.27 12.82
CA ASN B 350 14.50 12.73 13.58
C ASN B 350 15.54 13.82 13.88
N PRO B 351 16.39 13.59 14.91
CA PRO B 351 17.47 14.53 15.15
C PRO B 351 18.40 14.62 13.96
N PRO B 352 18.78 15.84 13.56
CA PRO B 352 19.73 15.98 12.48
C PRO B 352 21.16 15.79 13.00
N SER B 353 22.15 15.91 12.11
CA SER B 353 23.53 15.93 12.52
C SER B 353 23.82 17.24 13.27
N PRO B 354 24.80 17.24 14.19
CA PRO B 354 25.27 18.48 14.82
C PRO B 354 25.71 19.56 13.83
N GLU B 355 26.31 19.11 12.73
CA GLU B 355 26.86 20.02 11.72
C GLU B 355 25.76 20.79 10.99
N PHE B 356 24.63 20.14 10.76
CA PHE B 356 23.46 20.78 10.19
C PHE B 356 22.95 21.92 11.10
N LEU B 357 22.91 21.67 12.41
CA LEU B 357 22.45 22.67 13.38
C LEU B 357 23.48 23.79 13.57
N ASP B 358 24.78 23.48 13.45
CA ASP B 358 25.80 24.55 13.45
C ASP B 358 25.58 25.48 12.27
N LEU B 359 25.32 24.90 11.11
CA LEU B 359 24.98 25.71 9.93
C LEU B 359 23.73 26.56 10.15
N CYS B 360 22.67 25.98 10.70
CA CYS B 360 21.45 26.74 10.94
C CYS B 360 21.70 27.92 11.87
N ASP B 361 22.47 27.67 12.94
CA ASP B 361 22.89 28.72 13.88
C ASP B 361 23.58 29.86 13.13
N ARG B 362 24.58 29.49 12.34
CA ARG B 362 25.42 30.45 11.63
C ARG B 362 24.70 31.13 10.48
N MET B 363 23.59 30.54 10.00
CA MET B 363 22.83 31.04 8.86
C MET B 363 21.51 31.71 9.28
N GLY B 364 21.21 31.76 10.58
CA GLY B 364 20.04 32.48 11.07
C GLY B 364 18.69 31.80 10.91
N LEU B 365 18.68 30.50 10.68
CA LEU B 365 17.45 29.75 10.53
C LEU B 365 16.97 29.29 11.90
N VAL B 366 15.67 29.29 12.10
CA VAL B 366 15.09 28.72 13.31
C VAL B 366 14.66 27.29 13.04
N VAL B 367 14.74 26.45 14.07
CA VAL B 367 14.62 25.00 13.87
C VAL B 367 13.61 24.37 14.83
N LEU B 368 12.76 23.51 14.28
CA LEU B 368 11.93 22.60 15.06
C LEU B 368 12.67 21.27 15.07
N ASP B 369 13.23 20.91 16.22
CA ASP B 369 14.11 19.76 16.37
C ASP B 369 13.22 18.57 16.79
N GLU B 370 13.06 17.61 15.87
CA GLU B 370 12.09 16.51 16.03
C GLU B 370 12.70 15.17 16.43
N ALA B 371 12.07 14.50 17.39
CA ALA B 371 12.63 13.29 18.01
C ALA B 371 12.34 11.98 17.28
N PHE B 372 11.05 11.72 17.03
CA PHE B 372 10.57 10.41 16.62
C PHE B 372 9.49 10.49 15.54
N ASP B 373 9.38 9.44 14.74
CA ASP B 373 8.31 9.28 13.75
C ASP B 373 7.21 8.31 14.23
N GLU B 374 7.47 7.52 15.28
CA GLU B 374 6.42 6.74 15.94
C GLU B 374 6.75 6.57 17.42
N TRP B 375 5.72 6.25 18.23
CA TRP B 375 5.90 6.04 19.67
C TRP B 375 5.70 4.55 20.05
N THR B 376 4.61 4.17 20.73
CA THR B 376 4.37 2.76 21.09
C THR B 376 3.72 1.95 19.95
N LYS B 377 2.98 2.61 19.05
CA LYS B 377 2.28 1.93 17.96
C LYS B 377 3.07 2.03 16.67
N ALA B 378 3.19 0.92 15.95
CA ALA B 378 4.06 0.83 14.78
C ALA B 378 3.42 1.41 13.52
N LYS B 379 4.20 2.20 12.78
CA LYS B 379 3.94 2.50 11.37
C LYS B 379 4.63 1.51 10.45
N VAL B 380 5.83 1.08 10.84
CA VAL B 380 6.61 0.09 10.10
C VAL B 380 7.07 -1.01 11.06
N ASP B 381 7.22 -2.22 10.54
CA ASP B 381 7.40 -3.42 11.38
C ASP B 381 8.59 -3.33 12.34
N ASN B 382 9.69 -2.73 11.88
CA ASN B 382 10.90 -2.60 12.70
C ASN B 382 11.27 -1.15 13.03
N GLY B 383 10.23 -0.33 13.25
CA GLY B 383 10.40 1.07 13.61
C GLY B 383 10.67 1.25 15.09
N TYR B 384 10.78 2.51 15.50
CA TYR B 384 11.15 2.89 16.86
C TYR B 384 10.27 2.29 17.96
N HIS B 385 9.03 1.90 17.65
CA HIS B 385 8.16 1.20 18.62
C HIS B 385 8.80 -0.02 19.27
N LEU B 386 9.73 -0.69 18.58
CA LEU B 386 10.48 -1.79 19.18
C LEU B 386 11.29 -1.32 20.37
N TYR B 387 11.80 -0.09 20.29
CA TYR B 387 12.72 0.44 21.29
C TYR B 387 12.08 1.41 22.26
N PHE B 388 10.86 1.87 21.96
CA PHE B 388 10.30 3.04 22.63
C PHE B 388 10.31 2.97 24.14
N ASP B 389 9.71 1.93 24.72
CA ASP B 389 9.55 2.01 26.17
C ASP B 389 10.85 1.72 26.96
N GLU B 390 11.84 1.09 26.33
CA GLU B 390 13.18 1.00 26.91
C GLU B 390 14.06 2.24 26.61
N TRP B 391 13.88 2.87 25.45
CA TRP B 391 14.81 3.91 24.96
C TRP B 391 14.29 5.35 24.82
N SER B 392 12.98 5.58 24.91
CA SER B 392 12.40 6.89 24.55
C SER B 392 12.89 8.03 25.45
N LYS B 393 12.92 7.78 26.76
CA LYS B 393 13.46 8.77 27.69
C LYS B 393 14.94 9.05 27.39
N LYS B 394 15.74 7.99 27.26
CA LYS B 394 17.17 8.11 26.93
C LYS B 394 17.43 8.91 25.66
N ASP B 395 16.70 8.59 24.60
CA ASP B 395 16.92 9.24 23.31
C ASP B 395 16.41 10.68 23.24
N LEU B 396 15.25 10.95 23.82
CA LEU B 396 14.76 12.31 23.88
C LEU B 396 15.67 13.15 24.80
N THR B 397 16.09 12.56 25.92
CA THR B 397 17.05 13.19 26.81
C THR B 397 18.32 13.52 26.05
N SER B 398 18.85 12.55 25.33
CA SER B 398 20.06 12.72 24.53
C SER B 398 19.95 13.90 23.55
N LEU B 399 18.85 13.92 22.80
CA LEU B 399 18.58 14.98 21.84
C LEU B 399 18.64 16.37 22.48
N ILE B 400 17.97 16.51 23.63
CA ILE B 400 17.86 17.80 24.31
C ILE B 400 19.19 18.21 24.93
N MET B 401 19.88 17.26 25.58
CA MET B 401 21.25 17.49 26.09
C MET B 401 22.17 17.95 24.98
N ARG B 402 22.08 17.26 23.84
CA ARG B 402 22.94 17.56 22.68
C ARG B 402 22.66 18.93 22.09
N ASP B 403 21.39 19.28 21.94
CA ASP B 403 21.01 20.45 21.14
C ASP B 403 20.53 21.70 21.88
N ARG B 404 20.41 21.65 23.21
CA ARG B 404 19.84 22.79 23.94
C ARG B 404 20.70 24.06 24.02
N ASN B 405 21.89 24.07 23.41
CA ASN B 405 22.70 25.29 23.29
C ASN B 405 22.63 25.99 21.91
N HIS B 406 22.02 25.33 20.92
CA HIS B 406 21.94 25.89 19.57
C HIS B 406 20.98 27.06 19.58
N PRO B 407 21.43 28.27 19.18
CA PRO B 407 20.43 29.34 19.05
C PRO B 407 19.35 29.08 17.98
N SER B 408 19.67 28.30 16.95
CA SER B 408 18.71 28.01 15.88
C SER B 408 17.46 27.27 16.36
N VAL B 409 17.60 26.43 17.38
CA VAL B 409 16.52 25.55 17.82
C VAL B 409 15.52 26.35 18.65
N ILE B 410 14.26 26.30 18.23
CA ILE B 410 13.19 27.03 18.92
C ILE B 410 12.06 26.16 19.43
N MET B 411 11.95 24.91 18.98
CA MET B 411 10.97 23.97 19.51
C MET B 411 11.53 22.58 19.53
N TRP B 412 11.04 21.77 20.48
CA TRP B 412 11.28 20.35 20.50
C TRP B 412 10.01 19.68 19.97
N SER B 413 10.07 19.06 18.80
CA SER B 413 8.95 18.27 18.31
C SER B 413 9.07 16.83 18.82
N ILE B 414 8.10 16.41 19.62
CA ILE B 414 8.12 15.07 20.22
C ILE B 414 7.66 13.94 19.30
N GLY B 415 7.03 14.28 18.18
CA GLY B 415 6.52 13.25 17.28
C GLY B 415 5.94 13.80 15.98
N ASN B 416 5.81 12.89 15.01
CA ASN B 416 5.19 13.17 13.73
C ASN B 416 4.12 12.13 13.41
N GLU B 417 2.88 12.60 13.21
CA GLU B 417 1.76 11.78 12.73
C GLU B 417 1.64 10.43 13.46
N ILE B 418 1.89 10.48 14.77
CA ILE B 418 1.89 9.29 15.60
C ILE B 418 0.49 8.69 15.67
N LEU B 419 0.43 7.37 15.72
CA LEU B 419 -0.83 6.63 15.71
C LEU B 419 -1.61 6.73 17.02
N GLU B 420 -0.94 7.13 18.10
CA GLU B 420 -1.64 7.37 19.38
C GLU B 420 -2.70 8.49 19.31
N GLN B 421 -2.65 9.34 18.27
CA GLN B 421 -3.69 10.32 17.98
C GLN B 421 -5.14 9.76 18.02
N SER B 422 -5.31 8.53 17.51
CA SER B 422 -6.62 7.88 17.53
C SER B 422 -6.92 6.98 18.75
N ASP B 423 -5.93 6.73 19.63
N ASP B 423 -5.93 6.75 19.62
CA ASP B 423 -6.19 6.10 20.95
CA ASP B 423 -6.17 6.11 20.92
C ASP B 423 -6.91 7.12 21.83
C ASP B 423 -6.90 7.08 21.85
N LYS B 424 -8.24 7.06 21.77
CA LYS B 424 -9.08 8.02 22.47
C LYS B 424 -8.81 8.09 23.98
N LYS B 425 -8.75 6.94 24.66
CA LYS B 425 -8.66 6.93 26.13
C LYS B 425 -7.28 7.32 26.65
N LYS B 426 -6.23 6.79 26.03
CA LYS B 426 -4.89 6.83 26.60
C LYS B 426 -3.79 7.43 25.73
N GLY B 427 -4.09 7.77 24.47
CA GLY B 427 -3.08 8.36 23.57
C GLY B 427 -2.39 9.59 24.14
N PHE B 428 -3.18 10.47 24.77
CA PHE B 428 -2.67 11.69 25.40
C PHE B 428 -1.59 11.43 26.47
N THR B 429 -1.65 10.29 27.16
CA THR B 429 -0.68 9.99 28.21
C THR B 429 0.74 9.86 27.67
N VAL B 430 0.89 9.35 26.44
CA VAL B 430 2.21 9.20 25.85
C VAL B 430 2.78 10.56 25.42
N ALA B 431 1.92 11.43 24.89
CA ALA B 431 2.32 12.78 24.52
C ALA B 431 2.74 13.58 25.75
N LYS B 432 1.97 13.45 26.83
CA LYS B 432 2.28 14.13 28.08
C LYS B 432 3.60 13.64 28.63
N TYR B 433 3.77 12.31 28.66
CA TYR B 433 5.04 11.71 29.08
C TYR B 433 6.26 12.35 28.38
N LEU B 434 6.22 12.45 27.05
CA LEU B 434 7.33 13.05 26.30
C LEU B 434 7.41 14.57 26.52
N ALA B 435 6.26 15.24 26.58
CA ALA B 435 6.21 16.69 26.80
C ALA B 435 6.76 17.08 28.19
N ASP B 436 6.49 16.25 29.19
CA ASP B 436 7.03 16.47 30.54
C ASP B 436 8.55 16.45 30.57
N ILE B 437 9.14 15.48 29.89
CA ILE B 437 10.60 15.39 29.74
C ILE B 437 11.18 16.66 29.13
N CYS B 438 10.55 17.18 28.07
CA CYS B 438 10.96 18.44 27.46
C CYS B 438 11.00 19.58 28.48
N ARG B 439 9.92 19.74 29.22
CA ARG B 439 9.80 20.81 30.22
C ARG B 439 10.85 20.68 31.32
N GLU B 440 11.08 19.46 31.79
CA GLU B 440 12.08 19.18 32.83
C GLU B 440 13.51 19.50 32.39
N LEU B 441 13.86 19.10 31.18
CA LEU B 441 15.22 19.26 30.66
C LEU B 441 15.52 20.62 30.06
N ASP B 442 14.53 21.25 29.43
CA ASP B 442 14.74 22.58 28.81
C ASP B 442 13.46 23.41 28.69
N PRO B 443 13.06 24.12 29.76
CA PRO B 443 11.89 25.00 29.70
C PRO B 443 12.06 26.30 28.90
N THR B 444 13.25 26.52 28.32
CA THR B 444 13.52 27.72 27.54
C THR B 444 12.98 27.64 26.11
N ARG B 445 12.53 26.46 25.68
CA ARG B 445 11.96 26.27 24.35
C ARG B 445 10.68 25.45 24.44
N PRO B 446 9.62 25.82 23.68
CA PRO B 446 8.37 25.07 23.73
C PRO B 446 8.44 23.66 23.14
N SER B 447 7.60 22.77 23.64
CA SER B 447 7.34 21.46 22.98
C SER B 447 6.28 21.60 21.91
N THR B 448 6.34 20.70 20.94
CA THR B 448 5.34 20.68 19.86
C THR B 448 5.19 19.27 19.30
N CYS B 449 4.29 19.13 18.33
CA CYS B 449 4.02 17.83 17.72
C CYS B 449 3.24 18.09 16.42
N GLY B 450 3.44 17.20 15.44
CA GLY B 450 2.81 17.30 14.12
C GLY B 450 1.63 16.36 14.03
N PHE B 451 0.42 16.94 14.00
CA PHE B 451 -0.84 16.19 14.00
C PHE B 451 -1.48 16.18 12.62
N ASN B 452 -1.57 14.99 12.01
CA ASN B 452 -2.28 14.83 10.72
C ASN B 452 -3.71 14.32 10.85
N TYR B 453 -4.11 13.83 12.01
CA TYR B 453 -5.52 13.45 12.19
C TYR B 453 -6.26 14.70 12.62
N TYR B 454 -7.54 14.78 12.27
CA TYR B 454 -8.40 15.86 12.69
C TYR B 454 -9.84 15.34 12.67
N PRO B 455 -10.64 15.58 13.72
CA PRO B 455 -10.27 16.37 14.91
C PRO B 455 -9.61 15.56 16.07
N ALA B 456 -9.29 14.29 15.83
CA ALA B 456 -8.94 13.33 16.88
C ALA B 456 -8.00 13.84 18.00
N PRO B 457 -6.79 14.30 17.67
CA PRO B 457 -5.86 14.66 18.75
C PRO B 457 -6.31 15.88 19.56
N PHE B 458 -7.08 16.77 18.92
CA PHE B 458 -7.64 17.95 19.57
C PHE B 458 -8.81 17.56 20.49
N ASP B 459 -9.66 16.63 20.03
CA ASP B 459 -10.78 16.08 20.82
C ASP B 459 -10.34 15.07 21.87
N ASN B 460 -9.19 14.42 21.66
CA ASN B 460 -8.72 13.38 22.59
C ASN B 460 -7.68 13.88 23.59
N ASN B 461 -7.67 15.17 23.86
CA ASN B 461 -6.83 15.76 24.92
C ASN B 461 -5.31 15.62 24.67
N MET B 462 -4.89 15.37 23.41
CA MET B 462 -3.49 15.16 23.08
C MET B 462 -2.83 16.47 22.70
N ALA B 463 -3.47 17.26 21.84
CA ALA B 463 -2.89 18.52 21.36
C ALA B 463 -2.56 19.47 22.52
N GLN B 464 -3.33 19.34 23.60
CA GLN B 464 -3.19 20.17 24.79
C GLN B 464 -2.01 19.78 25.69
N GLN B 465 -1.34 18.65 25.42
CA GLN B 465 -0.20 18.21 26.23
C GLN B 465 1.12 18.83 25.79
N VAL B 466 1.14 19.46 24.63
CA VAL B 466 2.32 20.17 24.16
C VAL B 466 2.02 21.65 24.20
N ASP B 467 3.07 22.46 24.09
CA ASP B 467 2.95 23.90 24.22
C ASP B 467 2.32 24.53 22.97
N ILE B 468 2.71 24.01 21.80
CA ILE B 468 2.26 24.54 20.51
C ILE B 468 1.88 23.35 19.59
N ALA B 469 0.68 23.40 19.04
CA ALA B 469 0.17 22.30 18.21
C ALA B 469 0.47 22.54 16.74
N GLY B 470 1.05 21.53 16.10
CA GLY B 470 1.24 21.55 14.65
C GLY B 470 0.16 20.75 13.94
N MET B 471 -0.37 21.30 12.85
CA MET B 471 -1.32 20.60 11.99
C MET B 471 -0.67 20.20 10.68
N ASN B 472 -0.83 18.94 10.29
CA ASN B 472 -0.35 18.45 9.02
C ASN B 472 -1.53 18.41 8.06
N TYR B 473 -1.51 19.29 7.04
CA TYR B 473 -2.45 19.28 5.92
C TYR B 473 -3.92 19.56 6.30
N LYS B 474 -4.17 20.57 7.13
CA LYS B 474 -5.54 20.92 7.51
C LYS B 474 -5.91 22.39 7.32
N PRO B 475 -5.44 23.02 6.22
CA PRO B 475 -5.75 24.46 6.08
C PRO B 475 -7.24 24.81 6.06
N GLY B 476 -8.08 23.90 5.56
CA GLY B 476 -9.53 24.06 5.60
C GLY B 476 -10.18 23.97 6.97
N LYS B 477 -9.47 23.38 7.93
CA LYS B 477 -9.92 23.34 9.32
C LYS B 477 -9.25 24.39 10.24
N TYR B 478 -8.36 25.24 9.71
CA TYR B 478 -7.70 26.24 10.53
C TYR B 478 -8.73 27.12 11.23
N ALA B 479 -9.77 27.53 10.52
CA ALA B 479 -10.79 28.41 11.09
C ALA B 479 -11.57 27.69 12.17
N GLU B 480 -11.94 26.44 11.91
CA GLU B 480 -12.72 25.65 12.85
C GLU B 480 -11.96 25.34 14.14
N VAL B 481 -10.73 24.85 14.04
CA VAL B 481 -9.97 24.47 15.24
C VAL B 481 -9.71 25.66 16.20
N GLN B 482 -9.55 26.86 15.66
CA GLN B 482 -9.43 28.06 16.52
C GLN B 482 -10.72 28.41 17.26
N ARG B 483 -11.86 28.10 16.64
CA ARG B 483 -13.19 28.32 17.20
C ARG B 483 -13.49 27.30 18.34
N LEU B 484 -13.18 26.03 18.10
CA LEU B 484 -13.38 24.97 19.09
C LEU B 484 -12.31 24.91 20.19
N TYR B 485 -11.07 25.31 19.86
CA TYR B 485 -9.95 25.27 20.79
C TYR B 485 -9.19 26.62 20.74
N PRO B 486 -9.85 27.70 21.19
CA PRO B 486 -9.29 29.06 21.03
C PRO B 486 -8.01 29.37 21.78
N ASP B 487 -7.62 28.53 22.75
CA ASP B 487 -6.43 28.75 23.58
C ASP B 487 -5.14 28.04 23.11
N LEU B 488 -5.22 27.28 22.02
CA LEU B 488 -4.05 26.59 21.47
C LEU B 488 -3.27 27.50 20.51
N PRO B 489 -1.94 27.65 20.74
CA PRO B 489 -1.08 28.21 19.72
C PRO B 489 -0.92 27.19 18.59
N LEU B 490 -0.91 27.67 17.34
CA LEU B 490 -1.01 26.82 16.16
C LEU B 490 -0.07 27.19 15.01
N TYR B 491 0.37 26.18 14.27
CA TYR B 491 1.07 26.37 13.01
C TYR B 491 0.83 25.17 12.11
N GLY B 492 1.18 25.30 10.83
CA GLY B 492 1.16 24.17 9.92
C GLY B 492 2.52 23.49 9.98
N SER B 493 2.57 22.37 10.70
CA SER B 493 3.80 21.56 10.80
C SER B 493 4.17 20.80 9.51
N GLU B 494 3.20 20.57 8.63
CA GLU B 494 3.50 19.96 7.35
C GLU B 494 2.44 20.36 6.33
N THR B 495 2.88 21.00 5.24
CA THR B 495 1.94 21.59 4.28
C THR B 495 2.19 21.18 2.83
N SER B 496 1.17 21.44 2.02
CA SER B 496 1.14 21.19 0.57
C SER B 496 1.22 19.72 0.15
N SER B 497 2.42 19.13 0.18
CA SER B 497 2.70 17.81 -0.46
C SER B 497 2.38 17.77 -1.96
N CYS B 498 2.45 18.93 -2.61
CA CYS B 498 2.33 19.02 -4.04
C CYS B 498 3.55 18.36 -4.65
N THR B 499 3.35 17.67 -5.76
CA THR B 499 4.40 16.94 -6.46
C THR B 499 4.65 17.51 -7.85
N SER B 500 5.90 17.43 -8.29
CA SER B 500 6.28 17.80 -9.66
C SER B 500 7.65 17.21 -9.99
N SER B 501 7.91 17.01 -11.27
CA SER B 501 9.23 16.67 -11.78
C SER B 501 9.82 17.90 -12.46
N ARG B 502 11.11 18.15 -12.24
CA ARG B 502 11.76 19.33 -12.81
C ARG B 502 11.63 19.34 -14.34
N GLY B 503 11.04 20.41 -14.87
CA GLY B 503 10.96 20.67 -16.30
C GLY B 503 10.01 19.81 -17.13
N VAL B 504 9.15 19.05 -16.47
CA VAL B 504 8.21 18.16 -17.15
C VAL B 504 6.81 18.74 -17.09
N TYR B 505 6.19 18.87 -18.26
CA TYR B 505 4.84 19.39 -18.40
C TYR B 505 4.04 18.46 -19.31
N HIS B 506 2.87 18.04 -18.85
CA HIS B 506 2.01 17.15 -19.62
C HIS B 506 0.76 17.91 -20.04
N LEU B 507 0.66 18.23 -21.34
CA LEU B 507 -0.48 18.99 -21.85
C LEU B 507 -1.53 18.08 -22.54
N PRO B 508 -2.83 18.30 -22.31
CA PRO B 508 -3.39 19.43 -21.53
C PRO B 508 -3.46 19.16 -20.03
N THR B 517 4.04 8.46 -18.37
CA THR B 517 5.35 8.14 -17.82
C THR B 517 5.25 7.99 -16.29
N ASN B 518 6.39 8.00 -15.60
CA ASN B 518 6.43 8.12 -14.13
C ASN B 518 7.11 9.44 -13.73
N GLN B 519 6.59 10.54 -14.30
CA GLN B 519 6.94 11.90 -13.92
C GLN B 519 5.65 12.66 -13.61
N VAL B 520 5.75 13.77 -12.87
CA VAL B 520 4.60 14.57 -12.53
C VAL B 520 4.72 16.00 -13.08
N THR B 521 3.59 16.52 -13.57
CA THR B 521 3.55 17.85 -14.18
C THR B 521 4.10 18.95 -13.24
N SER B 522 5.01 19.76 -13.79
CA SER B 522 5.55 20.94 -13.08
C SER B 522 4.64 22.19 -13.15
N TYR B 523 3.42 22.03 -13.69
CA TYR B 523 2.34 23.01 -13.44
C TYR B 523 1.87 23.05 -11.96
N ASP B 524 2.28 22.06 -11.15
CA ASP B 524 2.09 22.05 -9.69
C ASP B 524 0.61 22.01 -9.30
N LEU B 525 -0.04 20.90 -9.69
CA LEU B 525 -1.47 20.62 -9.39
C LEU B 525 -1.72 19.30 -8.64
N ILE B 526 -0.80 18.34 -8.77
CA ILE B 526 -1.03 16.93 -8.44
C ILE B 526 -0.40 16.61 -7.09
N GLY B 527 -0.99 15.66 -6.39
CA GLY B 527 -0.40 15.12 -5.16
C GLY B 527 -1.23 13.96 -4.64
N PRO B 528 -0.80 13.32 -3.54
CA PRO B 528 -1.65 12.31 -2.88
C PRO B 528 -2.94 12.94 -2.32
N LYS B 529 -3.81 12.10 -1.75
CA LYS B 529 -5.18 12.49 -1.34
C LYS B 529 -5.26 13.71 -0.39
N TRP B 530 -4.27 13.86 0.49
CA TRP B 530 -4.18 14.96 1.48
C TRP B 530 -3.48 16.22 0.95
N ALA B 531 -2.94 16.14 -0.26
CA ALA B 531 -2.09 17.20 -0.80
C ALA B 531 -2.90 18.31 -1.44
N TYR B 532 -2.22 19.41 -1.68
CA TYR B 532 -2.80 20.57 -2.30
C TYR B 532 -1.68 21.49 -2.78
N PRO B 533 -1.95 22.38 -3.75
CA PRO B 533 -0.89 23.28 -4.21
C PRO B 533 -0.56 24.36 -3.17
N PRO B 534 0.67 24.89 -3.21
CA PRO B 534 1.11 25.94 -2.29
C PRO B 534 0.16 27.13 -2.14
N ASP B 535 -0.53 27.47 -3.23
CA ASP B 535 -1.51 28.57 -3.29
C ASP B 535 -2.56 28.48 -2.18
N ILE B 536 -3.01 27.26 -1.91
CA ILE B 536 -4.06 26.96 -0.93
C ILE B 536 -3.57 27.23 0.49
N GLU B 537 -2.36 26.77 0.80
CA GLU B 537 -1.74 27.14 2.07
C GLU B 537 -1.60 28.64 2.19
N PHE B 538 -1.13 29.30 1.13
CA PHE B 538 -0.97 30.76 1.20
C PHE B 538 -2.30 31.43 1.52
N HIS B 539 -3.36 31.02 0.83
CA HIS B 539 -4.71 31.51 1.10
C HIS B 539 -5.07 31.40 2.58
N PHE B 540 -5.00 30.18 3.12
CA PHE B 540 -5.46 29.93 4.49
C PHE B 540 -4.52 30.50 5.58
N GLN B 541 -3.21 30.62 5.31
CA GLN B 541 -2.32 31.38 6.20
C GLN B 541 -2.73 32.86 6.33
N GLU B 542 -3.05 33.50 5.20
CA GLU B 542 -3.47 34.89 5.19
C GLU B 542 -4.80 35.05 5.93
N MET B 543 -5.72 34.11 5.72
CA MET B 543 -7.03 34.14 6.41
C MET B 543 -6.92 33.94 7.93
N ASN B 544 -5.84 33.30 8.39
CA ASN B 544 -5.67 32.90 9.77
C ASN B 544 -4.36 33.42 10.34
N PRO B 545 -4.30 34.74 10.63
CA PRO B 545 -3.03 35.34 11.09
C PRO B 545 -2.46 34.79 12.42
N ARG B 546 -3.29 34.14 13.26
CA ARG B 546 -2.81 33.48 14.49
C ARG B 546 -1.90 32.30 14.22
N PHE B 547 -2.07 31.65 13.07
CA PHE B 547 -1.15 30.59 12.66
C PHE B 547 0.26 31.15 12.43
N MET B 548 1.26 30.49 13.02
CA MET B 548 2.64 31.03 13.06
C MET B 548 3.38 30.85 11.75
N GLY B 549 2.87 29.99 10.88
CA GLY B 549 3.47 29.75 9.57
C GLY B 549 3.22 28.34 9.06
N GLU B 550 4.06 27.91 8.12
CA GLU B 550 3.99 26.59 7.54
C GLU B 550 5.38 25.96 7.39
N PHE B 551 5.40 24.64 7.26
CA PHE B 551 6.60 23.90 7.00
C PHE B 551 6.33 22.95 5.85
N ILE B 552 6.78 23.28 4.65
CA ILE B 552 6.36 22.52 3.46
C ILE B 552 6.98 21.14 3.38
N TRP B 553 6.23 20.22 2.80
CA TRP B 553 6.73 18.89 2.45
C TRP B 553 7.00 18.86 0.94
N THR B 554 8.24 19.04 0.44
CA THR B 554 9.48 19.33 1.17
C THR B 554 10.25 20.40 0.42
N GLY B 555 11.32 20.89 1.03
CA GLY B 555 12.16 21.91 0.40
C GLY B 555 13.03 21.31 -0.71
N PHE B 556 13.65 20.17 -0.39
CA PHE B 556 14.44 19.38 -1.31
C PHE B 556 13.76 18.04 -1.39
N ASP B 557 13.80 17.44 -2.58
CA ASP B 557 13.52 16.03 -2.75
C ASP B 557 14.52 15.19 -1.95
N TYR B 558 14.10 13.97 -1.63
CA TYR B 558 14.85 13.07 -0.77
C TYR B 558 14.74 11.65 -1.30
N LEU B 559 15.56 10.76 -0.75
CA LEU B 559 15.62 9.39 -1.23
C LEU B 559 14.62 8.49 -0.53
N GLY B 560 14.09 7.56 -1.31
CA GLY B 560 13.83 6.20 -0.88
C GLY B 560 12.69 5.81 0.02
N GLU B 561 12.83 4.58 0.51
CA GLU B 561 12.16 4.01 1.67
C GLU B 561 12.83 2.68 1.98
N SER B 582 9.84 3.64 -8.28
CA SER B 582 10.52 4.94 -8.30
C SER B 582 11.17 5.21 -6.93
N ARG B 583 12.47 5.54 -6.94
CA ARG B 583 13.31 5.47 -5.73
C ARG B 583 13.48 6.77 -4.94
N SER B 584 12.95 7.89 -5.43
CA SER B 584 13.08 9.17 -4.70
C SER B 584 11.85 10.06 -4.92
N SER B 585 11.81 11.17 -4.19
CA SER B 585 10.56 11.90 -4.04
C SER B 585 10.31 12.88 -5.19
N TYR B 586 9.05 13.32 -5.26
CA TYR B 586 8.64 14.42 -6.15
C TYR B 586 8.17 15.65 -5.36
N PHE B 587 8.28 15.60 -4.02
CA PHE B 587 7.64 16.60 -3.16
C PHE B 587 8.40 17.91 -3.10
N GLY B 588 9.69 17.87 -3.41
CA GLY B 588 10.57 19.01 -3.21
C GLY B 588 10.31 20.19 -4.13
N ALA B 589 10.44 21.39 -3.60
CA ALA B 589 10.49 22.58 -4.45
C ALA B 589 11.75 22.56 -5.29
N VAL B 590 12.79 21.90 -4.78
CA VAL B 590 14.09 21.79 -5.43
C VAL B 590 14.37 20.30 -5.59
N ASP B 591 14.92 19.90 -6.74
CA ASP B 591 15.07 18.48 -7.05
C ASP B 591 16.19 17.86 -6.24
N LEU B 592 16.37 16.56 -6.39
CA LEU B 592 17.30 15.81 -5.54
C LEU B 592 18.74 16.28 -5.67
N CYS B 593 19.12 16.81 -6.84
CA CYS B 593 20.49 17.26 -7.07
C CYS B 593 20.67 18.77 -6.92
N GLY B 594 19.65 19.47 -6.40
CA GLY B 594 19.75 20.88 -6.04
C GLY B 594 19.41 21.86 -7.14
N LEU B 595 18.70 21.39 -8.17
CA LEU B 595 18.21 22.27 -9.23
C LEU B 595 16.77 22.65 -8.94
N PRO B 596 16.45 23.95 -8.94
CA PRO B 596 15.10 24.39 -8.59
C PRO B 596 14.06 24.00 -9.62
N LYS B 597 12.90 23.54 -9.14
CA LYS B 597 11.73 23.31 -10.00
C LYS B 597 10.97 24.63 -10.08
N ASP B 598 9.96 24.69 -10.94
CA ASP B 598 9.07 25.86 -10.99
C ASP B 598 8.51 26.21 -9.61
N ARG B 599 8.20 25.18 -8.82
CA ARG B 599 7.67 25.37 -7.47
C ARG B 599 8.53 26.26 -6.58
N PHE B 600 9.85 26.14 -6.72
CA PHE B 600 10.80 27.03 -6.03
C PHE B 600 10.44 28.51 -6.22
N TYR B 601 10.09 28.88 -7.46
CA TYR B 601 9.84 30.27 -7.83
C TYR B 601 8.47 30.73 -7.35
N LEU B 602 7.51 29.82 -7.30
CA LEU B 602 6.23 30.13 -6.69
C LEU B 602 6.45 30.53 -5.22
N TYR B 603 7.17 29.71 -4.46
CA TYR B 603 7.56 30.07 -3.08
C TYR B 603 8.38 31.36 -3.01
N GLN B 604 9.38 31.50 -3.88
CA GLN B 604 10.22 32.70 -3.89
C GLN B 604 9.42 33.97 -4.14
N SER B 605 8.38 33.89 -4.98
CA SER B 605 7.52 35.05 -5.28
C SER B 605 6.69 35.47 -4.08
N GLN B 606 6.36 34.49 -3.23
CA GLN B 606 5.56 34.70 -2.04
C GLN B 606 6.38 35.14 -0.81
N TRP B 607 7.66 34.76 -0.78
CA TRP B 607 8.47 34.84 0.43
C TRP B 607 9.67 35.80 0.41
N THR B 608 9.90 36.48 -0.73
CA THR B 608 11.01 37.41 -0.85
C THR B 608 10.55 38.73 -1.44
N ASP B 609 11.27 39.80 -1.10
CA ASP B 609 10.98 41.18 -1.56
C ASP B 609 11.79 41.58 -2.79
N LYS B 610 12.96 41.00 -2.99
CA LYS B 610 13.82 41.41 -4.09
C LYS B 610 13.10 41.07 -5.41
N PRO B 611 12.78 42.10 -6.23
CA PRO B 611 12.01 41.89 -7.46
C PRO B 611 12.50 40.71 -8.31
N MET B 612 11.59 39.83 -8.67
CA MET B 612 11.90 38.68 -9.49
C MET B 612 10.71 38.36 -10.37
N VAL B 613 10.97 37.55 -11.39
CA VAL B 613 9.90 37.03 -12.23
C VAL B 613 10.38 35.73 -12.84
N HIS B 614 9.44 34.81 -13.01
CA HIS B 614 9.71 33.48 -13.51
C HIS B 614 8.57 33.05 -14.42
N ILE B 615 8.93 32.36 -15.50
CA ILE B 615 8.01 31.97 -16.55
C ILE B 615 8.12 30.46 -16.78
N LEU B 616 6.96 29.82 -16.97
CA LEU B 616 6.88 28.40 -17.36
C LEU B 616 5.72 28.24 -18.35
N PRO B 617 5.70 27.19 -19.19
CA PRO B 617 6.71 26.11 -19.26
C PRO B 617 7.88 26.51 -20.15
N HIS B 618 8.60 25.54 -20.70
CA HIS B 618 9.53 25.81 -21.80
C HIS B 618 8.74 26.18 -23.08
N TRP B 619 9.45 26.40 -24.20
CA TRP B 619 8.83 26.87 -25.45
C TRP B 619 9.20 26.01 -26.66
N ASN B 620 9.00 24.70 -26.50
CA ASN B 620 9.33 23.66 -27.48
C ASN B 620 8.10 22.78 -27.63
N TRP B 621 7.15 23.30 -28.39
CA TRP B 621 5.85 22.66 -28.60
C TRP B 621 5.58 22.55 -30.11
N LYS B 622 4.37 22.12 -30.48
CA LYS B 622 3.94 22.03 -31.89
C LYS B 622 2.94 23.15 -32.23
N LYS B 623 2.95 23.59 -33.49
CA LYS B 623 1.95 24.56 -33.98
C LYS B 623 0.54 23.97 -33.84
N GLY B 624 -0.42 24.80 -33.44
CA GLY B 624 -1.80 24.35 -33.18
C GLY B 624 -2.17 24.00 -31.74
N MET B 625 -1.18 23.95 -30.85
CA MET B 625 -1.45 23.81 -29.41
C MET B 625 -1.57 25.18 -28.77
N ASN B 626 -2.58 25.35 -27.91
CA ASN B 626 -2.65 26.49 -27.00
C ASN B 626 -1.88 26.07 -25.74
N ILE B 627 -0.88 26.87 -25.36
CA ILE B 627 -0.04 26.61 -24.20
C ILE B 627 -0.46 27.51 -23.03
N PRO B 628 -0.81 26.91 -21.88
CA PRO B 628 -1.00 27.74 -20.69
C PRO B 628 0.36 28.19 -20.13
N VAL B 629 0.57 29.51 -20.09
CA VAL B 629 1.84 30.08 -19.66
C VAL B 629 1.59 30.72 -18.30
N TYR B 630 2.37 30.31 -17.29
CA TYR B 630 2.24 30.87 -15.94
C TYR B 630 3.44 31.74 -15.62
N VAL B 631 3.19 32.83 -14.90
CA VAL B 631 4.26 33.69 -14.42
C VAL B 631 4.11 33.87 -12.91
N TYR B 632 5.20 33.59 -12.18
CA TYR B 632 5.29 33.86 -10.76
C TYR B 632 6.22 35.05 -10.56
N THR B 633 5.75 36.04 -9.83
CA THR B 633 6.52 37.26 -9.63
C THR B 633 6.07 37.84 -8.33
N ASN B 634 6.93 38.63 -7.70
CA ASN B 634 6.53 39.42 -6.53
C ASN B 634 6.21 40.86 -6.89
N CYS B 635 6.15 41.16 -8.19
CA CYS B 635 5.84 42.51 -8.66
C CYS B 635 4.34 42.72 -8.79
N TYR B 636 3.96 43.97 -8.99
CA TYR B 636 2.56 44.37 -9.15
C TYR B 636 1.90 43.73 -10.37
N GLU B 637 2.59 43.76 -11.52
CA GLU B 637 2.06 43.19 -12.77
C GLU B 637 3.17 42.65 -13.64
N ALA B 638 2.78 41.82 -14.61
CA ALA B 638 3.68 41.36 -15.66
C ALA B 638 3.00 41.37 -17.03
N GLU B 639 3.79 41.55 -18.09
CA GLU B 639 3.31 41.55 -19.47
C GLU B 639 4.05 40.49 -20.27
N LEU B 640 3.31 39.74 -21.07
CA LEU B 640 3.88 38.65 -21.86
C LEU B 640 3.97 39.07 -23.33
N PHE B 641 5.11 38.75 -23.96
CA PHE B 641 5.40 39.12 -25.34
C PHE B 641 5.80 37.87 -26.13
N LEU B 642 5.20 37.69 -27.30
CA LEU B 642 5.60 36.62 -28.20
C LEU B 642 6.14 37.28 -29.47
N ASN B 643 7.45 37.15 -29.71
CA ASN B 643 8.12 37.74 -30.86
C ASN B 643 7.84 39.24 -31.01
N GLY B 644 7.89 39.95 -29.89
CA GLY B 644 7.71 41.40 -29.86
C GLY B 644 6.28 41.92 -29.67
N LYS B 645 5.26 41.09 -29.91
CA LYS B 645 3.85 41.53 -29.73
C LYS B 645 3.28 41.14 -28.36
N SER B 646 2.77 42.15 -27.65
CA SER B 646 2.15 41.98 -26.36
C SER B 646 0.97 41.03 -26.43
N LEU B 647 0.89 40.11 -25.47
CA LEU B 647 -0.27 39.26 -25.27
C LEU B 647 -1.10 39.77 -24.09
N GLY B 648 -0.81 40.99 -23.62
CA GLY B 648 -1.58 41.64 -22.56
C GLY B 648 -0.88 41.67 -21.20
N LYS B 649 -1.20 42.70 -20.42
CA LYS B 649 -0.78 42.82 -19.02
C LYS B 649 -1.66 41.93 -18.16
N ARG B 650 -1.11 41.45 -17.05
CA ARG B 650 -1.89 40.80 -16.01
C ARG B 650 -1.39 41.22 -14.64
N VAL B 651 -2.33 41.67 -13.82
CA VAL B 651 -2.05 42.29 -12.52
C VAL B 651 -2.25 41.26 -11.42
N LYS B 652 -1.23 41.11 -10.57
CA LYS B 652 -1.29 40.20 -9.43
C LYS B 652 -2.35 40.67 -8.42
N GLY B 653 -3.30 39.79 -8.12
CA GLY B 653 -4.43 40.12 -7.24
C GLY B 653 -5.73 40.34 -8.02
N ARG B 654 -5.63 40.89 -9.22
CA ARG B 654 -6.80 41.19 -10.05
C ARG B 654 -7.07 40.04 -11.04
N ASP B 655 -6.06 39.69 -11.83
CA ASP B 655 -6.20 38.61 -12.80
C ASP B 655 -5.78 37.29 -12.15
N LEU B 656 -6.77 36.51 -11.76
CA LEU B 656 -6.56 35.27 -11.02
C LEU B 656 -6.44 34.12 -11.99
N THR B 657 -5.82 33.04 -11.53
CA THR B 657 -5.57 31.84 -12.30
C THR B 657 -6.29 30.70 -11.63
N GLU B 658 -7.14 29.99 -12.38
CA GLU B 658 -7.86 28.83 -11.85
C GLU B 658 -6.89 27.65 -11.74
N ILE B 659 -6.96 26.92 -10.62
CA ILE B 659 -6.21 25.67 -10.47
C ILE B 659 -7.09 24.55 -9.91
N MET B 660 -6.80 23.32 -10.34
CA MET B 660 -7.53 22.12 -9.92
C MET B 660 -6.97 21.58 -8.60
N VAL B 661 -7.89 21.13 -7.72
CA VAL B 661 -7.57 20.53 -6.40
C VAL B 661 -8.21 19.12 -6.34
N ASN B 669 -13.71 22.21 -5.21
CA ASN B 669 -13.40 21.55 -6.47
C ASN B 669 -12.30 22.31 -7.26
N THR B 670 -12.45 23.63 -7.38
CA THR B 670 -11.44 24.51 -8.02
C THR B 670 -11.26 25.83 -7.26
N PHE B 671 -10.07 26.41 -7.42
CA PHE B 671 -9.66 27.59 -6.66
C PHE B 671 -9.11 28.68 -7.59
N GLN B 672 -9.52 29.93 -7.34
CA GLN B 672 -9.02 31.07 -8.09
C GLN B 672 -7.81 31.63 -7.35
N SER B 673 -6.61 31.36 -7.87
CA SER B 673 -5.36 31.80 -7.23
C SER B 673 -4.86 33.18 -7.69
N LYS B 674 -4.66 34.08 -6.72
CA LYS B 674 -3.98 35.34 -6.96
C LYS B 674 -2.45 35.19 -7.04
N TYR B 675 -1.93 34.00 -6.74
CA TYR B 675 -0.50 33.80 -6.64
C TYR B 675 0.16 33.43 -7.98
N ARG B 676 -0.64 33.32 -9.04
CA ARG B 676 -0.13 33.01 -10.37
C ARG B 676 -0.77 33.93 -11.42
N LEU B 677 0.04 34.42 -12.36
CA LEU B 677 -0.44 35.13 -13.53
C LEU B 677 -0.46 34.14 -14.67
N SER B 678 -1.49 34.17 -15.51
CA SER B 678 -1.66 33.16 -16.57
C SER B 678 -2.17 33.73 -17.89
N TRP B 679 -1.66 33.16 -18.98
CA TRP B 679 -2.12 33.41 -20.33
C TRP B 679 -2.29 32.06 -21.01
N ASP B 680 -3.16 32.02 -22.01
CA ASP B 680 -3.23 30.91 -22.96
C ASP B 680 -2.70 31.44 -24.29
N VAL B 681 -1.59 30.83 -24.74
CA VAL B 681 -0.84 31.32 -25.90
C VAL B 681 -0.85 30.25 -27.01
N PRO B 682 -1.41 30.57 -28.20
CA PRO B 682 -1.24 29.65 -29.34
C PRO B 682 0.23 29.59 -29.78
N PHE B 683 0.80 28.38 -29.86
CA PHE B 683 2.23 28.23 -30.10
C PHE B 683 2.72 28.70 -31.48
N GLU B 684 3.66 29.64 -31.47
CA GLU B 684 4.55 29.93 -32.61
C GLU B 684 5.97 29.84 -32.06
N PRO B 685 6.89 29.17 -32.80
CA PRO B 685 8.28 29.11 -32.31
C PRO B 685 8.92 30.48 -32.29
N GLY B 686 9.92 30.65 -31.43
CA GLY B 686 10.63 31.93 -31.32
C GLY B 686 10.91 32.25 -29.87
N GLU B 687 10.66 33.50 -29.46
CA GLU B 687 10.98 33.93 -28.11
C GLU B 687 9.74 34.41 -27.33
N LEU B 688 9.66 33.96 -26.07
CA LEU B 688 8.60 34.35 -25.15
C LEU B 688 9.23 35.11 -24.00
N THR B 689 8.87 36.39 -23.88
CA THR B 689 9.47 37.31 -22.94
C THR B 689 8.40 37.84 -21.98
N VAL B 690 8.69 37.82 -20.69
CA VAL B 690 7.81 38.40 -19.66
C VAL B 690 8.52 39.62 -19.06
N LYS B 691 7.79 40.71 -18.87
CA LYS B 691 8.35 41.89 -18.21
C LYS B 691 7.51 42.17 -16.98
N ALA B 692 8.17 42.24 -15.83
CA ALA B 692 7.49 42.49 -14.56
C ALA B 692 7.69 43.94 -14.16
N TYR B 693 6.59 44.60 -13.77
CA TYR B 693 6.62 46.03 -13.44
C TYR B 693 6.06 46.31 -12.06
N ASN B 694 6.56 47.36 -11.42
CA ASN B 694 5.93 47.91 -10.21
C ASN B 694 4.66 48.70 -10.59
N ASN B 695 3.99 49.30 -9.60
CA ASN B 695 2.72 49.98 -9.83
C ASN B 695 2.80 51.33 -10.56
N LEU B 696 4.01 51.84 -10.77
CA LEU B 696 4.21 53.06 -11.59
C LEU B 696 4.62 52.76 -13.04
N GLY B 697 4.47 51.51 -13.49
CA GLY B 697 4.87 51.11 -14.84
C GLY B 697 6.37 50.94 -15.08
N GLU B 698 7.20 51.03 -14.04
CA GLU B 698 8.67 50.97 -14.18
C GLU B 698 9.14 49.53 -14.16
N LEU B 699 10.09 49.19 -15.03
CA LEU B 699 10.54 47.81 -15.23
C LEU B 699 11.39 47.34 -14.04
N LYS B 700 11.02 46.20 -13.47
CA LYS B 700 11.71 45.64 -12.29
C LYS B 700 12.43 44.31 -12.54
N ALA B 701 11.93 43.51 -13.47
CA ALA B 701 12.55 42.24 -13.82
C ALA B 701 11.99 41.71 -15.13
N GLU B 702 12.74 40.82 -15.76
CA GLU B 702 12.30 40.18 -17.01
C GLU B 702 13.09 38.92 -17.31
N LYS B 703 12.43 37.98 -17.97
CA LYS B 703 13.05 36.76 -18.45
C LYS B 703 12.60 36.52 -19.88
N THR B 704 13.44 35.80 -20.61
CA THR B 704 13.13 35.37 -21.95
C THR B 704 13.47 33.89 -22.05
N ILE B 705 12.54 33.11 -22.60
CA ILE B 705 12.84 31.75 -23.00
C ILE B 705 12.63 31.69 -24.50
N ARG B 706 13.16 30.67 -25.12
CA ARG B 706 12.94 30.52 -26.55
C ARG B 706 13.05 29.09 -27.01
N THR B 707 12.46 28.86 -28.18
CA THR B 707 12.49 27.54 -28.80
C THR B 707 13.92 27.16 -29.07
N ALA B 708 14.31 25.99 -28.60
CA ALA B 708 15.67 25.51 -28.76
C ALA B 708 15.75 24.56 -29.95
N GLY B 709 16.89 24.60 -30.64
CA GLY B 709 17.21 23.63 -31.69
C GLY B 709 17.75 22.31 -31.15
N LYS B 710 18.40 21.56 -32.04
CA LYS B 710 19.03 20.28 -31.72
C LYS B 710 20.17 20.49 -30.72
N PRO B 711 20.34 19.55 -29.77
CA PRO B 711 21.50 19.54 -28.87
C PRO B 711 22.86 19.66 -29.60
N ALA B 712 23.65 20.64 -29.19
CA ALA B 712 24.92 21.00 -29.85
C ALA B 712 26.15 21.11 -28.93
N GLN B 713 25.96 21.52 -27.67
CA GLN B 713 27.07 21.79 -26.78
C GLN B 713 26.69 21.53 -25.33
N ILE B 714 27.71 21.29 -24.52
CA ILE B 714 27.59 21.15 -23.08
C ILE B 714 28.10 22.42 -22.44
N LYS B 715 27.35 22.96 -21.48
CA LYS B 715 27.84 24.04 -20.63
C LYS B 715 28.03 23.52 -19.21
N LEU B 716 29.07 24.02 -18.55
CA LEU B 716 29.38 23.66 -17.16
C LEU B 716 29.44 24.94 -16.32
N ILE B 717 28.69 24.96 -15.22
CA ILE B 717 28.63 26.12 -14.33
C ILE B 717 28.88 25.66 -12.90
N PRO B 718 30.15 25.76 -12.46
CA PRO B 718 30.45 25.49 -11.05
C PRO B 718 29.79 26.52 -10.15
N ASP B 719 29.18 26.07 -9.05
CA ASP B 719 28.63 26.99 -8.05
C ASP B 719 29.76 27.76 -7.36
N ARG B 720 30.89 27.08 -7.14
CA ARG B 720 32.09 27.68 -6.56
C ARG B 720 33.32 27.23 -7.35
N LYS B 721 34.06 28.20 -7.88
CA LYS B 721 35.29 27.92 -8.64
C LYS B 721 36.50 27.71 -7.74
N VAL B 722 36.41 28.15 -6.48
CA VAL B 722 37.47 27.98 -5.49
C VAL B 722 36.95 27.19 -4.28
N ILE B 723 37.60 26.07 -3.96
CA ILE B 723 37.23 25.24 -2.80
C ILE B 723 38.47 24.94 -1.94
N THR B 724 38.22 24.31 -0.79
CA THR B 724 39.23 24.04 0.24
C THR B 724 39.82 22.62 0.11
N ALA B 725 41.12 22.50 0.40
CA ALA B 725 41.88 21.24 0.30
C ALA B 725 41.84 20.37 1.58
N ASP B 726 40.64 19.96 1.98
CA ASP B 726 40.46 19.18 3.22
C ASP B 726 40.03 17.73 2.97
N GLY B 727 39.89 17.33 1.71
CA GLY B 727 39.37 16.01 1.36
C GLY B 727 37.85 15.85 1.42
N LYS B 728 37.16 16.94 1.75
CA LYS B 728 35.71 16.94 2.02
C LYS B 728 34.91 17.96 1.18
N ASP B 729 35.47 19.16 1.02
CA ASP B 729 34.81 20.27 0.36
C ASP B 729 34.50 19.97 -1.09
N LEU B 730 33.38 20.51 -1.57
CA LEU B 730 32.80 20.12 -2.86
C LEU B 730 32.58 21.31 -3.81
N SER B 731 32.62 21.02 -5.11
CA SER B 731 32.10 21.94 -6.13
C SER B 731 30.98 21.22 -6.87
N TYR B 732 29.84 21.90 -6.97
CA TYR B 732 28.66 21.37 -7.62
C TYR B 732 28.60 22.04 -8.98
N ILE B 733 28.83 21.25 -10.03
CA ILE B 733 28.93 21.77 -11.39
C ILE B 733 27.66 21.39 -12.13
N THR B 734 26.84 22.41 -12.40
CA THR B 734 25.62 22.21 -13.19
C THR B 734 26.05 21.89 -14.62
N VAL B 735 25.37 20.92 -15.23
CA VAL B 735 25.64 20.49 -16.61
C VAL B 735 24.40 20.76 -17.46
N ARG B 736 24.48 21.76 -18.34
CA ARG B 736 23.38 22.11 -19.28
C ARG B 736 23.62 21.54 -20.70
N ILE B 737 22.62 20.88 -21.27
CA ILE B 737 22.62 20.54 -22.70
C ILE B 737 21.98 21.67 -23.52
N GLU B 738 22.78 22.34 -24.35
CA GLU B 738 22.34 23.52 -25.10
C GLU B 738 22.37 23.32 -26.62
N ASP B 739 21.62 24.15 -27.34
CA ASP B 739 21.70 24.23 -28.81
C ASP B 739 22.87 25.15 -29.19
N ARG B 740 23.08 25.36 -30.48
CA ARG B 740 24.19 26.21 -30.95
C ARG B 740 24.10 27.68 -30.52
N ASP B 741 22.88 28.16 -30.26
CA ASP B 741 22.66 29.53 -29.75
C ASP B 741 22.70 29.66 -28.21
N GLY B 742 23.01 28.57 -27.51
CA GLY B 742 23.12 28.60 -26.05
C GLY B 742 21.83 28.43 -25.25
N ASN B 743 20.69 28.24 -25.92
CA ASN B 743 19.40 28.01 -25.22
C ASN B 743 19.36 26.59 -24.73
N LEU B 744 18.73 26.38 -23.59
CA LEU B 744 18.64 25.06 -22.97
C LEU B 744 17.69 24.19 -23.78
N CYS B 745 18.13 22.99 -24.14
CA CYS B 745 17.28 22.01 -24.79
C CYS B 745 16.41 21.40 -23.69
N PRO B 746 15.14 21.82 -23.60
CA PRO B 746 14.40 21.60 -22.35
C PRO B 746 13.98 20.15 -22.04
N GLU B 747 14.11 19.24 -23.00
CA GLU B 747 13.77 17.82 -22.80
C GLU B 747 14.94 16.86 -23.05
N ALA B 748 16.16 17.38 -23.13
CA ALA B 748 17.31 16.58 -23.53
C ALA B 748 17.71 15.58 -22.45
N ASP B 749 18.16 14.40 -22.86
CA ASP B 749 18.53 13.29 -21.96
C ASP B 749 19.87 12.65 -22.32
N ASN B 750 20.76 13.44 -22.89
CA ASN B 750 22.00 12.95 -23.49
C ASN B 750 22.95 12.44 -22.40
N LEU B 751 23.44 11.22 -22.59
CA LEU B 751 24.47 10.64 -21.70
C LEU B 751 25.74 11.48 -21.75
N VAL B 752 26.07 12.12 -20.62
CA VAL B 752 27.28 12.93 -20.50
C VAL B 752 28.30 12.16 -19.67
N GLU B 753 29.56 12.21 -20.08
CA GLU B 753 30.64 11.48 -19.40
C GLU B 753 31.65 12.47 -18.86
N PHE B 754 32.25 12.10 -17.73
CA PHE B 754 33.07 13.03 -16.95
C PHE B 754 34.45 12.47 -16.65
N SER B 755 35.43 13.36 -16.71
CA SER B 755 36.80 13.06 -16.37
C SER B 755 37.31 14.18 -15.45
N VAL B 756 37.94 13.79 -14.35
CA VAL B 756 38.49 14.74 -13.40
C VAL B 756 39.94 14.39 -13.15
N GLU B 757 40.81 15.37 -13.39
CA GLU B 757 42.26 15.21 -13.27
C GLU B 757 42.85 16.39 -12.50
N GLY B 758 44.03 16.15 -11.93
CA GLY B 758 44.76 17.19 -11.18
C GLY B 758 44.39 17.19 -9.70
N ALA B 759 44.24 18.38 -9.13
CA ALA B 759 44.12 18.56 -7.68
C ALA B 759 42.70 18.29 -7.16
N GLY B 760 42.29 17.02 -7.18
CA GLY B 760 40.94 16.63 -6.76
C GLY B 760 40.45 15.41 -7.50
N HIS B 761 39.20 15.03 -7.25
CA HIS B 761 38.64 13.84 -7.87
C HIS B 761 37.13 13.93 -8.07
N PHE B 762 36.64 13.08 -8.97
CA PHE B 762 35.22 12.83 -9.12
C PHE B 762 34.67 12.33 -7.79
N ARG B 763 33.52 12.85 -7.38
CA ARG B 763 32.85 12.31 -6.18
C ARG B 763 31.48 11.71 -6.48
N ALA B 764 30.63 12.48 -7.16
CA ALA B 764 29.28 12.00 -7.44
C ALA B 764 28.63 12.76 -8.58
N VAL B 765 27.49 12.24 -8.98
CA VAL B 765 26.73 12.77 -10.10
C VAL B 765 25.23 12.58 -9.80
N GLY B 766 24.40 13.54 -10.18
CA GLY B 766 22.94 13.39 -10.09
C GLY B 766 22.22 14.13 -11.21
N ASN B 767 20.91 13.91 -11.33
CA ASN B 767 20.08 14.67 -12.30
C ASN B 767 18.62 15.03 -11.88
N GLY B 768 18.20 14.64 -10.68
CA GLY B 768 16.84 14.94 -10.20
C GLY B 768 15.72 14.06 -10.74
N ASN B 769 16.08 12.99 -11.45
CA ASN B 769 15.10 12.05 -11.96
C ASN B 769 14.84 11.01 -10.88
N ALA B 770 13.63 11.03 -10.34
CA ALA B 770 13.20 10.05 -9.35
C ALA B 770 12.99 8.62 -9.90
N ALA B 771 12.81 8.48 -11.21
CA ALA B 771 12.49 7.16 -11.83
C ALA B 771 13.69 6.33 -12.28
N THR B 772 14.83 6.97 -12.56
CA THR B 772 16.04 6.28 -13.00
C THR B 772 16.64 5.30 -11.98
N THR B 773 17.50 4.41 -12.48
CA THR B 773 18.37 3.53 -11.65
C THR B 773 19.85 3.82 -11.87
N GLU B 774 20.18 4.96 -12.49
CA GLU B 774 21.59 5.34 -12.72
C GLU B 774 22.34 5.47 -11.39
N SER B 775 23.62 5.12 -11.39
CA SER B 775 24.44 5.22 -10.19
C SER B 775 24.75 6.67 -9.86
N PHE B 776 24.84 6.96 -8.56
CA PHE B 776 25.25 8.27 -8.11
C PHE B 776 26.77 8.46 -8.18
N ILE B 777 27.51 7.35 -8.32
CA ILE B 777 28.97 7.36 -8.15
C ILE B 777 29.81 6.82 -9.31
N GLU B 778 29.22 6.67 -10.50
CA GLU B 778 29.98 6.37 -11.71
C GLU B 778 30.14 7.69 -12.46
N PRO B 779 31.31 7.93 -13.10
CA PRO B 779 31.59 9.24 -13.71
C PRO B 779 30.86 9.46 -15.06
N LYS B 780 29.53 9.38 -15.00
CA LYS B 780 28.64 9.57 -16.15
C LYS B 780 27.19 9.73 -15.70
N ARG B 781 26.42 10.50 -16.46
CA ARG B 781 25.02 10.72 -16.15
C ARG B 781 24.27 11.34 -17.32
N LYS B 782 23.05 10.84 -17.54
CA LYS B 782 22.11 11.42 -18.50
C LYS B 782 21.59 12.75 -17.98
N ALA B 783 21.41 13.71 -18.89
CA ALA B 783 20.67 14.90 -18.56
C ALA B 783 19.21 14.52 -18.31
N PHE B 784 18.53 15.32 -17.50
CA PHE B 784 17.09 15.18 -17.28
C PHE B 784 16.52 16.60 -17.45
N SER B 785 15.54 16.74 -18.35
CA SER B 785 15.00 18.04 -18.75
C SER B 785 16.13 19.06 -19.02
N GLY B 786 17.16 18.60 -19.75
CA GLY B 786 18.26 19.46 -20.16
C GLY B 786 19.44 19.59 -19.22
N MET B 787 19.32 19.08 -17.99
CA MET B 787 20.37 19.30 -16.98
C MET B 787 20.73 18.07 -16.15
N CYS B 788 21.98 18.03 -15.71
CA CYS B 788 22.43 17.09 -14.68
C CYS B 788 23.51 17.79 -13.86
N MET B 789 24.03 17.10 -12.85
CA MET B 789 24.91 17.71 -11.84
C MET B 789 26.12 16.85 -11.60
N LEU B 790 27.29 17.46 -11.76
CA LEU B 790 28.57 16.82 -11.45
C LEU B 790 29.06 17.38 -10.13
N ILE B 791 29.47 16.49 -9.23
CA ILE B 791 29.99 16.87 -7.93
C ILE B 791 31.42 16.38 -7.78
N VAL B 792 32.33 17.33 -7.57
CA VAL B 792 33.75 17.05 -7.42
C VAL B 792 34.24 17.49 -6.03
N GLN B 793 35.39 16.94 -5.63
CA GLN B 793 35.88 17.03 -4.25
C GLN B 793 37.38 17.11 -4.21
N SER B 794 37.90 17.91 -3.29
CA SER B 794 39.34 18.08 -3.13
C SER B 794 39.99 16.83 -2.54
N ASP B 795 41.32 16.74 -2.69
CA ASP B 795 42.14 15.76 -1.95
C ASP B 795 42.79 16.52 -0.80
N GLU B 796 42.97 15.85 0.33
CA GLU B 796 43.50 16.49 1.54
C GLU B 796 44.91 17.06 1.29
N ASN B 797 45.07 18.36 1.53
CA ASN B 797 46.35 19.10 1.40
C ASN B 797 46.98 19.17 -0.01
N LYS B 798 46.19 18.88 -1.05
CA LYS B 798 46.63 19.04 -2.44
C LYS B 798 46.07 20.33 -3.03
N GLN B 799 46.90 21.38 -3.08
CA GLN B 799 46.55 22.65 -3.71
C GLN B 799 46.74 22.56 -5.23
N GLY B 800 46.12 23.51 -5.94
CA GLY B 800 46.29 23.66 -7.38
C GLY B 800 45.01 23.51 -8.18
N LYS B 801 45.18 23.23 -9.47
CA LYS B 801 44.06 23.17 -10.41
C LYS B 801 43.46 21.76 -10.46
N MET B 802 42.12 21.70 -10.46
CA MET B 802 41.39 20.47 -10.70
C MET B 802 40.67 20.70 -12.01
N ASN B 803 40.98 19.88 -13.03
CA ASN B 803 40.48 20.10 -14.40
C ASN B 803 39.37 19.13 -14.76
N ILE B 804 38.21 19.66 -15.12
CA ILE B 804 37.05 18.85 -15.44
C ILE B 804 36.85 18.86 -16.95
N THR B 805 36.50 17.71 -17.49
CA THR B 805 36.17 17.56 -18.89
C THR B 805 34.85 16.80 -19.00
N ALA B 806 33.90 17.36 -19.76
CA ALA B 806 32.58 16.77 -19.99
C ALA B 806 32.38 16.49 -21.46
N THR B 807 32.10 15.24 -21.80
CA THR B 807 31.90 14.80 -23.18
C THR B 807 30.53 14.15 -23.35
N SER B 808 30.00 14.21 -24.57
CA SER B 808 28.76 13.54 -24.91
C SER B 808 28.72 13.37 -26.43
N LYS B 809 28.21 12.23 -26.89
CA LYS B 809 28.22 11.89 -28.33
C LYS B 809 27.51 12.96 -29.19
N GLY B 810 28.29 13.60 -30.07
CA GLY B 810 27.76 14.61 -31.02
C GLY B 810 27.76 16.06 -30.54
N LEU B 811 28.18 16.28 -29.30
CA LEU B 811 28.12 17.61 -28.70
C LEU B 811 29.54 18.09 -28.48
N LYS B 812 29.72 19.41 -28.46
CA LYS B 812 30.98 20.02 -28.13
C LYS B 812 31.41 19.74 -26.68
N THR B 813 32.57 19.11 -26.52
CA THR B 813 33.21 18.88 -25.24
C THR B 813 33.37 20.19 -24.48
N ALA B 814 33.10 20.16 -23.18
CA ALA B 814 33.24 21.33 -22.31
C ALA B 814 34.26 21.06 -21.24
N LYS B 815 34.91 22.15 -20.81
CA LYS B 815 35.98 22.09 -19.82
C LYS B 815 35.83 23.23 -18.81
N THR B 816 36.14 22.92 -17.55
CA THR B 816 36.25 23.94 -16.52
C THR B 816 37.28 23.51 -15.48
N THR B 817 37.84 24.49 -14.79
CA THR B 817 38.90 24.29 -13.80
C THR B 817 38.41 24.77 -12.43
N ILE B 818 38.67 23.97 -11.39
CA ILE B 818 38.40 24.35 -9.99
C ILE B 818 39.74 24.59 -9.29
N ASN B 819 39.87 25.73 -8.64
CA ASN B 819 41.09 26.05 -7.89
C ASN B 819 40.95 25.60 -6.44
N VAL B 820 41.91 24.82 -5.97
CA VAL B 820 41.90 24.25 -4.63
C VAL B 820 42.97 24.96 -3.78
N GLU B 821 42.59 25.36 -2.57
CA GLU B 821 43.34 26.29 -1.72
C GLU B 821 43.41 25.81 -0.27
N LEU B 822 44.09 26.59 0.59
CA LEU B 822 44.15 26.38 2.05
C LEU B 822 44.80 25.06 2.40
#